data_9BBA
#
_entry.id   9BBA
#
_cell.length_a   156.897
_cell.length_b   54.565
_cell.length_c   159.287
_cell.angle_alpha   90.00
_cell.angle_beta   113.77
_cell.angle_gamma   90.00
#
_symmetry.space_group_name_H-M   'P 1 21 1'
#
loop_
_entity.id
_entity.type
_entity.pdbx_description
1 polymer 'S1_8C sulfatase'
2 non-polymer 'CALCIUM ION'
3 non-polymer 1,2-ETHANEDIOL
4 non-polymer 'CHLORIDE ION'
5 water water
#
_entity_poly.entity_id   1
_entity_poly.type   'polypeptide(L)'
_entity_poly.pdbx_seq_one_letter_code
;MGSSHHHHHHSSGLVPRGSHMASESYAISNDGSPTSKKTIKKRPNFVWLVSEDNSKRYLKLYNAKGAEMPNIESLAKQGL
VFNNAFSNSPVSSTARTTLALGAYPAKLAMEYHRPFERINLPRELSTISDYLTKAGYYTSNDAKEDYNFVSPENNWSSSK
KGASWHNRKAGQPFFHMQTWKTTHEGKLHFPESDIENLSTIHNPNSVELDPIHPNTELFRYTYARYLDLHKKVDKEMGVV
INQLKEEGLLEDTFIFYFGDHGGVLPGSKGFVSERGLNVPLVVRVPKNFRHLLHKDLQAKLSTRVDGVISFIDFAPTLLE
LAGLPKSKLQDGESFLSKNLSLDDLNKRNTNFSFADRFDEKYDMVRGFRKGKYKYIRNYLPFNPDGLFSSYRYKQAAYRE
WKHLFKANKLNSVQSAFFKRKPLEALYDLEQDPFETKNLALLPQYTEQVIKMRAGLQKKLQSMPDLAFYPESYLVDIAKD
DPIIFSLKHKNDIARFINIIDMSLQPFEQVKNKLKAVLLSNEQWERYWAMNAVLAFGDKANEFLPIIEKIRQSDINLINR
SRAIQYLALNNGVSPQLELEDLVKQAKDPLTALAILNIATQLHDTLGIAFNIELNKLWKNSIETRGTSMESFHKRTVDGW
FKARMDYLKNI
;
_entity_poly.pdbx_strand_id   A,B,C,D
#
loop_
_chem_comp.id
_chem_comp.type
_chem_comp.name
_chem_comp.formula
CA non-polymer 'CALCIUM ION' 'Ca 2'
CL non-polymer 'CHLORIDE ION' 'Cl -1'
EDO non-polymer 1,2-ETHANEDIOL 'C2 H6 O2'
#
# COMPACT_ATOMS: atom_id res chain seq x y z
N LYS A 42 -43.74 -53.47 -46.60
CA LYS A 42 -42.42 -52.83 -46.49
C LYS A 42 -42.57 -51.33 -46.58
N ARG A 43 -42.17 -50.64 -45.51
CA ARG A 43 -42.17 -49.19 -45.48
C ARG A 43 -40.73 -48.71 -45.39
N PRO A 44 -40.41 -47.58 -46.05
CA PRO A 44 -39.04 -47.06 -46.07
C PRO A 44 -38.66 -46.41 -44.75
N ASN A 45 -37.36 -46.37 -44.46
CA ASN A 45 -36.85 -45.62 -43.32
C ASN A 45 -36.59 -44.16 -43.72
N PHE A 46 -36.43 -43.29 -42.73
CA PHE A 46 -36.05 -41.93 -43.02
C PHE A 46 -34.89 -41.50 -42.12
N VAL A 47 -33.95 -40.76 -42.71
CA VAL A 47 -32.89 -40.14 -41.91
C VAL A 47 -32.76 -38.64 -42.23
N TRP A 48 -32.78 -37.81 -41.20
CA TRP A 48 -32.59 -36.39 -41.38
C TRP A 48 -31.27 -36.00 -40.77
N LEU A 49 -30.33 -35.63 -41.63
CA LEU A 49 -29.00 -35.16 -41.24
C LEU A 49 -29.02 -33.66 -41.37
N VAL A 50 -28.86 -32.97 -40.24
CA VAL A 50 -29.16 -31.56 -40.20
C VAL A 50 -27.98 -30.79 -39.64
N SER A 51 -27.39 -29.93 -40.46
CA SER A 51 -26.35 -29.06 -39.96
C SER A 51 -26.99 -27.72 -39.57
N GLU A 52 -26.42 -27.08 -38.56
CA GLU A 52 -26.94 -25.80 -38.07
C GLU A 52 -26.52 -24.61 -38.89
N ASP A 53 -27.50 -23.73 -39.16
CA ASP A 53 -27.26 -22.35 -39.60
C ASP A 53 -26.63 -22.12 -40.98
N ASN A 54 -26.51 -23.09 -41.86
CA ASN A 54 -25.69 -22.86 -43.04
C ASN A 54 -26.41 -22.82 -44.39
N SER A 55 -26.03 -21.85 -45.22
CA SER A 55 -26.56 -21.67 -46.59
C SER A 55 -25.74 -22.48 -47.59
N LYS A 56 -26.24 -22.57 -48.82
CA LYS A 56 -25.67 -23.49 -49.81
C LYS A 56 -24.39 -22.99 -50.48
N ARG A 57 -24.13 -21.69 -50.43
CA ARG A 57 -22.95 -21.13 -51.10
C ARG A 57 -21.65 -21.67 -50.52
N TYR A 58 -21.71 -22.15 -49.28
CA TYR A 58 -20.51 -22.62 -48.62
C TYR A 58 -20.13 -24.04 -49.00
N LEU A 59 -20.95 -24.67 -49.86
CA LEU A 59 -20.74 -26.05 -50.30
C LEU A 59 -20.27 -26.11 -51.76
N LYS A 60 -19.25 -26.94 -52.02
CA LYS A 60 -18.70 -27.12 -53.37
C LYS A 60 -19.78 -27.70 -54.29
N LEU A 61 -20.67 -28.50 -53.71
CA LEU A 61 -21.80 -29.08 -54.44
C LEU A 61 -22.69 -28.01 -55.12
N TYR A 62 -22.70 -26.80 -54.56
CA TYR A 62 -23.50 -25.73 -55.15
C TYR A 62 -22.67 -24.53 -55.61
N ASN A 63 -21.38 -24.51 -55.27
CA ASN A 63 -20.60 -23.29 -55.45
C ASN A 63 -19.13 -23.63 -55.70
N ALA A 64 -18.57 -23.08 -56.77
CA ALA A 64 -17.21 -23.41 -57.20
C ALA A 64 -16.17 -23.05 -56.15
N LYS A 65 -16.46 -22.03 -55.33
CA LYS A 65 -15.55 -21.68 -54.25
C LYS A 65 -16.04 -22.11 -52.85
N GLY A 66 -16.90 -23.13 -52.80
CA GLY A 66 -17.36 -23.67 -51.53
C GLY A 66 -16.49 -24.83 -51.07
N ALA A 67 -16.82 -25.41 -49.92
CA ALA A 67 -15.97 -26.47 -49.34
C ALA A 67 -16.25 -27.85 -49.96
N GLU A 68 -15.20 -28.62 -50.21
CA GLU A 68 -15.36 -30.01 -50.62
C GLU A 68 -15.98 -30.83 -49.49
N MET A 69 -16.99 -31.62 -49.81
CA MET A 69 -17.64 -32.43 -48.79
C MET A 69 -17.92 -33.82 -49.38
N PRO A 70 -16.91 -34.68 -49.34
CA PRO A 70 -16.97 -36.01 -49.96
C PRO A 70 -18.14 -36.88 -49.49
N ASN A 71 -18.49 -36.82 -48.22
CA ASN A 71 -19.58 -37.68 -47.77
C ASN A 71 -20.94 -37.23 -48.27
N ILE A 72 -21.25 -35.95 -48.11
CA ILE A 72 -22.48 -35.42 -48.65
C ILE A 72 -22.49 -35.50 -50.20
N GLU A 73 -21.35 -35.24 -50.84
CA GLU A 73 -21.26 -35.39 -52.31
C GLU A 73 -21.47 -36.84 -52.72
N SER A 74 -21.07 -37.76 -51.85
CA SER A 74 -21.35 -39.17 -52.11
C SER A 74 -22.85 -39.48 -52.03
N LEU A 75 -23.55 -38.83 -51.09
CA LEU A 75 -25.00 -38.98 -51.00
C LEU A 75 -25.66 -38.53 -52.28
N ALA A 76 -25.15 -37.44 -52.83
CA ALA A 76 -25.74 -36.84 -54.01
C ALA A 76 -25.62 -37.74 -55.24
N LYS A 77 -24.65 -38.66 -55.24
CA LYS A 77 -24.40 -39.50 -56.41
C LYS A 77 -25.62 -40.35 -56.77
N GLN A 78 -26.36 -40.79 -55.75
CA GLN A 78 -27.61 -41.50 -55.99
C GLN A 78 -28.72 -40.68 -55.38
N GLY A 79 -28.68 -39.37 -55.64
CA GLY A 79 -29.56 -38.49 -54.92
C GLY A 79 -30.14 -37.34 -55.70
N LEU A 80 -31.18 -36.74 -55.13
CA LEU A 80 -31.75 -35.51 -55.68
C LEU A 80 -31.03 -34.37 -55.01
N VAL A 81 -30.52 -33.43 -55.82
CA VAL A 81 -29.84 -32.27 -55.27
C VAL A 81 -30.70 -31.05 -55.52
N PHE A 82 -31.17 -30.42 -54.47
CA PHE A 82 -32.09 -29.30 -54.61
C PHE A 82 -31.36 -27.96 -54.62
N ASN A 83 -31.50 -27.21 -55.72
CA ASN A 83 -30.87 -25.90 -55.83
C ASN A 83 -31.65 -24.77 -55.17
N ASN A 84 -32.92 -25.01 -54.87
CA ASN A 84 -33.77 -23.95 -54.33
C ASN A 84 -34.63 -24.42 -53.16
N ALA A 85 -33.98 -24.94 -52.13
CA ALA A 85 -34.65 -25.27 -50.88
C ALA A 85 -34.52 -24.08 -49.91
N PHE A 86 -35.60 -23.77 -49.21
CA PHE A 86 -35.67 -22.60 -48.32
C PHE A 86 -36.45 -22.93 -47.04
N SER A 87 -36.01 -22.40 -45.90
CA SER A 87 -36.86 -22.43 -44.73
C SER A 87 -37.87 -21.27 -44.85
N ASN A 88 -38.85 -21.25 -43.95
CA ASN A 88 -39.86 -20.21 -43.97
C ASN A 88 -39.55 -19.15 -42.93
N SER A 89 -38.40 -19.27 -42.29
CA SER A 89 -38.00 -18.27 -41.30
C SER A 89 -36.52 -18.46 -41.01
N PRO A 90 -35.84 -17.41 -40.50
CA PRO A 90 -34.37 -17.42 -40.51
C PRO A 90 -33.71 -17.69 -39.15
N VAL A 91 -34.22 -18.64 -38.40
CA VAL A 91 -33.64 -18.97 -37.10
C VAL A 91 -34.16 -20.33 -36.63
N SER A 92 -33.41 -20.91 -35.70
CA SER A 92 -33.56 -22.29 -35.31
C SER A 92 -34.98 -22.71 -34.83
N SER A 93 -35.49 -22.12 -33.76
CA SER A 93 -36.73 -22.63 -33.19
C SER A 93 -37.93 -22.51 -34.14
N THR A 94 -38.05 -21.41 -34.87
CA THR A 94 -39.18 -21.25 -35.78
C THR A 94 -39.00 -22.15 -37.02
N ALA A 95 -37.77 -22.33 -37.48
CA ALA A 95 -37.52 -23.23 -38.60
C ALA A 95 -37.76 -24.71 -38.23
N ARG A 96 -37.21 -25.13 -37.09
CA ARG A 96 -37.42 -26.50 -36.59
C ARG A 96 -38.90 -26.78 -36.37
N THR A 97 -39.61 -25.80 -35.83
CA THR A 97 -41.05 -25.92 -35.61
C THR A 97 -41.76 -26.17 -36.94
N THR A 98 -41.42 -25.38 -37.95
CA THR A 98 -41.95 -25.55 -39.32
C THR A 98 -41.68 -26.95 -39.87
N LEU A 99 -40.43 -27.41 -39.76
CA LEU A 99 -40.07 -28.76 -40.19
C LEU A 99 -40.96 -29.85 -39.58
N ALA A 100 -41.19 -29.76 -38.27
CA ALA A 100 -41.93 -30.80 -37.55
C ALA A 100 -43.41 -30.84 -37.96
N LEU A 101 -44.01 -29.66 -38.07
CA LEU A 101 -45.45 -29.50 -38.21
C LEU A 101 -45.97 -29.47 -39.65
N GLY A 102 -45.12 -29.11 -40.60
CA GLY A 102 -45.58 -28.99 -41.98
C GLY A 102 -46.50 -27.78 -42.12
N ALA A 103 -46.35 -26.82 -41.22
CA ALA A 103 -47.29 -25.72 -41.11
C ALA A 103 -46.55 -24.44 -40.72
N TYR A 104 -47.13 -23.31 -41.07
CA TYR A 104 -46.56 -22.00 -40.74
C TYR A 104 -46.66 -21.73 -39.24
N PRO A 105 -45.52 -21.48 -38.59
CA PRO A 105 -45.57 -21.00 -37.20
C PRO A 105 -46.40 -19.73 -36.97
N ALA A 106 -46.38 -18.78 -37.91
CA ALA A 106 -47.04 -17.50 -37.65
C ALA A 106 -48.53 -17.65 -37.44
N LYS A 107 -49.14 -18.70 -38.02
CA LYS A 107 -50.58 -18.91 -37.85
C LYS A 107 -50.89 -19.65 -36.57
N LEU A 108 -49.85 -20.08 -35.83
CA LEU A 108 -50.05 -20.87 -34.60
C LEU A 108 -49.44 -20.21 -33.36
N ALA A 109 -49.09 -18.93 -33.50
CA ALA A 109 -48.47 -18.14 -32.43
C ALA A 109 -47.11 -18.69 -32.01
N MET A 110 -46.38 -19.28 -32.97
CA MET A 110 -45.06 -19.89 -32.69
C MET A 110 -43.91 -19.20 -33.42
N GLU A 111 -44.05 -17.90 -33.69
CA GLU A 111 -43.04 -17.19 -34.47
C GLU A 111 -42.00 -16.48 -33.62
N TYR A 112 -41.82 -16.89 -32.37
CA TYR A 112 -41.02 -16.11 -31.43
C TYR A 112 -39.87 -16.94 -30.87
N HIS A 113 -38.65 -16.55 -31.26
CA HIS A 113 -37.41 -17.22 -30.88
C HIS A 113 -36.62 -16.53 -29.77
N ARG A 114 -36.33 -17.23 -28.67
CA ARG A 114 -36.96 -18.49 -28.31
C ARG A 114 -38.28 -18.14 -27.62
N PRO A 115 -39.20 -19.11 -27.52
CA PRO A 115 -40.53 -18.77 -27.04
C PRO A 115 -40.59 -18.37 -25.58
N PHE A 116 -41.47 -17.42 -25.29
CA PHE A 116 -41.81 -17.08 -23.91
C PHE A 116 -42.87 -18.08 -23.39
N GLU A 117 -43.83 -18.44 -24.24
CA GLU A 117 -44.79 -19.51 -23.96
C GLU A 117 -44.86 -20.48 -25.12
N ARG A 118 -44.62 -21.77 -24.87
CA ARG A 118 -44.82 -22.77 -25.91
C ARG A 118 -46.31 -22.97 -26.13
N ILE A 119 -46.69 -23.32 -27.35
CA ILE A 119 -48.11 -23.35 -27.69
C ILE A 119 -48.65 -24.78 -27.84
N ASN A 120 -49.80 -25.04 -27.22
CA ASN A 120 -50.43 -26.36 -27.33
C ASN A 120 -51.01 -26.58 -28.72
N LEU A 121 -50.71 -27.73 -29.30
CA LEU A 121 -51.08 -28.03 -30.68
C LEU A 121 -52.56 -28.27 -30.83
N PRO A 122 -53.13 -27.88 -31.98
CA PRO A 122 -54.55 -28.16 -32.24
C PRO A 122 -54.75 -29.62 -32.59
N ARG A 123 -55.97 -30.11 -32.44
CA ARG A 123 -56.28 -31.53 -32.56
C ARG A 123 -55.81 -32.18 -33.88
N GLU A 124 -56.02 -31.49 -35.00
CA GLU A 124 -55.73 -32.09 -36.30
C GLU A 124 -54.30 -31.83 -36.82
N LEU A 125 -53.42 -31.41 -35.93
CA LEU A 125 -52.06 -31.10 -36.32
C LEU A 125 -51.07 -31.59 -35.27
N SER A 126 -50.11 -32.40 -35.72
CA SER A 126 -49.06 -32.84 -34.85
C SER A 126 -47.74 -32.88 -35.63
N THR A 127 -46.70 -33.33 -34.95
CA THR A 127 -45.37 -33.42 -35.54
C THR A 127 -45.21 -34.68 -36.38
N ILE A 128 -44.25 -34.68 -37.29
CA ILE A 128 -44.05 -35.84 -38.14
C ILE A 128 -43.48 -37.02 -37.32
N SER A 129 -42.70 -36.73 -36.29
CA SER A 129 -42.20 -37.79 -35.44
C SER A 129 -43.37 -38.42 -34.66
N ASP A 130 -44.32 -37.60 -34.20
CA ASP A 130 -45.48 -38.14 -33.49
C ASP A 130 -46.33 -39.04 -34.42
N TYR A 131 -46.59 -38.56 -35.63
CA TYR A 131 -47.35 -39.31 -36.63
C TYR A 131 -46.67 -40.63 -36.99
N LEU A 132 -45.36 -40.59 -37.21
CA LEU A 132 -44.64 -41.80 -37.57
C LEU A 132 -44.61 -42.79 -36.41
N THR A 133 -44.40 -42.29 -35.19
CA THR A 133 -44.42 -43.16 -34.00
C THR A 133 -45.76 -43.84 -33.83
N LYS A 134 -46.86 -43.08 -33.98
CA LYS A 134 -48.21 -43.66 -33.90
C LYS A 134 -48.43 -44.72 -34.97
N ALA A 135 -47.79 -44.54 -36.12
CA ALA A 135 -47.90 -45.49 -37.21
C ALA A 135 -46.94 -46.69 -37.05
N GLY A 136 -46.16 -46.73 -35.96
CA GLY A 136 -45.33 -47.89 -35.71
C GLY A 136 -43.84 -47.78 -36.07
N TYR A 137 -43.41 -46.60 -36.49
CA TYR A 137 -41.99 -46.34 -36.69
C TYR A 137 -41.27 -46.24 -35.36
N TYR A 138 -40.00 -46.63 -35.35
CA TYR A 138 -39.12 -46.29 -34.25
C TYR A 138 -38.51 -44.93 -34.56
N THR A 139 -38.73 -43.96 -33.69
CA THR A 139 -38.33 -42.59 -33.97
C THR A 139 -37.30 -42.12 -32.94
N SER A 140 -36.11 -41.75 -33.42
CA SER A 140 -35.03 -41.28 -32.55
C SER A 140 -34.55 -39.91 -33.00
N ASN A 141 -34.29 -39.04 -32.02
CA ASN A 141 -33.82 -37.68 -32.28
C ASN A 141 -32.58 -37.40 -31.44
N ASP A 142 -31.50 -36.95 -32.07
CA ASP A 142 -30.25 -36.69 -31.34
C ASP A 142 -29.61 -35.33 -31.68
N ALA A 143 -29.91 -34.28 -30.91
CA ALA A 143 -30.79 -34.33 -29.75
C ALA A 143 -31.57 -33.03 -29.68
N LYS A 144 -31.20 -32.09 -30.54
CA LYS A 144 -31.84 -30.78 -30.51
C LYS A 144 -33.32 -30.90 -30.89
N GLU A 145 -34.15 -30.17 -30.15
CA GLU A 145 -35.56 -30.06 -30.48
C GLU A 145 -35.85 -28.61 -30.86
N ASP A 146 -35.83 -27.72 -29.86
CA ASP A 146 -36.06 -26.30 -30.08
C ASP A 146 -37.46 -26.05 -30.67
N TYR A 147 -38.46 -26.75 -30.13
CA TYR A 147 -39.84 -26.61 -30.59
C TYR A 147 -40.55 -25.43 -29.92
N ASN A 148 -41.44 -24.77 -30.65
CA ASN A 148 -42.19 -23.68 -30.06
C ASN A 148 -43.60 -24.13 -29.71
N PHE A 149 -43.85 -25.42 -29.90
CA PHE A 149 -45.08 -26.04 -29.42
C PHE A 149 -44.76 -26.88 -28.18
N VAL A 150 -45.76 -27.05 -27.31
CA VAL A 150 -45.70 -28.05 -26.24
C VAL A 150 -45.57 -29.44 -26.87
N SER A 151 -44.58 -30.22 -26.46
CA SER A 151 -44.34 -31.53 -27.06
C SER A 151 -45.52 -32.47 -26.89
N PRO A 152 -45.88 -33.15 -27.98
CA PRO A 152 -46.88 -34.23 -27.85
C PRO A 152 -46.31 -35.35 -26.97
N GLU A 153 -47.17 -36.00 -26.21
CA GLU A 153 -46.80 -37.16 -25.43
C GLU A 153 -46.21 -38.20 -26.37
N ASN A 154 -45.15 -38.89 -25.94
CA ASN A 154 -44.49 -39.90 -26.77
C ASN A 154 -44.06 -39.35 -28.14
N ASN A 155 -43.58 -38.10 -28.15
CA ASN A 155 -43.26 -37.42 -29.39
C ASN A 155 -42.24 -38.19 -30.20
N TRP A 156 -41.29 -38.79 -29.51
CA TRP A 156 -40.27 -39.63 -30.11
C TRP A 156 -40.20 -40.93 -29.33
N SER A 157 -39.76 -42.00 -29.96
CA SER A 157 -39.39 -43.21 -29.21
C SER A 157 -38.26 -42.83 -28.25
N SER A 158 -37.34 -41.99 -28.70
CA SER A 158 -36.29 -41.46 -27.84
C SER A 158 -35.72 -40.14 -28.37
N SER A 159 -35.79 -39.10 -27.55
CA SER A 159 -35.14 -37.85 -27.91
C SER A 159 -34.12 -37.47 -26.84
N LYS A 160 -32.86 -37.83 -27.09
CA LYS A 160 -31.75 -37.50 -26.20
C LYS A 160 -30.40 -37.78 -26.87
N LYS A 161 -29.34 -37.28 -26.25
CA LYS A 161 -27.97 -37.60 -26.65
C LYS A 161 -27.81 -39.11 -26.83
N GLY A 162 -27.39 -39.53 -28.02
CA GLY A 162 -27.11 -40.94 -28.26
C GLY A 162 -28.28 -41.75 -28.79
N ALA A 163 -29.47 -41.15 -28.82
CA ALA A 163 -30.63 -41.80 -29.40
C ALA A 163 -30.32 -42.26 -30.84
N SER A 164 -30.76 -43.45 -31.19
CA SER A 164 -30.29 -44.15 -32.38
C SER A 164 -31.32 -45.10 -32.97
N TRP A 165 -31.26 -45.29 -34.28
CA TRP A 165 -32.08 -46.27 -34.98
C TRP A 165 -31.73 -47.68 -34.53
N HIS A 166 -30.53 -47.84 -33.96
CA HIS A 166 -30.07 -49.14 -33.45
C HIS A 166 -31.04 -49.76 -32.47
N ASN A 167 -31.77 -48.92 -31.73
CA ASN A 167 -32.61 -49.40 -30.64
C ASN A 167 -34.00 -49.82 -31.07
N ARG A 168 -34.27 -49.67 -32.37
CA ARG A 168 -35.51 -50.17 -32.95
C ARG A 168 -35.66 -51.67 -32.72
N LYS A 169 -36.86 -52.19 -32.95
CA LYS A 169 -37.09 -53.64 -32.90
C LYS A 169 -36.76 -54.19 -34.27
N ALA A 170 -36.34 -55.46 -34.33
CA ALA A 170 -35.98 -56.06 -35.61
C ALA A 170 -37.11 -55.90 -36.63
N GLY A 171 -36.75 -55.43 -37.82
CA GLY A 171 -37.71 -55.22 -38.88
C GLY A 171 -38.58 -53.98 -38.75
N GLN A 172 -38.42 -53.22 -37.67
CA GLN A 172 -39.24 -52.01 -37.48
C GLN A 172 -38.74 -50.86 -38.37
N PRO A 173 -39.63 -50.24 -39.13
CA PRO A 173 -39.15 -49.09 -39.91
C PRO A 173 -38.74 -47.97 -38.96
N PHE A 174 -37.76 -47.15 -39.34
CA PHE A 174 -37.28 -46.14 -38.41
C PHE A 174 -37.19 -44.78 -39.07
N PHE A 175 -37.25 -43.76 -38.23
CA PHE A 175 -37.02 -42.38 -38.58
C PHE A 175 -35.98 -41.82 -37.61
N HIS A 176 -34.79 -41.56 -38.11
CA HIS A 176 -33.73 -40.99 -37.27
C HIS A 176 -33.46 -39.55 -37.65
N MET A 177 -33.45 -38.65 -36.66
CA MET A 177 -33.06 -37.27 -36.88
C MET A 177 -31.83 -36.94 -36.05
N GLN A 178 -30.86 -36.27 -36.64
CA GLN A 178 -29.65 -35.92 -35.92
C GLN A 178 -29.16 -34.51 -36.29
N THR A 179 -28.74 -33.75 -35.28
CA THR A 179 -28.26 -32.39 -35.50
C THR A 179 -26.76 -32.29 -35.25
N TRP A 180 -26.05 -31.66 -36.19
CA TRP A 180 -24.66 -31.30 -35.96
C TRP A 180 -24.53 -29.79 -35.78
N LYS A 181 -23.90 -29.36 -34.69
CA LYS A 181 -23.77 -27.95 -34.37
C LYS A 181 -22.44 -27.36 -34.87
N THR A 182 -21.71 -28.14 -35.64
CA THR A 182 -20.40 -27.72 -36.12
C THR A 182 -20.46 -26.38 -36.87
N THR A 183 -21.57 -26.16 -37.58
CA THR A 183 -21.73 -24.95 -38.40
C THR A 183 -22.57 -23.85 -37.73
N HIS A 184 -22.89 -24.05 -36.44
CA HIS A 184 -23.69 -23.07 -35.71
C HIS A 184 -23.03 -21.67 -35.62
N GLU A 185 -23.86 -20.63 -35.57
CA GLU A 185 -23.42 -19.22 -35.41
C GLU A 185 -22.39 -19.02 -34.31
N GLY A 186 -22.59 -19.73 -33.21
CA GLY A 186 -21.65 -19.70 -32.10
C GLY A 186 -20.21 -20.01 -32.48
N LYS A 187 -20.00 -20.76 -33.56
CA LYS A 187 -18.62 -21.06 -33.97
C LYS A 187 -17.93 -19.88 -34.65
N LEU A 188 -18.65 -18.79 -34.91
CA LEU A 188 -18.04 -17.60 -35.51
C LEU A 188 -17.97 -16.48 -34.50
N HIS A 189 -18.05 -16.83 -33.22
CA HIS A 189 -17.89 -15.84 -32.16
C HIS A 189 -16.46 -15.79 -31.61
N PHE A 190 -15.49 -16.17 -32.42
CA PHE A 190 -14.07 -16.12 -32.05
C PHE A 190 -13.54 -14.69 -31.92
N PRO A 191 -12.48 -14.49 -31.11
CA PRO A 191 -11.82 -13.16 -31.02
C PRO A 191 -11.15 -12.76 -32.33
N GLU A 192 -11.09 -11.46 -32.59
CA GLU A 192 -10.55 -10.95 -33.84
C GLU A 192 -9.08 -11.35 -33.99
N SER A 193 -8.40 -11.50 -32.87
CA SER A 193 -6.99 -11.87 -32.82
C SER A 193 -6.72 -13.26 -33.39
N ASP A 194 -7.78 -14.03 -33.62
CA ASP A 194 -7.64 -15.34 -34.24
C ASP A 194 -7.08 -15.23 -35.64
N ILE A 195 -7.34 -14.08 -36.28
CA ILE A 195 -6.78 -13.80 -37.59
C ILE A 195 -5.30 -14.13 -37.70
N GLU A 196 -4.55 -13.81 -36.63
CA GLU A 196 -3.11 -14.05 -36.58
C GLU A 196 -2.72 -15.31 -35.79
N ASN A 197 -3.61 -15.77 -34.92
CA ASN A 197 -3.29 -16.88 -34.01
C ASN A 197 -3.76 -18.27 -34.44
N LEU A 198 -4.75 -18.32 -35.33
CA LEU A 198 -5.30 -19.58 -35.78
C LEU A 198 -5.44 -19.59 -37.29
N SER A 199 -4.74 -20.48 -37.97
CA SER A 199 -4.83 -20.48 -39.42
C SER A 199 -6.04 -21.29 -39.87
N THR A 200 -6.60 -20.88 -41.00
CA THR A 200 -7.70 -21.59 -41.62
C THR A 200 -7.16 -22.57 -42.65
N ILE A 201 -7.89 -23.66 -42.88
CA ILE A 201 -7.53 -24.57 -43.95
C ILE A 201 -7.79 -23.90 -45.28
N HIS A 202 -8.94 -23.25 -45.40
CA HIS A 202 -9.27 -22.52 -46.64
C HIS A 202 -8.56 -21.18 -46.67
N ASN A 203 -8.20 -20.76 -47.86
CA ASN A 203 -7.43 -19.54 -48.08
C ASN A 203 -8.33 -18.31 -48.13
N PRO A 204 -8.26 -17.44 -47.11
CA PRO A 204 -9.16 -16.28 -47.12
C PRO A 204 -8.93 -15.35 -48.32
N ASN A 205 -7.75 -15.36 -48.93
CA ASN A 205 -7.46 -14.46 -50.06
C ASN A 205 -8.26 -14.81 -51.31
N SER A 206 -8.73 -16.05 -51.39
CA SER A 206 -9.50 -16.46 -52.55
C SER A 206 -11.00 -16.26 -52.35
N VAL A 207 -11.39 -15.71 -51.22
CA VAL A 207 -12.80 -15.55 -50.89
C VAL A 207 -13.46 -14.47 -51.75
N GLU A 208 -14.64 -14.80 -52.27
CA GLU A 208 -15.48 -13.84 -52.98
C GLU A 208 -16.68 -13.48 -52.10
N LEU A 209 -16.65 -12.28 -51.54
CA LEU A 209 -17.59 -11.87 -50.51
C LEU A 209 -18.97 -11.49 -51.03
N ASP A 210 -19.98 -11.70 -50.18
CA ASP A 210 -21.30 -11.12 -50.39
C ASP A 210 -21.15 -9.62 -50.68
N PRO A 211 -21.83 -9.10 -51.70
CA PRO A 211 -21.82 -7.66 -52.05
C PRO A 211 -22.15 -6.72 -50.89
N ILE A 212 -22.94 -7.15 -49.91
CA ILE A 212 -23.27 -6.23 -48.82
C ILE A 212 -22.18 -6.15 -47.74
N HIS A 213 -21.14 -6.97 -47.88
CA HIS A 213 -20.08 -7.02 -46.86
C HIS A 213 -18.93 -6.11 -47.20
N PRO A 214 -18.29 -5.51 -46.19
CA PRO A 214 -17.08 -4.75 -46.50
C PRO A 214 -15.96 -5.73 -46.84
N ASN A 215 -15.13 -5.39 -47.80
CA ASN A 215 -14.05 -6.29 -48.18
C ASN A 215 -12.86 -6.13 -47.24
N THR A 216 -12.92 -6.80 -46.08
CA THR A 216 -11.90 -6.65 -45.04
C THR A 216 -11.24 -7.98 -44.68
N GLU A 217 -10.07 -7.90 -44.05
CA GLU A 217 -9.35 -9.12 -43.71
C GLU A 217 -10.20 -10.00 -42.79
N LEU A 218 -10.80 -9.37 -41.78
CA LEU A 218 -11.67 -10.06 -40.83
C LEU A 218 -12.84 -10.78 -41.52
N PHE A 219 -13.46 -10.13 -42.50
CA PHE A 219 -14.59 -10.75 -43.17
C PHE A 219 -14.16 -11.92 -44.02
N ARG A 220 -13.06 -11.76 -44.76
CA ARG A 220 -12.56 -12.86 -45.57
C ARG A 220 -12.08 -13.98 -44.64
N TYR A 221 -11.56 -13.62 -43.47
CA TYR A 221 -11.12 -14.64 -42.53
C TYR A 221 -12.30 -15.43 -41.99
N THR A 222 -13.37 -14.71 -41.65
CA THR A 222 -14.55 -15.29 -41.02
C THR A 222 -15.17 -16.29 -41.98
N TYR A 223 -15.21 -15.89 -43.26
CA TYR A 223 -15.71 -16.72 -44.34
C TYR A 223 -14.95 -18.04 -44.43
N ALA A 224 -13.63 -17.94 -44.40
CA ALA A 224 -12.77 -19.11 -44.50
C ALA A 224 -12.95 -20.02 -43.30
N ARG A 225 -13.13 -19.44 -42.11
CA ARG A 225 -13.44 -20.23 -40.91
C ARG A 225 -14.73 -21.02 -41.10
N TYR A 226 -15.70 -20.44 -41.80
CA TYR A 226 -16.99 -21.11 -42.00
C TYR A 226 -16.86 -22.22 -43.05
N LEU A 227 -16.02 -22.00 -44.06
CA LEU A 227 -15.69 -23.06 -45.02
C LEU A 227 -15.01 -24.23 -44.33
N ASP A 228 -14.11 -23.92 -43.39
CA ASP A 228 -13.44 -24.95 -42.60
C ASP A 228 -14.42 -25.79 -41.80
N LEU A 229 -15.44 -25.14 -41.24
CA LEU A 229 -16.43 -25.87 -40.45
C LEU A 229 -17.26 -26.82 -41.33
N HIS A 230 -17.39 -26.50 -42.62
CA HIS A 230 -18.15 -27.39 -43.52
C HIS A 230 -17.39 -28.68 -43.85
N LYS A 231 -16.10 -28.54 -44.13
CA LYS A 231 -15.24 -29.71 -44.22
C LYS A 231 -15.38 -30.57 -42.96
N LYS A 232 -15.36 -29.93 -41.79
CA LYS A 232 -15.42 -30.70 -40.56
C LYS A 232 -16.76 -31.44 -40.40
N VAL A 233 -17.88 -30.74 -40.61
CA VAL A 233 -19.20 -31.36 -40.36
C VAL A 233 -19.47 -32.49 -41.36
N ASP A 234 -18.87 -32.41 -42.54
CA ASP A 234 -19.03 -33.46 -43.52
C ASP A 234 -18.40 -34.76 -43.01
N LYS A 235 -17.24 -34.61 -42.39
CA LYS A 235 -16.54 -35.74 -41.79
C LYS A 235 -17.45 -36.38 -40.72
N GLU A 236 -17.94 -35.54 -39.80
CA GLU A 236 -18.77 -36.04 -38.71
C GLU A 236 -20.03 -36.76 -39.20
N MET A 237 -20.65 -36.22 -40.24
CA MET A 237 -21.86 -36.83 -40.77
C MET A 237 -21.57 -38.13 -41.50
N GLY A 238 -20.34 -38.26 -42.01
CA GLY A 238 -19.90 -39.50 -42.63
C GLY A 238 -19.96 -40.67 -41.66
N VAL A 239 -19.65 -40.41 -40.39
CA VAL A 239 -19.74 -41.44 -39.36
C VAL A 239 -21.11 -42.14 -39.40
N VAL A 240 -22.16 -41.33 -39.44
CA VAL A 240 -23.51 -41.88 -39.46
C VAL A 240 -23.83 -42.51 -40.80
N ILE A 241 -23.48 -41.84 -41.89
CA ILE A 241 -23.77 -42.43 -43.19
C ILE A 241 -23.04 -43.78 -43.34
N ASN A 242 -21.80 -43.85 -42.86
CA ASN A 242 -21.03 -45.08 -42.99
C ASN A 242 -21.58 -46.23 -42.16
N GLN A 243 -22.23 -45.92 -41.04
CA GLN A 243 -22.89 -46.97 -40.25
C GLN A 243 -24.08 -47.55 -41.01
N LEU A 244 -24.88 -46.67 -41.63
CA LEU A 244 -26.01 -47.14 -42.43
C LEU A 244 -25.49 -48.02 -43.56
N LYS A 245 -24.34 -47.67 -44.13
CA LYS A 245 -23.73 -48.47 -45.19
C LYS A 245 -23.31 -49.84 -44.67
N GLU A 246 -22.51 -49.88 -43.60
CA GLU A 246 -22.02 -51.15 -43.04
C GLU A 246 -23.18 -52.07 -42.65
N GLU A 247 -24.26 -51.48 -42.13
CA GLU A 247 -25.43 -52.22 -41.66
C GLU A 247 -26.38 -52.59 -42.79
N GLY A 248 -26.03 -52.19 -44.00
CA GLY A 248 -26.81 -52.55 -45.17
C GLY A 248 -28.18 -51.89 -45.27
N LEU A 249 -28.31 -50.69 -44.69
CA LEU A 249 -29.60 -50.01 -44.64
C LEU A 249 -29.79 -48.95 -45.73
N LEU A 250 -28.74 -48.68 -46.51
CA LEU A 250 -28.76 -47.55 -47.46
C LEU A 250 -29.95 -47.65 -48.42
N GLU A 251 -30.15 -48.84 -48.98
CA GLU A 251 -31.15 -48.98 -50.03
C GLU A 251 -32.57 -49.22 -49.49
N ASP A 252 -32.77 -49.02 -48.20
CA ASP A 252 -34.13 -49.07 -47.62
C ASP A 252 -34.52 -47.73 -47.01
N THR A 253 -33.64 -46.74 -47.17
CA THR A 253 -33.69 -45.54 -46.35
C THR A 253 -33.60 -44.27 -47.19
N PHE A 254 -34.54 -43.34 -47.01
CA PHE A 254 -34.42 -42.02 -47.62
C PHE A 254 -33.53 -41.19 -46.71
N ILE A 255 -32.36 -40.80 -47.20
CA ILE A 255 -31.46 -39.97 -46.40
C ILE A 255 -31.49 -38.50 -46.84
N PHE A 256 -31.98 -37.63 -45.97
CA PHE A 256 -32.01 -36.19 -46.20
C PHE A 256 -30.80 -35.52 -45.56
N TYR A 257 -30.11 -34.64 -46.29
CA TYR A 257 -29.17 -33.72 -45.62
C TYR A 257 -29.59 -32.26 -45.90
N PHE A 258 -29.66 -31.45 -44.87
CA PHE A 258 -29.94 -30.02 -45.08
C PHE A 258 -29.54 -29.12 -43.90
N GLY A 259 -29.48 -27.82 -44.13
CA GLY A 259 -29.21 -26.86 -43.07
C GLY A 259 -30.54 -26.52 -42.42
N ASP A 260 -30.56 -26.11 -41.15
CA ASP A 260 -31.84 -25.91 -40.51
C ASP A 260 -32.39 -24.49 -40.77
N HIS A 261 -31.60 -23.66 -41.47
CA HIS A 261 -32.00 -22.38 -42.09
C HIS A 261 -30.74 -21.70 -42.65
N GLY A 262 -30.91 -20.57 -43.33
CA GLY A 262 -29.79 -19.91 -43.98
C GLY A 262 -28.87 -19.24 -42.98
N GLY A 263 -27.62 -19.03 -43.38
CA GLY A 263 -26.64 -18.39 -42.52
C GLY A 263 -25.21 -18.70 -42.92
N VAL A 264 -24.23 -18.18 -42.16
CA VAL A 264 -24.50 -17.53 -40.90
C VAL A 264 -23.56 -16.32 -40.70
N LEU A 265 -22.92 -15.88 -41.80
CA LEU A 265 -22.18 -14.62 -41.82
C LEU A 265 -23.15 -13.45 -41.67
N PRO A 266 -22.63 -12.22 -41.42
CA PRO A 266 -23.57 -11.13 -41.10
C PRO A 266 -24.67 -10.87 -42.16
N GLY A 267 -25.81 -10.37 -41.69
CA GLY A 267 -26.92 -10.04 -42.55
C GLY A 267 -27.67 -11.24 -43.11
N SER A 268 -27.50 -12.43 -42.50
CA SER A 268 -28.19 -13.63 -42.99
C SER A 268 -29.20 -14.18 -41.96
N LYS A 269 -28.75 -15.11 -41.10
CA LYS A 269 -29.58 -15.63 -40.02
C LYS A 269 -30.21 -14.49 -39.25
N GLY A 270 -31.54 -14.56 -39.06
CA GLY A 270 -32.26 -13.51 -38.38
C GLY A 270 -33.00 -12.55 -39.29
N PHE A 271 -32.88 -12.77 -40.59
CA PHE A 271 -33.51 -11.88 -41.56
C PHE A 271 -34.10 -12.67 -42.73
N VAL A 272 -35.20 -12.17 -43.32
CA VAL A 272 -35.88 -12.92 -44.39
C VAL A 272 -35.40 -12.52 -45.78
N SER A 273 -34.23 -11.87 -45.85
CA SER A 273 -33.44 -11.87 -47.08
C SER A 273 -33.20 -13.33 -47.48
N GLU A 274 -32.93 -13.62 -48.76
CA GLU A 274 -32.65 -15.01 -49.17
C GLU A 274 -31.47 -15.62 -48.40
N ARG A 275 -30.57 -14.77 -47.92
CA ARG A 275 -29.42 -15.21 -47.12
C ARG A 275 -29.85 -15.96 -45.88
N GLY A 276 -30.97 -15.53 -45.31
CA GLY A 276 -31.46 -16.14 -44.08
C GLY A 276 -32.25 -17.42 -44.30
N LEU A 277 -32.60 -17.72 -45.55
CA LEU A 277 -33.55 -18.79 -45.82
C LEU A 277 -33.01 -19.96 -46.68
N ASN A 278 -32.03 -19.70 -47.55
CA ASN A 278 -31.58 -20.73 -48.47
C ASN A 278 -30.66 -21.74 -47.76
N VAL A 279 -30.91 -23.03 -47.99
CA VAL A 279 -30.13 -24.10 -47.41
C VAL A 279 -29.80 -25.17 -48.42
N PRO A 280 -28.67 -25.86 -48.22
CA PRO A 280 -28.42 -27.07 -49.01
C PRO A 280 -29.50 -28.11 -48.75
N LEU A 281 -29.76 -28.99 -49.70
CA LEU A 281 -30.74 -30.07 -49.54
C LEU A 281 -30.44 -31.21 -50.48
N VAL A 282 -30.10 -32.35 -49.90
CA VAL A 282 -29.81 -33.55 -50.69
C VAL A 282 -30.67 -34.69 -50.16
N VAL A 283 -31.29 -35.44 -51.07
CA VAL A 283 -32.02 -36.63 -50.67
C VAL A 283 -31.49 -37.83 -51.46
N ARG A 284 -30.79 -38.73 -50.78
CA ARG A 284 -30.35 -39.95 -51.42
C ARG A 284 -31.52 -40.92 -51.48
N VAL A 285 -31.87 -41.35 -52.69
CA VAL A 285 -33.07 -42.14 -52.93
C VAL A 285 -32.74 -43.64 -52.90
N PRO A 286 -33.30 -44.36 -51.93
CA PRO A 286 -33.01 -45.79 -51.77
C PRO A 286 -33.54 -46.62 -52.93
N LYS A 287 -32.74 -47.58 -53.38
CA LYS A 287 -33.10 -48.40 -54.53
C LYS A 287 -34.39 -49.23 -54.29
N ASN A 288 -34.63 -49.69 -53.05
CA ASN A 288 -35.77 -50.57 -52.83
C ASN A 288 -37.09 -49.83 -52.76
N PHE A 289 -37.04 -48.50 -52.75
CA PHE A 289 -38.27 -47.72 -52.70
C PHE A 289 -38.33 -46.68 -53.80
N ARG A 290 -37.60 -46.92 -54.89
CA ARG A 290 -37.67 -46.07 -56.08
C ARG A 290 -39.09 -46.05 -56.62
N HIS A 291 -39.79 -47.17 -56.47
CA HIS A 291 -41.12 -47.34 -57.03
C HIS A 291 -42.16 -46.41 -56.39
N LEU A 292 -41.79 -45.77 -55.27
CA LEU A 292 -42.68 -44.79 -54.64
C LEU A 292 -42.62 -43.43 -55.36
N LEU A 293 -41.70 -43.29 -56.32
CA LEU A 293 -41.51 -41.98 -56.96
C LEU A 293 -41.63 -42.07 -58.47
N HIS A 294 -42.03 -40.96 -59.08
CA HIS A 294 -41.96 -40.77 -60.52
C HIS A 294 -40.59 -41.14 -61.03
N LYS A 295 -40.52 -41.67 -62.24
CA LYS A 295 -39.24 -42.08 -62.83
C LYS A 295 -38.23 -40.93 -62.86
N ASP A 296 -38.66 -39.72 -63.16
CA ASP A 296 -37.77 -38.53 -63.15
C ASP A 296 -37.05 -38.28 -61.83
N LEU A 297 -37.60 -38.82 -60.73
CA LEU A 297 -37.11 -38.43 -59.42
C LEU A 297 -36.40 -39.57 -58.71
N GLN A 298 -36.26 -40.70 -59.39
CA GLN A 298 -35.68 -41.88 -58.76
C GLN A 298 -34.16 -41.79 -58.53
N ALA A 299 -33.52 -40.80 -59.12
CA ALA A 299 -32.10 -40.53 -58.89
C ALA A 299 -31.17 -41.70 -59.22
N LYS A 300 -31.42 -42.34 -60.36
CA LYS A 300 -30.53 -43.40 -60.83
C LYS A 300 -29.16 -42.83 -61.22
N LEU A 301 -29.18 -41.55 -61.62
CA LEU A 301 -28.00 -40.69 -61.64
C LEU A 301 -28.32 -39.43 -60.83
N SER A 302 -27.30 -38.75 -60.33
CA SER A 302 -27.50 -37.53 -59.55
C SER A 302 -28.35 -36.56 -60.35
N THR A 303 -29.41 -36.05 -59.74
CA THR A 303 -30.38 -35.22 -60.47
C THR A 303 -30.60 -33.89 -59.77
N ARG A 304 -30.48 -32.81 -60.52
CA ARG A 304 -30.75 -31.47 -60.00
C ARG A 304 -32.24 -31.14 -60.05
N VAL A 305 -32.74 -30.52 -58.98
CA VAL A 305 -34.11 -30.01 -58.91
C VAL A 305 -34.04 -28.51 -58.69
N ASP A 306 -34.74 -27.75 -59.52
CA ASP A 306 -34.70 -26.30 -59.45
C ASP A 306 -35.96 -25.67 -58.86
N GLY A 307 -37.04 -26.45 -58.76
CA GLY A 307 -38.27 -25.96 -58.14
C GLY A 307 -38.03 -25.53 -56.69
N VAL A 308 -38.76 -24.51 -56.23
CA VAL A 308 -38.64 -24.03 -54.86
C VAL A 308 -39.28 -24.98 -53.85
N ILE A 309 -38.46 -25.52 -52.97
CA ILE A 309 -38.93 -26.37 -51.87
C ILE A 309 -38.92 -25.57 -50.57
N SER A 310 -39.99 -25.66 -49.78
CA SER A 310 -40.04 -24.92 -48.52
C SER A 310 -40.03 -25.88 -47.32
N PHE A 311 -39.65 -25.38 -46.16
CA PHE A 311 -39.65 -26.23 -44.97
C PHE A 311 -41.06 -26.74 -44.63
N ILE A 312 -42.11 -25.99 -44.97
CA ILE A 312 -43.48 -26.49 -44.74
C ILE A 312 -43.79 -27.78 -45.51
N ASP A 313 -42.98 -28.09 -46.52
CA ASP A 313 -43.22 -29.26 -47.35
C ASP A 313 -42.63 -30.54 -46.80
N PHE A 314 -41.69 -30.42 -45.86
CA PHE A 314 -40.92 -31.58 -45.43
C PHE A 314 -41.80 -32.65 -44.77
N ALA A 315 -42.63 -32.25 -43.80
CA ALA A 315 -43.45 -33.23 -43.10
C ALA A 315 -44.49 -33.90 -44.02
N PRO A 316 -45.25 -33.12 -44.83
CA PRO A 316 -46.13 -33.76 -45.84
C PRO A 316 -45.42 -34.79 -46.74
N THR A 317 -44.14 -34.56 -47.04
CA THR A 317 -43.37 -35.50 -47.85
C THR A 317 -43.14 -36.85 -47.15
N LEU A 318 -42.73 -36.81 -45.89
CA LEU A 318 -42.53 -38.05 -45.13
C LEU A 318 -43.86 -38.78 -44.95
N LEU A 319 -44.94 -38.03 -44.71
CA LEU A 319 -46.24 -38.65 -44.58
C LEU A 319 -46.60 -39.44 -45.84
N GLU A 320 -46.48 -38.81 -47.01
CA GLU A 320 -46.83 -39.48 -48.25
C GLU A 320 -45.99 -40.75 -48.46
N LEU A 321 -44.67 -40.63 -48.27
CA LEU A 321 -43.75 -41.76 -48.47
C LEU A 321 -44.01 -42.92 -47.52
N ALA A 322 -44.54 -42.59 -46.34
CA ALA A 322 -44.87 -43.59 -45.32
C ALA A 322 -46.27 -44.16 -45.53
N GLY A 323 -46.93 -43.74 -46.62
CA GLY A 323 -48.30 -44.10 -46.90
C GLY A 323 -49.36 -43.48 -45.99
N LEU A 324 -49.04 -42.35 -45.37
CA LEU A 324 -49.98 -41.71 -44.44
C LEU A 324 -50.65 -40.49 -45.08
N PRO A 325 -51.91 -40.22 -44.71
CA PRO A 325 -52.61 -39.06 -45.26
C PRO A 325 -52.07 -37.74 -44.68
N LYS A 326 -52.18 -36.68 -45.46
CA LYS A 326 -51.71 -35.36 -45.02
C LYS A 326 -52.54 -34.85 -43.82
N SER A 327 -51.94 -34.06 -42.95
CA SER A 327 -52.70 -33.44 -41.85
C SER A 327 -53.65 -32.39 -42.43
N LYS A 328 -54.87 -32.35 -41.91
CA LYS A 328 -55.90 -31.42 -42.40
C LYS A 328 -55.61 -29.96 -42.06
N LEU A 329 -54.52 -29.72 -41.35
CA LEU A 329 -54.11 -28.36 -41.01
C LEU A 329 -52.69 -28.03 -41.51
N GLN A 330 -52.14 -28.85 -42.38
CA GLN A 330 -50.80 -28.61 -42.88
C GLN A 330 -50.85 -27.64 -44.06
N ASP A 331 -49.81 -26.83 -44.19
CA ASP A 331 -49.74 -25.85 -45.24
C ASP A 331 -48.90 -26.33 -46.43
N GLY A 332 -47.99 -27.26 -46.18
CA GLY A 332 -47.04 -27.68 -47.22
C GLY A 332 -47.58 -28.75 -48.15
N GLU A 333 -46.77 -29.10 -49.16
CA GLU A 333 -47.15 -30.13 -50.11
C GLU A 333 -45.95 -31.00 -50.36
N SER A 334 -46.14 -32.32 -50.36
CA SER A 334 -45.07 -33.28 -50.60
C SER A 334 -44.36 -33.00 -51.92
N PHE A 335 -43.05 -33.17 -51.94
CA PHE A 335 -42.30 -32.99 -53.18
C PHE A 335 -41.73 -34.31 -53.70
N LEU A 336 -42.15 -35.41 -53.07
CA LEU A 336 -41.76 -36.75 -53.53
C LEU A 336 -43.03 -37.56 -53.65
N SER A 337 -43.50 -37.72 -54.88
CA SER A 337 -44.75 -38.42 -55.12
C SER A 337 -44.63 -39.32 -56.34
N LYS A 338 -45.50 -40.33 -56.41
CA LYS A 338 -45.48 -41.26 -57.51
C LYS A 338 -45.83 -40.53 -58.82
N ASN A 339 -46.65 -39.49 -58.74
CA ASN A 339 -47.16 -38.83 -59.94
C ASN A 339 -46.56 -37.45 -60.19
N LEU A 340 -45.50 -37.12 -59.44
CA LEU A 340 -44.85 -35.82 -59.56
C LEU A 340 -43.59 -35.91 -60.40
N SER A 341 -43.64 -35.35 -61.61
CA SER A 341 -42.49 -35.34 -62.52
C SER A 341 -41.51 -34.22 -62.15
N LEU A 342 -40.34 -34.23 -62.78
CA LEU A 342 -39.35 -33.21 -62.50
C LEU A 342 -39.86 -31.87 -62.98
N ASP A 343 -40.46 -31.85 -64.18
CA ASP A 343 -41.10 -30.64 -64.72
C ASP A 343 -42.14 -30.12 -63.75
N ASP A 344 -42.98 -31.01 -63.22
CA ASP A 344 -44.01 -30.59 -62.28
C ASP A 344 -43.34 -29.89 -61.11
N LEU A 345 -42.28 -30.53 -60.61
CA LEU A 345 -41.60 -30.04 -59.43
C LEU A 345 -40.91 -28.72 -59.75
N ASN A 346 -40.40 -28.58 -60.96
CA ASN A 346 -39.64 -27.37 -61.27
C ASN A 346 -40.53 -26.15 -61.50
N LYS A 347 -41.85 -26.35 -61.60
CA LYS A 347 -42.75 -25.21 -61.73
C LYS A 347 -43.01 -24.54 -60.38
N ARG A 348 -42.83 -25.28 -59.28
CA ARG A 348 -43.01 -24.68 -57.96
C ARG A 348 -42.01 -23.53 -57.78
N ASN A 349 -42.49 -22.35 -57.39
CA ASN A 349 -41.62 -21.18 -57.35
C ASN A 349 -42.04 -20.17 -56.28
N THR A 350 -42.56 -20.67 -55.16
CA THR A 350 -43.16 -19.82 -54.12
C THR A 350 -42.64 -20.09 -52.72
N ASN A 351 -42.27 -19.03 -52.01
CA ASN A 351 -41.87 -19.17 -50.62
C ASN A 351 -42.25 -17.93 -49.79
N PHE A 352 -43.02 -18.15 -48.73
CA PHE A 352 -43.36 -17.10 -47.79
C PHE A 352 -42.50 -17.20 -46.54
N SER A 353 -41.95 -16.07 -46.11
CA SER A 353 -41.01 -16.09 -45.01
C SER A 353 -41.40 -15.13 -43.91
N PHE A 354 -40.99 -15.45 -42.69
CA PHE A 354 -41.46 -14.75 -41.51
C PHE A 354 -40.34 -14.41 -40.52
N ALA A 355 -40.36 -13.18 -39.99
CA ALA A 355 -39.41 -12.78 -38.95
C ALA A 355 -40.10 -11.90 -37.93
N ASP A 356 -39.96 -12.24 -36.65
CA ASP A 356 -40.57 -11.45 -35.59
C ASP A 356 -39.56 -11.23 -34.44
N ARG A 357 -39.61 -12.03 -33.38
CA ARG A 357 -38.64 -11.82 -32.31
C ARG A 357 -37.45 -12.78 -32.40
N PHE A 358 -36.25 -12.27 -32.12
CA PHE A 358 -35.05 -13.10 -32.01
C PHE A 358 -34.29 -12.74 -30.74
N ASP A 359 -34.30 -13.66 -29.77
CA ASP A 359 -33.83 -13.37 -28.42
C ASP A 359 -34.53 -12.10 -27.91
N GLU A 360 -33.77 -11.06 -27.56
CA GLU A 360 -34.36 -9.84 -26.99
C GLU A 360 -34.86 -8.87 -28.07
N LYS A 361 -34.56 -9.16 -29.32
CA LYS A 361 -34.74 -8.17 -30.38
C LYS A 361 -35.99 -8.41 -31.24
N TYR A 362 -36.82 -7.39 -31.39
CA TYR A 362 -38.09 -7.47 -32.15
CA TYR A 362 -38.03 -7.54 -32.18
C TYR A 362 -38.00 -6.69 -33.46
N ASP A 363 -38.58 -7.24 -34.53
CA ASP A 363 -38.92 -6.45 -35.72
C ASP A 363 -40.04 -7.23 -36.42
N MET A 364 -40.69 -6.64 -37.41
CA MET A 364 -41.72 -7.40 -38.11
C MET A 364 -41.53 -7.28 -39.60
N VAL A 365 -41.16 -8.40 -40.22
CA VAL A 365 -40.84 -8.43 -41.63
C VAL A 365 -41.48 -9.68 -42.25
N ARG A 366 -42.04 -9.52 -43.44
CA ARG A 366 -42.57 -10.65 -44.21
C ARG A 366 -41.88 -10.71 -45.57
N GLY A 367 -41.47 -11.90 -45.99
CA GLY A 367 -40.86 -12.06 -47.30
C GLY A 367 -41.76 -12.88 -48.20
N PHE A 368 -41.82 -12.53 -49.49
CA PHE A 368 -42.67 -13.21 -50.46
C PHE A 368 -41.88 -13.35 -51.75
N ARG A 369 -41.40 -14.56 -52.03
CA ARG A 369 -40.74 -14.82 -53.31
C ARG A 369 -41.71 -15.58 -54.24
N LYS A 370 -41.79 -15.15 -55.48
CA LYS A 370 -42.66 -15.75 -56.49
C LYS A 370 -41.95 -15.63 -57.85
N GLY A 371 -41.67 -16.76 -58.50
CA GLY A 371 -40.89 -16.76 -59.73
C GLY A 371 -39.55 -16.10 -59.49
N LYS A 372 -39.22 -15.13 -60.35
CA LYS A 372 -37.93 -14.50 -60.29
C LYS A 372 -37.91 -13.28 -59.35
N TYR A 373 -39.04 -12.93 -58.75
CA TYR A 373 -39.11 -11.76 -57.90
C TYR A 373 -39.20 -12.09 -56.41
N LYS A 374 -38.52 -11.25 -55.63
CA LYS A 374 -38.58 -11.32 -54.18
C LYS A 374 -39.16 -10.02 -53.67
N TYR A 375 -40.25 -10.11 -52.92
CA TYR A 375 -40.91 -8.94 -52.37
C TYR A 375 -40.75 -8.93 -50.85
N ILE A 376 -40.39 -7.80 -50.28
CA ILE A 376 -40.16 -7.71 -48.84
C ILE A 376 -41.10 -6.65 -48.27
N ARG A 377 -41.81 -6.96 -47.18
CA ARG A 377 -42.64 -5.94 -46.54
C ARG A 377 -42.10 -5.63 -45.15
N ASN A 378 -41.65 -4.39 -44.95
CA ASN A 378 -41.17 -3.96 -43.66
C ASN A 378 -42.25 -3.19 -42.91
N TYR A 379 -42.95 -3.87 -42.00
CA TYR A 379 -44.09 -3.24 -41.33
C TYR A 379 -43.68 -2.15 -40.34
N LEU A 380 -42.44 -2.25 -39.84
CA LEU A 380 -41.87 -1.28 -38.93
C LEU A 380 -40.53 -0.79 -39.49
N PRO A 381 -40.56 -0.02 -40.59
CA PRO A 381 -39.37 0.36 -41.36
C PRO A 381 -38.37 1.23 -40.58
N PHE A 382 -38.82 1.87 -39.51
CA PHE A 382 -37.95 2.65 -38.65
C PHE A 382 -37.01 1.77 -37.80
N ASN A 383 -37.21 0.45 -37.82
CA ASN A 383 -36.25 -0.48 -37.19
C ASN A 383 -35.19 -0.98 -38.19
N PRO A 384 -33.98 -0.37 -38.21
CA PRO A 384 -32.97 -0.90 -39.14
C PRO A 384 -32.69 -2.39 -38.86
N ASP A 385 -32.24 -3.13 -39.87
CA ASP A 385 -31.90 -4.52 -39.62
C ASP A 385 -30.73 -4.67 -38.63
N GLY A 386 -29.86 -3.65 -38.54
CA GLY A 386 -28.77 -3.67 -37.58
C GLY A 386 -29.15 -3.35 -36.14
N LEU A 387 -30.44 -3.13 -35.88
CA LEU A 387 -30.97 -2.90 -34.53
C LEU A 387 -30.37 -3.91 -33.57
N PHE A 388 -29.77 -3.45 -32.47
CA PHE A 388 -28.86 -4.28 -31.71
C PHE A 388 -29.49 -5.55 -31.17
N SER A 389 -28.77 -6.64 -31.38
CA SER A 389 -29.00 -7.94 -30.77
C SER A 389 -27.68 -8.42 -30.16
N SER A 390 -27.70 -8.84 -28.90
CA SER A 390 -26.46 -9.18 -28.20
C SER A 390 -25.70 -10.33 -28.89
N TYR A 391 -26.44 -11.37 -29.25
CA TYR A 391 -25.82 -12.57 -29.80
C TYR A 391 -25.28 -12.38 -31.23
N ARG A 392 -26.00 -11.63 -32.08
CA ARG A 392 -25.47 -11.31 -33.42
C ARG A 392 -24.11 -10.66 -33.27
N TYR A 393 -24.02 -9.65 -32.39
CA TYR A 393 -22.79 -8.84 -32.35
C TYR A 393 -21.63 -9.49 -31.59
N LYS A 394 -21.82 -10.73 -31.13
CA LYS A 394 -20.70 -11.54 -30.65
C LYS A 394 -19.82 -11.98 -31.82
N GLN A 395 -20.30 -11.81 -33.05
CA GLN A 395 -19.45 -12.10 -34.22
C GLN A 395 -18.67 -10.84 -34.57
N ALA A 396 -17.34 -10.93 -34.60
CA ALA A 396 -16.51 -9.73 -34.73
C ALA A 396 -16.75 -9.01 -36.05
N ALA A 397 -17.03 -9.79 -37.10
CA ALA A 397 -17.39 -9.20 -38.39
C ALA A 397 -18.61 -8.27 -38.25
N TYR A 398 -19.60 -8.72 -37.49
CA TYR A 398 -20.75 -7.87 -37.18
C TYR A 398 -20.30 -6.55 -36.57
N ARG A 399 -19.43 -6.61 -35.57
CA ARG A 399 -19.00 -5.37 -34.92
C ARG A 399 -18.21 -4.49 -35.89
N GLU A 400 -17.37 -5.12 -36.73
CA GLU A 400 -16.56 -4.37 -37.67
C GLU A 400 -17.43 -3.64 -38.69
N TRP A 401 -18.45 -4.36 -39.17
CA TRP A 401 -19.42 -3.83 -40.13
C TRP A 401 -20.07 -2.57 -39.61
N LYS A 402 -20.57 -2.66 -38.38
CA LYS A 402 -21.23 -1.53 -37.74
C LYS A 402 -20.24 -0.37 -37.55
N HIS A 403 -19.03 -0.70 -37.08
CA HIS A 403 -18.03 0.35 -36.87
C HIS A 403 -17.73 1.08 -38.18
N LEU A 404 -17.51 0.32 -39.26
CA LEU A 404 -17.30 0.91 -40.59
C LEU A 404 -18.51 1.75 -41.07
N PHE A 405 -19.73 1.31 -40.75
CA PHE A 405 -20.91 2.11 -41.05
C PHE A 405 -20.85 3.48 -40.35
N LYS A 406 -20.55 3.45 -39.05
CA LYS A 406 -20.47 4.67 -38.24
C LYS A 406 -19.36 5.60 -38.71
N ALA A 407 -18.29 5.03 -39.25
CA ALA A 407 -17.15 5.81 -39.72
C ALA A 407 -17.34 6.32 -41.15
N ASN A 408 -18.51 6.06 -41.73
CA ASN A 408 -18.81 6.43 -43.11
C ASN A 408 -17.85 5.83 -44.12
N LYS A 409 -17.57 4.54 -43.97
CA LYS A 409 -16.63 3.91 -44.89
C LYS A 409 -17.29 2.84 -45.78
N LEU A 410 -18.62 2.74 -45.72
CA LEU A 410 -19.35 1.74 -46.50
C LEU A 410 -20.05 2.35 -47.70
N ASN A 411 -20.18 1.59 -48.79
CA ASN A 411 -20.96 2.08 -49.92
C ASN A 411 -22.46 1.88 -49.62
N SER A 412 -23.31 2.32 -50.53
CA SER A 412 -24.73 2.38 -50.24
C SER A 412 -25.32 0.96 -50.07
N VAL A 413 -24.83 0.03 -50.86
CA VAL A 413 -25.29 -1.35 -50.75
C VAL A 413 -24.83 -1.99 -49.44
N GLN A 414 -23.64 -1.62 -48.99
CA GLN A 414 -23.11 -2.23 -47.79
C GLN A 414 -23.74 -1.62 -46.55
N SER A 415 -24.17 -0.36 -46.65
CA SER A 415 -24.61 0.34 -45.44
C SER A 415 -26.12 0.24 -45.22
N ALA A 416 -26.84 -0.37 -46.16
CA ALA A 416 -28.30 -0.43 -46.10
C ALA A 416 -28.81 -1.19 -44.87
N PHE A 417 -28.14 -2.29 -44.53
CA PHE A 417 -28.43 -3.06 -43.32
C PHE A 417 -28.62 -2.20 -42.06
N PHE A 418 -27.90 -1.08 -41.96
CA PHE A 418 -27.93 -0.26 -40.74
C PHE A 418 -28.85 0.95 -40.79
N LYS A 419 -29.56 1.13 -41.90
CA LYS A 419 -30.42 2.29 -42.09
C LYS A 419 -31.91 1.99 -42.03
N ARG A 420 -32.70 3.05 -41.89
CA ARG A 420 -34.15 3.00 -42.02
C ARG A 420 -34.49 2.24 -43.30
N LYS A 421 -35.54 1.43 -43.25
CA LYS A 421 -35.86 0.57 -44.38
C LYS A 421 -36.97 1.15 -45.24
N PRO A 422 -37.02 0.79 -46.53
CA PRO A 422 -38.19 1.13 -47.36
C PRO A 422 -39.41 0.34 -46.87
N LEU A 423 -40.62 0.85 -47.06
CA LEU A 423 -41.82 0.12 -46.63
C LEU A 423 -41.97 -1.21 -47.39
N GLU A 424 -41.49 -1.19 -48.63
CA GLU A 424 -41.55 -2.33 -49.54
C GLU A 424 -40.24 -2.43 -50.31
N ALA A 425 -39.75 -3.64 -50.52
CA ALA A 425 -38.61 -3.86 -51.37
C ALA A 425 -38.96 -4.92 -52.40
N LEU A 426 -38.47 -4.74 -53.63
CA LEU A 426 -38.71 -5.68 -54.73
C LEU A 426 -37.40 -6.00 -55.44
N TYR A 427 -37.08 -7.28 -55.61
CA TYR A 427 -35.82 -7.64 -56.25
C TYR A 427 -36.02 -8.67 -57.35
N ASP A 428 -35.30 -8.47 -58.44
CA ASP A 428 -35.21 -9.46 -59.52
C ASP A 428 -34.07 -10.45 -59.22
N LEU A 429 -34.40 -11.63 -58.67
CA LEU A 429 -33.36 -12.58 -58.24
C LEU A 429 -32.53 -13.16 -59.39
N GLU A 430 -33.02 -13.08 -60.63
CA GLU A 430 -32.24 -13.57 -61.76
C GLU A 430 -31.14 -12.58 -62.10
N GLN A 431 -31.48 -11.30 -62.04
CA GLN A 431 -30.53 -10.23 -62.32
C GLN A 431 -29.79 -9.77 -61.09
N ASP A 432 -30.37 -10.00 -59.91
CA ASP A 432 -29.86 -9.41 -58.67
C ASP A 432 -30.06 -10.37 -57.50
N PRO A 433 -29.35 -11.52 -57.53
CA PRO A 433 -29.62 -12.59 -56.56
C PRO A 433 -29.28 -12.19 -55.14
N PHE A 434 -28.44 -11.18 -54.96
CA PHE A 434 -28.11 -10.72 -53.61
C PHE A 434 -29.00 -9.58 -53.13
N GLU A 435 -30.12 -9.37 -53.80
CA GLU A 435 -31.13 -8.40 -53.35
C GLU A 435 -30.52 -7.02 -53.01
N THR A 436 -29.77 -6.44 -53.95
CA THR A 436 -29.05 -5.18 -53.70
C THR A 436 -29.70 -3.94 -54.32
N LYS A 437 -30.56 -4.14 -55.32
CA LYS A 437 -31.20 -3.04 -56.02
C LYS A 437 -32.73 -3.11 -55.90
N ASN A 438 -33.30 -2.27 -55.03
CA ASN A 438 -34.74 -2.21 -54.79
C ASN A 438 -35.45 -1.58 -55.98
N LEU A 439 -36.39 -2.33 -56.55
CA LEU A 439 -37.06 -1.88 -57.76
C LEU A 439 -38.40 -1.23 -57.44
N ALA A 440 -38.78 -1.30 -56.17
CA ALA A 440 -40.17 -0.99 -55.78
C ALA A 440 -40.60 0.44 -56.12
N LEU A 441 -39.66 1.35 -56.19
CA LEU A 441 -39.99 2.75 -56.43
C LEU A 441 -39.86 3.12 -57.91
N LEU A 442 -39.36 2.20 -58.72
CA LEU A 442 -39.24 2.46 -60.14
C LEU A 442 -40.60 2.30 -60.81
N PRO A 443 -41.02 3.30 -61.59
CA PRO A 443 -42.36 3.30 -62.18
C PRO A 443 -42.64 2.10 -63.08
N GLN A 444 -41.64 1.52 -63.75
CA GLN A 444 -41.95 0.40 -64.63
C GLN A 444 -42.24 -0.88 -63.86
N TYR A 445 -41.99 -0.88 -62.55
CA TYR A 445 -42.30 -2.04 -61.72
C TYR A 445 -43.54 -1.85 -60.86
N THR A 446 -44.26 -0.74 -61.05
CA THR A 446 -45.47 -0.44 -60.28
C THR A 446 -46.47 -1.60 -60.20
N GLU A 447 -46.75 -2.21 -61.35
CA GLU A 447 -47.73 -3.28 -61.44
C GLU A 447 -47.24 -4.53 -60.70
N GLN A 448 -45.97 -4.84 -60.87
CA GLN A 448 -45.36 -5.97 -60.17
C GLN A 448 -45.45 -5.77 -58.66
N VAL A 449 -45.12 -4.56 -58.20
CA VAL A 449 -45.20 -4.23 -56.78
C VAL A 449 -46.65 -4.39 -56.27
N ILE A 450 -47.61 -3.82 -57.00
CA ILE A 450 -49.01 -3.85 -56.58
C ILE A 450 -49.53 -5.27 -56.45
N LYS A 451 -49.15 -6.12 -57.40
CA LYS A 451 -49.61 -7.52 -57.43
C LYS A 451 -49.00 -8.33 -56.32
N MET A 452 -47.70 -8.19 -56.08
CA MET A 452 -47.10 -8.97 -54.99
C MET A 452 -47.57 -8.43 -53.65
N ARG A 453 -47.79 -7.13 -53.58
CA ARG A 453 -48.39 -6.54 -52.39
C ARG A 453 -49.72 -7.23 -52.07
N ALA A 454 -50.57 -7.39 -53.09
CA ALA A 454 -51.88 -8.03 -52.92
C ALA A 454 -51.75 -9.50 -52.55
N GLY A 455 -50.82 -10.19 -53.21
CA GLY A 455 -50.55 -11.59 -52.91
C GLY A 455 -50.17 -11.83 -51.47
N LEU A 456 -49.31 -10.97 -50.93
CA LEU A 456 -48.87 -11.14 -49.54
C LEU A 456 -50.00 -10.82 -48.55
N GLN A 457 -50.75 -9.75 -48.82
CA GLN A 457 -51.89 -9.35 -47.97
C GLN A 457 -52.90 -10.49 -47.93
N LYS A 458 -53.17 -11.09 -49.09
CA LYS A 458 -54.13 -12.19 -49.14
C LYS A 458 -53.63 -13.39 -48.35
N LYS A 459 -52.36 -13.75 -48.52
CA LYS A 459 -51.76 -14.84 -47.78
C LYS A 459 -51.88 -14.61 -46.26
N LEU A 460 -51.43 -13.47 -45.81
CA LEU A 460 -51.37 -13.23 -44.37
C LEU A 460 -52.77 -13.10 -43.78
N GLN A 461 -53.73 -12.57 -44.54
CA GLN A 461 -55.10 -12.43 -44.04
C GLN A 461 -55.82 -13.78 -44.00
N SER A 462 -55.54 -14.66 -44.97
CA SER A 462 -56.26 -15.93 -45.01
C SER A 462 -55.63 -17.00 -44.09
N MET A 463 -54.36 -16.85 -43.73
CA MET A 463 -53.69 -17.87 -42.91
C MET A 463 -54.48 -18.15 -41.60
N PRO A 464 -54.78 -17.11 -40.79
CA PRO A 464 -54.34 -15.72 -40.76
C PRO A 464 -53.05 -15.62 -39.94
N ASP A 465 -52.25 -14.58 -40.20
CA ASP A 465 -50.96 -14.39 -39.54
C ASP A 465 -51.18 -13.82 -38.15
N LEU A 466 -51.07 -14.64 -37.11
CA LEU A 466 -51.43 -14.19 -35.76
C LEU A 466 -50.50 -13.12 -35.18
N ALA A 467 -49.34 -12.92 -35.82
CA ALA A 467 -48.30 -12.07 -35.27
C ALA A 467 -48.63 -10.60 -35.43
N PHE A 468 -49.76 -10.26 -36.04
CA PHE A 468 -50.18 -8.85 -36.03
C PHE A 468 -50.72 -8.45 -34.66
N TYR A 469 -50.95 -9.44 -33.81
CA TYR A 469 -51.11 -9.18 -32.38
C TYR A 469 -49.73 -9.21 -31.75
N PRO A 470 -49.40 -8.17 -30.97
CA PRO A 470 -48.12 -8.24 -30.26
C PRO A 470 -48.04 -9.46 -29.38
N GLU A 471 -46.85 -10.06 -29.29
CA GLU A 471 -46.63 -11.28 -28.54
C GLU A 471 -47.16 -11.16 -27.12
N SER A 472 -46.91 -9.99 -26.52
CA SER A 472 -47.25 -9.74 -25.13
C SER A 472 -48.76 -9.84 -24.89
N TYR A 473 -49.56 -9.78 -25.95
CA TYR A 473 -51.01 -10.06 -25.83
C TYR A 473 -51.36 -11.45 -26.37
N LEU A 474 -50.66 -11.87 -27.42
CA LEU A 474 -51.04 -13.07 -28.16
C LEU A 474 -50.85 -14.36 -27.39
N VAL A 475 -49.63 -14.61 -26.93
CA VAL A 475 -49.27 -15.98 -26.61
C VAL A 475 -49.93 -16.45 -25.32
N ASP A 476 -50.23 -15.52 -24.42
CA ASP A 476 -50.86 -15.90 -23.16
C ASP A 476 -52.27 -16.42 -23.41
N ILE A 477 -52.95 -15.85 -24.38
CA ILE A 477 -54.30 -16.28 -24.73
C ILE A 477 -54.30 -17.45 -25.70
N ALA A 478 -53.48 -17.36 -26.74
CA ALA A 478 -53.45 -18.39 -27.79
C ALA A 478 -52.82 -19.72 -27.39
N LYS A 479 -52.10 -19.75 -26.27
CA LYS A 479 -51.34 -20.95 -25.92
C LYS A 479 -52.20 -22.20 -25.69
N ASP A 480 -53.45 -22.00 -25.30
CA ASP A 480 -54.36 -23.12 -25.06
C ASP A 480 -54.73 -23.84 -26.35
N ASP A 481 -54.92 -23.09 -27.43
CA ASP A 481 -55.24 -23.63 -28.75
C ASP A 481 -55.31 -22.47 -29.73
N PRO A 482 -54.27 -22.29 -30.55
CA PRO A 482 -54.17 -21.10 -31.42
C PRO A 482 -55.22 -21.08 -32.53
N ILE A 483 -55.68 -22.26 -32.92
CA ILE A 483 -56.75 -22.41 -33.89
C ILE A 483 -58.03 -21.73 -33.38
N ILE A 484 -58.27 -21.86 -32.08
CA ILE A 484 -59.40 -21.21 -31.43
C ILE A 484 -59.23 -19.69 -31.48
N PHE A 485 -58.05 -19.20 -31.07
CA PHE A 485 -57.75 -17.77 -31.18
C PHE A 485 -57.87 -17.26 -32.62
N SER A 486 -57.28 -18.02 -33.54
CA SER A 486 -57.30 -17.72 -34.96
C SER A 486 -58.73 -17.53 -35.50
N LEU A 487 -59.58 -18.52 -35.27
CA LEU A 487 -60.99 -18.45 -35.63
C LEU A 487 -61.73 -17.21 -35.05
N LYS A 488 -61.45 -16.90 -33.80
CA LYS A 488 -62.12 -15.79 -33.14
C LYS A 488 -61.70 -14.42 -33.66
N HIS A 489 -60.44 -14.32 -34.11
CA HIS A 489 -59.88 -13.01 -34.43
C HIS A 489 -59.41 -12.82 -35.87
N LYS A 490 -59.93 -13.64 -36.77
CA LYS A 490 -59.47 -13.58 -38.14
C LYS A 490 -59.72 -12.19 -38.76
N ASN A 491 -60.91 -11.64 -38.55
CA ASN A 491 -61.21 -10.33 -39.13
C ASN A 491 -60.42 -9.21 -38.46
N ASP A 492 -60.14 -9.33 -37.16
CA ASP A 492 -59.28 -8.36 -36.45
C ASP A 492 -57.92 -8.23 -37.15
N ILE A 493 -57.29 -9.35 -37.43
CA ILE A 493 -56.02 -9.38 -38.16
C ILE A 493 -56.16 -8.77 -39.57
N ALA A 494 -57.26 -9.08 -40.28
CA ALA A 494 -57.48 -8.42 -41.56
C ALA A 494 -57.48 -6.90 -41.36
N ARG A 495 -58.16 -6.42 -40.31
CA ARG A 495 -58.17 -4.99 -40.03
C ARG A 495 -56.79 -4.42 -39.69
N PHE A 496 -56.00 -5.15 -38.90
CA PHE A 496 -54.67 -4.66 -38.53
C PHE A 496 -53.81 -4.47 -39.80
N ILE A 497 -53.87 -5.47 -40.68
CA ILE A 497 -53.12 -5.43 -41.93
C ILE A 497 -53.56 -4.26 -42.82
N ASN A 498 -54.87 -4.04 -42.92
CA ASN A 498 -55.38 -2.89 -43.67
C ASN A 498 -54.95 -1.56 -43.04
N ILE A 499 -54.92 -1.51 -41.72
CA ILE A 499 -54.51 -0.27 -41.05
C ILE A 499 -53.04 0.10 -41.33
N ILE A 500 -52.14 -0.85 -41.13
CA ILE A 500 -50.72 -0.58 -41.34
C ILE A 500 -50.42 -0.31 -42.84
N ASP A 501 -51.15 -0.95 -43.73
CA ASP A 501 -50.89 -0.77 -45.16
C ASP A 501 -51.41 0.56 -45.70
N MET A 502 -52.16 1.28 -44.88
CA MET A 502 -52.47 2.67 -45.20
C MET A 502 -51.19 3.51 -45.40
N SER A 503 -50.10 3.11 -44.76
CA SER A 503 -48.85 3.84 -44.92
C SER A 503 -48.22 3.64 -46.30
N LEU A 504 -48.82 2.76 -47.11
CA LEU A 504 -48.42 2.56 -48.51
C LEU A 504 -49.15 3.49 -49.48
N GLN A 505 -50.01 4.37 -48.93
CA GLN A 505 -50.82 5.26 -49.76
C GLN A 505 -50.38 6.71 -49.52
N PRO A 506 -50.61 7.60 -50.51
CA PRO A 506 -50.36 9.03 -50.30
C PRO A 506 -51.08 9.51 -49.05
N PHE A 507 -50.39 10.24 -48.18
CA PHE A 507 -50.93 10.61 -46.89
C PHE A 507 -52.27 11.34 -46.98
N GLU A 508 -52.44 12.18 -48.01
CA GLU A 508 -53.65 12.97 -48.12
C GLU A 508 -54.86 12.08 -48.37
N GLN A 509 -54.67 10.96 -49.05
CA GLN A 509 -55.78 10.06 -49.34
C GLN A 509 -56.25 9.24 -48.14
N VAL A 510 -55.37 9.02 -47.15
CA VAL A 510 -55.75 8.16 -46.03
C VAL A 510 -55.83 8.87 -44.68
N LYS A 511 -55.56 10.18 -44.64
CA LYS A 511 -55.38 10.88 -43.38
C LYS A 511 -56.64 10.84 -42.51
N ASN A 512 -57.80 11.00 -43.12
CA ASN A 512 -59.03 10.92 -42.34
C ASN A 512 -59.28 9.52 -41.79
N LYS A 513 -59.04 8.50 -42.62
CA LYS A 513 -59.22 7.13 -42.17
C LYS A 513 -58.29 6.84 -40.99
N LEU A 514 -57.05 7.26 -41.15
CA LEU A 514 -56.00 6.99 -40.17
C LEU A 514 -56.26 7.73 -38.86
N LYS A 515 -56.78 8.96 -38.95
CA LYS A 515 -57.11 9.72 -37.76
C LYS A 515 -58.17 9.01 -36.93
N ALA A 516 -59.20 8.51 -37.59
CA ALA A 516 -60.27 7.80 -36.90
C ALA A 516 -59.75 6.54 -36.21
N VAL A 517 -58.80 5.86 -36.85
CA VAL A 517 -58.21 4.68 -36.22
C VAL A 517 -57.39 5.04 -34.98
N LEU A 518 -56.67 6.17 -35.03
CA LEU A 518 -55.93 6.64 -33.86
C LEU A 518 -56.86 6.93 -32.68
N LEU A 519 -58.13 7.21 -32.96
CA LEU A 519 -59.12 7.52 -31.94
C LEU A 519 -60.02 6.31 -31.64
N SER A 520 -59.63 5.13 -32.13
CA SER A 520 -60.40 3.91 -31.97
C SER A 520 -60.41 3.48 -30.52
N ASN A 521 -61.47 2.77 -30.13
CA ASN A 521 -61.54 2.15 -28.79
C ASN A 521 -60.67 0.89 -28.69
N GLU A 522 -60.36 0.26 -29.82
CA GLU A 522 -59.59 -0.98 -29.79
C GLU A 522 -58.10 -0.62 -29.73
N GLN A 523 -57.46 -1.03 -28.64
CA GLN A 523 -56.09 -0.62 -28.33
C GLN A 523 -55.08 -1.08 -29.37
N TRP A 524 -55.32 -2.24 -29.97
CA TRP A 524 -54.37 -2.75 -30.94
C TRP A 524 -54.58 -2.11 -32.30
N GLU A 525 -55.76 -1.50 -32.52
CA GLU A 525 -55.93 -0.70 -33.72
C GLU A 525 -55.19 0.63 -33.57
N ARG A 526 -55.24 1.23 -32.39
CA ARG A 526 -54.44 2.44 -32.12
C ARG A 526 -52.95 2.19 -32.26
N TYR A 527 -52.55 0.99 -31.89
CA TYR A 527 -51.17 0.53 -32.02
C TYR A 527 -50.75 0.51 -33.49
N TRP A 528 -51.55 -0.13 -34.34
CA TRP A 528 -51.18 -0.24 -35.76
C TRP A 528 -51.33 1.10 -36.49
N ALA A 529 -52.23 1.95 -36.04
CA ALA A 529 -52.33 3.30 -36.61
C ALA A 529 -51.11 4.12 -36.22
N MET A 530 -50.67 3.99 -34.97
CA MET A 530 -49.46 4.69 -34.56
C MET A 530 -48.29 4.20 -35.39
N ASN A 531 -48.22 2.89 -35.67
CA ASN A 531 -47.14 2.34 -36.49
C ASN A 531 -47.22 2.90 -37.92
N ALA A 532 -48.43 3.08 -38.42
CA ALA A 532 -48.55 3.71 -39.73
C ALA A 532 -48.04 5.15 -39.68
N VAL A 533 -48.42 5.86 -38.63
CA VAL A 533 -47.96 7.23 -38.41
C VAL A 533 -46.41 7.30 -38.39
N LEU A 534 -45.77 6.35 -37.73
CA LEU A 534 -44.32 6.27 -37.66
C LEU A 534 -43.69 6.07 -39.05
N ALA A 535 -44.32 5.20 -39.85
CA ALA A 535 -43.90 5.01 -41.24
C ALA A 535 -43.97 6.32 -42.04
N PHE A 536 -45.00 7.11 -41.75
CA PHE A 536 -45.21 8.36 -42.48
C PHE A 536 -44.17 9.41 -42.07
N GLY A 537 -43.59 9.28 -40.87
CA GLY A 537 -42.68 10.29 -40.36
C GLY A 537 -43.31 11.68 -40.31
N ASP A 538 -42.54 12.69 -40.72
CA ASP A 538 -43.01 14.08 -40.65
C ASP A 538 -44.20 14.36 -41.56
N LYS A 539 -44.47 13.48 -42.51
CA LYS A 539 -45.64 13.64 -43.37
C LYS A 539 -46.95 13.61 -42.58
N ALA A 540 -46.93 13.00 -41.40
CA ALA A 540 -48.13 12.93 -40.58
C ALA A 540 -48.14 13.95 -39.43
N ASN A 541 -47.31 15.00 -39.51
CA ASN A 541 -47.09 15.88 -38.36
C ASN A 541 -48.35 16.63 -37.92
N GLU A 542 -49.30 16.74 -38.82
CA GLU A 542 -50.63 17.25 -38.55
C GLU A 542 -51.34 16.53 -37.37
N PHE A 543 -51.01 15.25 -37.17
CA PHE A 543 -51.59 14.47 -36.07
C PHE A 543 -50.95 14.72 -34.70
N LEU A 544 -50.08 15.72 -34.61
CA LEU A 544 -49.30 15.97 -33.39
C LEU A 544 -50.15 16.02 -32.10
N PRO A 545 -51.27 16.79 -32.08
CA PRO A 545 -52.03 16.82 -30.83
C PRO A 545 -52.61 15.46 -30.46
N ILE A 546 -52.98 14.67 -31.47
CA ILE A 546 -53.51 13.34 -31.23
C ILE A 546 -52.41 12.46 -30.67
N ILE A 547 -51.24 12.55 -31.30
CA ILE A 547 -50.08 11.78 -30.86
C ILE A 547 -49.69 12.15 -29.44
N GLU A 548 -49.71 13.45 -29.14
CA GLU A 548 -49.36 13.93 -27.81
C GLU A 548 -50.35 13.39 -26.75
N LYS A 549 -51.63 13.36 -27.10
CA LYS A 549 -52.65 12.80 -26.19
C LYS A 549 -52.46 11.30 -25.92
N ILE A 550 -52.09 10.54 -26.96
CA ILE A 550 -51.78 9.12 -26.83
C ILE A 550 -50.58 8.93 -25.90
N ARG A 551 -49.56 9.74 -26.11
CA ARG A 551 -48.39 9.78 -25.25
C ARG A 551 -48.71 9.97 -23.75
N GLN A 552 -49.66 10.85 -23.46
CA GLN A 552 -50.00 11.17 -22.08
C GLN A 552 -50.96 10.18 -21.44
N SER A 553 -51.87 9.63 -22.25
CA SER A 553 -53.07 9.05 -21.66
C SER A 553 -53.52 7.71 -22.17
N ASP A 554 -52.79 7.09 -23.08
CA ASP A 554 -53.25 5.79 -23.55
C ASP A 554 -53.18 4.76 -22.41
N ILE A 555 -54.20 3.93 -22.30
CA ILE A 555 -54.23 2.94 -21.23
C ILE A 555 -53.22 1.83 -21.56
N ASN A 556 -52.84 1.75 -22.84
CA ASN A 556 -51.85 0.79 -23.30
C ASN A 556 -50.45 1.41 -23.29
N LEU A 557 -49.53 0.75 -22.61
CA LEU A 557 -48.18 1.27 -22.41
C LEU A 557 -47.34 1.24 -23.68
N ILE A 558 -47.61 0.26 -24.54
CA ILE A 558 -46.90 0.18 -25.80
C ILE A 558 -47.37 1.31 -26.74
N ASN A 559 -48.66 1.64 -26.67
CA ASN A 559 -49.17 2.78 -27.44
C ASN A 559 -48.53 4.10 -27.00
N ARG A 560 -48.40 4.31 -25.70
CA ARG A 560 -47.68 5.49 -25.22
C ARG A 560 -46.26 5.53 -25.77
N SER A 561 -45.58 4.38 -25.71
CA SER A 561 -44.19 4.27 -26.11
C SER A 561 -44.01 4.58 -27.60
N ARG A 562 -44.95 4.14 -28.42
CA ARG A 562 -44.91 4.43 -29.85
C ARG A 562 -45.04 5.94 -30.12
N ALA A 563 -45.96 6.58 -29.42
CA ALA A 563 -46.14 8.03 -29.55
C ALA A 563 -44.87 8.78 -29.13
N ILE A 564 -44.26 8.32 -28.03
CA ILE A 564 -43.04 8.92 -27.54
C ILE A 564 -41.94 8.73 -28.58
N GLN A 565 -41.88 7.51 -29.12
CA GLN A 565 -40.96 7.17 -30.21
C GLN A 565 -41.14 8.15 -31.38
N TYR A 566 -42.38 8.32 -31.84
CA TYR A 566 -42.63 9.25 -32.95
C TYR A 566 -42.11 10.66 -32.62
N LEU A 567 -42.52 11.17 -31.47
CA LEU A 567 -42.15 12.51 -31.03
C LEU A 567 -40.64 12.68 -30.80
N ALA A 568 -39.97 11.61 -30.38
CA ALA A 568 -38.53 11.67 -30.19
C ALA A 568 -37.82 11.71 -31.54
N LEU A 569 -38.29 10.88 -32.46
CA LEU A 569 -37.71 10.77 -33.80
C LEU A 569 -38.03 11.99 -34.67
N ASN A 570 -39.20 12.58 -34.50
CA ASN A 570 -39.62 13.63 -35.43
C ASN A 570 -39.66 15.02 -34.84
N ASN A 571 -39.87 15.14 -33.54
CA ASN A 571 -40.10 16.47 -32.99
C ASN A 571 -39.21 16.82 -31.80
N GLY A 572 -38.07 16.16 -31.70
CA GLY A 572 -37.07 16.51 -30.70
C GLY A 572 -37.37 16.19 -29.24
N VAL A 573 -38.43 15.44 -28.97
CA VAL A 573 -38.72 15.08 -27.59
C VAL A 573 -37.63 14.15 -27.06
N SER A 574 -37.19 14.39 -25.84
CA SER A 574 -36.25 13.48 -25.19
C SER A 574 -37.00 12.38 -24.43
N PRO A 575 -36.86 11.13 -24.90
CA PRO A 575 -37.69 10.00 -24.47
C PRO A 575 -37.19 9.25 -23.24
N GLN A 576 -35.99 9.56 -22.74
CA GLN A 576 -35.35 8.74 -21.72
C GLN A 576 -36.22 8.53 -20.48
N LEU A 577 -36.61 9.64 -19.87
CA LEU A 577 -37.32 9.59 -18.60
C LEU A 577 -38.66 8.82 -18.72
N GLU A 578 -39.49 9.17 -19.70
CA GLU A 578 -40.77 8.50 -19.84
C GLU A 578 -40.63 6.99 -20.13
N LEU A 579 -39.71 6.61 -21.02
CA LEU A 579 -39.56 5.20 -21.35
C LEU A 579 -38.99 4.41 -20.17
N GLU A 580 -38.03 5.01 -19.46
CA GLU A 580 -37.51 4.41 -18.25
C GLU A 580 -38.67 4.13 -17.26
N ASP A 581 -39.59 5.08 -17.15
CA ASP A 581 -40.75 4.91 -16.27
C ASP A 581 -41.68 3.79 -16.77
N LEU A 582 -41.99 3.82 -18.06
CA LEU A 582 -42.95 2.89 -18.64
C LEU A 582 -42.43 1.47 -18.52
N VAL A 583 -41.13 1.28 -18.76
CA VAL A 583 -40.53 -0.04 -18.60
C VAL A 583 -40.73 -0.53 -17.17
N LYS A 584 -40.59 0.39 -16.23
CA LYS A 584 -40.75 0.05 -14.82
C LYS A 584 -42.22 -0.26 -14.50
N GLN A 585 -43.13 0.43 -15.19
CA GLN A 585 -44.57 0.26 -14.99
C GLN A 585 -45.12 -1.06 -15.52
N ALA A 586 -44.51 -1.60 -16.58
CA ALA A 586 -45.03 -2.79 -17.26
C ALA A 586 -45.26 -3.95 -16.28
N LYS A 587 -46.42 -4.59 -16.38
CA LYS A 587 -46.81 -5.58 -15.39
C LYS A 587 -46.47 -7.01 -15.80
N ASP A 588 -45.86 -7.16 -16.97
CA ASP A 588 -45.48 -8.48 -17.47
C ASP A 588 -44.20 -8.37 -18.28
N PRO A 589 -43.39 -9.44 -18.29
CA PRO A 589 -42.10 -9.42 -19.00
C PRO A 589 -42.19 -8.96 -20.48
N LEU A 590 -43.11 -9.54 -21.25
CA LEU A 590 -43.12 -9.26 -22.68
C LEU A 590 -43.47 -7.80 -22.98
N THR A 591 -44.35 -7.18 -22.19
CA THR A 591 -44.66 -5.77 -22.41
C THR A 591 -43.40 -4.91 -22.19
N ALA A 592 -42.69 -5.19 -21.09
CA ALA A 592 -41.43 -4.50 -20.80
C ALA A 592 -40.44 -4.67 -21.95
N LEU A 593 -40.30 -5.91 -22.40
CA LEU A 593 -39.36 -6.24 -23.47
C LEU A 593 -39.69 -5.47 -24.76
N ALA A 594 -40.98 -5.40 -25.09
CA ALA A 594 -41.44 -4.61 -26.24
C ALA A 594 -41.01 -3.15 -26.10
N ILE A 595 -41.21 -2.60 -24.91
CA ILE A 595 -40.82 -1.22 -24.68
C ILE A 595 -39.29 -1.08 -24.70
N LEU A 596 -38.56 -2.10 -24.24
CA LEU A 596 -37.11 -2.06 -24.32
C LEU A 596 -36.62 -2.09 -25.77
N ASN A 597 -37.38 -2.71 -26.65
CA ASN A 597 -36.98 -2.73 -28.04
C ASN A 597 -37.09 -1.33 -28.65
N ILE A 598 -38.17 -0.64 -28.31
CA ILE A 598 -38.33 0.76 -28.71
C ILE A 598 -37.19 1.63 -28.17
N ALA A 599 -36.79 1.39 -26.92
CA ALA A 599 -35.66 2.14 -26.36
C ALA A 599 -34.42 1.89 -27.18
N THR A 600 -34.23 0.64 -27.61
CA THR A 600 -33.07 0.27 -28.41
C THR A 600 -33.03 1.00 -29.77
N GLN A 601 -34.17 1.05 -30.44
CA GLN A 601 -34.29 1.79 -31.69
C GLN A 601 -33.94 3.27 -31.49
N LEU A 602 -34.47 3.86 -30.43
CA LEU A 602 -34.16 5.25 -30.11
C LEU A 602 -32.67 5.43 -29.74
N HIS A 603 -32.14 4.53 -28.92
CA HIS A 603 -30.70 4.52 -28.57
C HIS A 603 -29.84 4.48 -29.83
N ASP A 604 -30.16 3.58 -30.75
CA ASP A 604 -29.34 3.41 -31.94
C ASP A 604 -29.43 4.59 -32.90
N THR A 605 -30.61 5.20 -33.00
CA THR A 605 -30.85 6.28 -33.96
C THR A 605 -30.51 7.67 -33.44
N LEU A 606 -30.85 7.95 -32.20
CA LEU A 606 -30.62 9.27 -31.60
C LEU A 606 -29.34 9.29 -30.77
N GLY A 607 -28.76 8.12 -30.51
CA GLY A 607 -27.53 8.02 -29.73
C GLY A 607 -27.71 8.49 -28.30
N ILE A 608 -28.64 7.86 -27.58
CA ILE A 608 -28.91 8.23 -26.20
C ILE A 608 -28.97 7.00 -25.31
N ALA A 609 -28.56 7.18 -24.06
CA ALA A 609 -28.58 6.10 -23.09
C ALA A 609 -29.90 6.05 -22.34
N PHE A 610 -30.18 4.87 -21.79
CA PHE A 610 -31.31 4.64 -20.90
C PHE A 610 -30.79 3.92 -19.66
N ASN A 611 -31.33 4.26 -18.50
CA ASN A 611 -31.06 3.55 -17.25
C ASN A 611 -32.26 2.73 -16.85
N ILE A 612 -32.17 1.41 -16.98
CA ILE A 612 -33.35 0.57 -16.82
C ILE A 612 -33.45 -0.11 -15.47
N GLU A 613 -34.61 0.03 -14.83
CA GLU A 613 -34.96 -0.75 -13.66
C GLU A 613 -36.27 -1.51 -13.97
N LEU A 614 -36.43 -2.72 -13.42
CA LEU A 614 -37.60 -3.54 -13.76
C LEU A 614 -38.61 -3.72 -12.61
N ASN A 615 -39.89 -3.90 -12.97
CA ASN A 615 -40.99 -4.09 -12.03
C ASN A 615 -40.85 -5.34 -11.15
N LYS A 616 -40.81 -5.13 -9.83
CA LYS A 616 -40.65 -6.22 -8.87
C LYS A 616 -41.80 -7.23 -8.90
N LEU A 617 -42.94 -6.82 -9.47
CA LEU A 617 -44.13 -7.66 -9.57
C LEU A 617 -43.90 -8.98 -10.34
N TRP A 618 -42.96 -8.98 -11.28
CA TRP A 618 -42.59 -10.21 -11.97
C TRP A 618 -41.08 -10.49 -11.94
N THR A 627 -39.82 -27.85 -12.46
CA THR A 627 -39.19 -26.75 -11.74
C THR A 627 -37.74 -26.53 -12.20
N SER A 628 -37.01 -27.60 -12.48
CA SER A 628 -35.72 -27.46 -13.16
C SER A 628 -35.94 -26.86 -14.55
N MET A 629 -36.85 -27.45 -15.32
CA MET A 629 -37.26 -26.88 -16.60
C MET A 629 -37.79 -25.45 -16.45
N GLU A 630 -38.57 -25.21 -15.41
CA GLU A 630 -39.06 -23.85 -15.12
C GLU A 630 -37.91 -22.88 -14.87
N SER A 631 -36.89 -23.35 -14.15
CA SER A 631 -35.66 -22.58 -13.93
C SER A 631 -35.02 -22.17 -15.25
N PHE A 632 -34.90 -23.13 -16.16
CA PHE A 632 -34.34 -22.89 -17.48
C PHE A 632 -35.08 -21.80 -18.25
N HIS A 633 -36.40 -21.80 -18.14
CA HIS A 633 -37.19 -20.77 -18.82
C HIS A 633 -36.90 -19.39 -18.26
N LYS A 634 -36.92 -19.28 -16.93
CA LYS A 634 -36.65 -18.02 -16.26
C LYS A 634 -35.26 -17.50 -16.58
N ARG A 635 -34.29 -18.41 -16.69
CA ARG A 635 -32.91 -18.01 -16.95
C ARG A 635 -32.85 -17.38 -18.34
N THR A 636 -33.55 -17.99 -19.31
CA THR A 636 -33.53 -17.51 -20.68
C THR A 636 -34.12 -16.11 -20.78
N VAL A 637 -35.29 -15.95 -20.17
CA VAL A 637 -35.98 -14.67 -20.13
C VAL A 637 -35.15 -13.58 -19.45
N ASP A 638 -34.51 -13.93 -18.33
CA ASP A 638 -33.73 -12.95 -17.60
C ASP A 638 -32.56 -12.51 -18.47
N GLY A 639 -32.00 -13.45 -19.23
CA GLY A 639 -30.92 -13.15 -20.16
C GLY A 639 -31.29 -12.05 -21.15
N TRP A 640 -32.52 -12.09 -21.64
CA TRP A 640 -33.00 -11.07 -22.57
C TRP A 640 -32.95 -9.67 -21.97
N PHE A 641 -33.33 -9.57 -20.70
CA PHE A 641 -33.42 -8.27 -20.04
C PHE A 641 -32.04 -7.78 -19.66
N LYS A 642 -31.20 -8.69 -19.22
CA LYS A 642 -29.82 -8.35 -18.92
C LYS A 642 -29.15 -7.82 -20.18
N ALA A 643 -29.44 -8.45 -21.31
CA ALA A 643 -28.81 -8.07 -22.55
C ALA A 643 -29.24 -6.65 -22.93
N ARG A 644 -30.51 -6.35 -22.74
CA ARG A 644 -31.02 -5.02 -23.04
C ARG A 644 -30.47 -3.99 -22.06
N MET A 645 -30.43 -4.34 -20.78
CA MET A 645 -30.05 -3.38 -19.77
C MET A 645 -28.58 -3.01 -19.91
N ASP A 646 -27.73 -4.01 -20.14
CA ASP A 646 -26.31 -3.74 -20.29
C ASP A 646 -26.01 -2.91 -21.53
N TYR A 647 -26.82 -3.10 -22.57
CA TYR A 647 -26.60 -2.39 -23.83
C TYR A 647 -27.08 -0.94 -23.78
N LEU A 648 -28.29 -0.72 -23.26
CA LEU A 648 -28.92 0.60 -23.27
C LEU A 648 -28.21 1.60 -22.34
N LYS A 649 -27.53 1.06 -21.33
CA LYS A 649 -26.80 1.82 -20.31
C LYS A 649 -25.80 2.83 -20.88
N ASN A 650 -25.12 2.47 -21.96
CA ASN A 650 -24.16 3.37 -22.57
C ASN A 650 -24.52 3.72 -24.00
N ILE A 651 -24.09 4.90 -24.40
CA ILE A 651 -24.21 5.31 -25.79
C ILE A 651 -23.26 4.50 -26.65
N LYS B 42 2.34 -2.29 16.04
CA LYS B 42 1.15 -2.50 15.21
C LYS B 42 1.36 -3.71 14.31
N ARG B 43 0.33 -4.54 14.19
CA ARG B 43 0.44 -5.76 13.40
C ARG B 43 -0.63 -5.78 12.30
N PRO B 44 -0.30 -6.39 11.16
CA PRO B 44 -1.20 -6.47 10.01
C PRO B 44 -2.29 -7.51 10.19
N ASN B 45 -3.43 -7.33 9.52
CA ASN B 45 -4.48 -8.33 9.47
C ASN B 45 -4.28 -9.22 8.26
N PHE B 46 -4.85 -10.43 8.29
CA PHE B 46 -4.80 -11.32 7.14
C PHE B 46 -6.21 -11.79 6.73
N VAL B 47 -6.46 -11.77 5.44
CA VAL B 47 -7.65 -12.40 4.91
C VAL B 47 -7.27 -13.39 3.83
N TRP B 48 -7.83 -14.59 3.95
CA TRP B 48 -7.67 -15.66 2.98
C TRP B 48 -9.01 -15.89 2.30
N LEU B 49 -9.09 -15.56 1.02
CA LEU B 49 -10.30 -15.83 0.26
C LEU B 49 -10.01 -17.06 -0.60
N VAL B 50 -10.73 -18.14 -0.32
CA VAL B 50 -10.42 -19.41 -0.92
C VAL B 50 -11.60 -19.93 -1.74
N SER B 51 -11.37 -20.07 -3.05
CA SER B 51 -12.31 -20.77 -3.92
C SER B 51 -11.95 -22.24 -3.95
N GLU B 52 -12.94 -23.11 -4.11
CA GLU B 52 -12.67 -24.54 -4.03
C GLU B 52 -12.40 -25.16 -5.40
N ASP B 53 -11.43 -26.08 -5.43
CA ASP B 53 -11.14 -26.97 -6.55
C ASP B 53 -10.60 -26.35 -7.87
N ASN B 54 -10.27 -25.06 -7.92
CA ASN B 54 -10.03 -24.44 -9.25
C ASN B 54 -8.55 -24.09 -9.61
N SER B 55 -8.19 -24.35 -10.88
CA SER B 55 -6.86 -24.07 -11.43
C SER B 55 -6.76 -22.68 -12.05
N LYS B 56 -5.56 -22.26 -12.44
CA LYS B 56 -5.42 -20.86 -12.84
C LYS B 56 -5.91 -20.60 -14.27
N ARG B 57 -5.96 -21.63 -15.12
CA ARG B 57 -6.32 -21.41 -16.53
C ARG B 57 -7.74 -20.88 -16.75
N TYR B 58 -8.58 -20.97 -15.73
CA TYR B 58 -9.97 -20.56 -15.86
C TYR B 58 -10.18 -19.06 -15.54
N LEU B 59 -9.11 -18.37 -15.15
CA LEU B 59 -9.19 -16.92 -14.90
C LEU B 59 -8.58 -16.11 -16.04
N LYS B 60 -9.27 -15.05 -16.45
CA LYS B 60 -8.75 -14.10 -17.43
C LYS B 60 -7.40 -13.57 -17.00
N LEU B 61 -7.23 -13.43 -15.68
CA LEU B 61 -6.00 -12.93 -15.09
C LEU B 61 -4.78 -13.74 -15.55
N TYR B 62 -4.99 -15.02 -15.87
CA TYR B 62 -3.89 -15.90 -16.27
C TYR B 62 -3.98 -16.42 -17.70
N ASN B 63 -5.16 -16.32 -18.31
CA ASN B 63 -5.44 -17.03 -19.54
C ASN B 63 -6.39 -16.18 -20.38
N ALA B 64 -6.03 -16.01 -21.66
CA ALA B 64 -6.78 -15.12 -22.54
C ALA B 64 -8.22 -15.61 -22.73
N LYS B 65 -8.46 -16.89 -22.52
CA LYS B 65 -9.80 -17.45 -22.69
C LYS B 65 -10.48 -17.71 -21.35
N GLY B 66 -9.91 -17.17 -20.27
CA GLY B 66 -10.46 -17.38 -18.94
C GLY B 66 -11.55 -16.39 -18.62
N ALA B 67 -12.30 -16.66 -17.55
CA ALA B 67 -13.39 -15.80 -17.11
C ALA B 67 -12.90 -14.48 -16.50
N GLU B 68 -13.59 -13.40 -16.86
CA GLU B 68 -13.35 -12.10 -16.24
C GLU B 68 -13.78 -12.11 -14.79
N MET B 69 -12.95 -11.57 -13.90
CA MET B 69 -13.27 -11.55 -12.48
C MET B 69 -12.88 -10.21 -11.89
N PRO B 70 -13.74 -9.21 -12.07
CA PRO B 70 -13.35 -7.83 -11.75
C PRO B 70 -12.94 -7.62 -10.27
N ASN B 71 -13.58 -8.30 -9.33
CA ASN B 71 -13.21 -8.14 -7.94
C ASN B 71 -11.85 -8.72 -7.62
N ILE B 72 -11.58 -9.93 -8.08
CA ILE B 72 -10.27 -10.53 -7.90
C ILE B 72 -9.20 -9.67 -8.61
N GLU B 73 -9.50 -9.28 -9.84
CA GLU B 73 -8.61 -8.45 -10.64
C GLU B 73 -8.33 -7.12 -9.99
N SER B 74 -9.27 -6.63 -9.18
CA SER B 74 -9.03 -5.38 -8.46
C SER B 74 -7.96 -5.54 -7.37
N LEU B 75 -7.81 -6.72 -6.79
CA LEU B 75 -6.74 -6.96 -5.81
C LEU B 75 -5.36 -6.85 -6.45
N ALA B 76 -5.29 -7.23 -7.72
CA ALA B 76 -4.07 -7.20 -8.47
C ALA B 76 -3.60 -5.76 -8.73
N LYS B 77 -4.53 -4.82 -8.71
CA LYS B 77 -4.21 -3.42 -9.00
C LYS B 77 -3.18 -2.85 -8.05
N GLN B 78 -3.22 -3.32 -6.80
CA GLN B 78 -2.21 -2.96 -5.84
C GLN B 78 -1.71 -4.27 -5.21
N GLY B 79 -1.34 -5.20 -6.07
CA GLY B 79 -1.05 -6.54 -5.60
C GLY B 79 0.01 -7.31 -6.34
N LEU B 80 0.33 -8.47 -5.78
CA LEU B 80 1.22 -9.43 -6.38
C LEU B 80 0.38 -10.53 -6.99
N VAL B 81 0.62 -10.81 -8.26
CA VAL B 81 -0.04 -11.90 -8.95
C VAL B 81 1.00 -13.00 -9.18
N PHE B 82 0.78 -14.15 -8.54
CA PHE B 82 1.70 -15.27 -8.63
C PHE B 82 1.32 -16.18 -9.78
N ASN B 83 2.27 -16.38 -10.70
CA ASN B 83 2.04 -17.23 -11.86
C ASN B 83 2.26 -18.71 -11.59
N ASN B 84 2.95 -19.04 -10.50
CA ASN B 84 3.27 -20.45 -10.25
C ASN B 84 3.08 -20.84 -8.79
N ALA B 85 1.87 -20.64 -8.29
CA ALA B 85 1.49 -21.16 -6.98
C ALA B 85 0.96 -22.59 -7.17
N PHE B 86 1.35 -23.47 -6.25
CA PHE B 86 0.97 -24.88 -6.31
C PHE B 86 0.64 -25.43 -4.93
N SER B 87 -0.35 -26.32 -4.87
CA SER B 87 -0.57 -27.12 -3.66
C SER B 87 0.40 -28.29 -3.70
N ASN B 88 0.62 -28.92 -2.55
CA ASN B 88 1.47 -30.08 -2.50
C ASN B 88 0.70 -31.37 -2.59
N SER B 89 -0.61 -31.27 -2.88
CA SER B 89 -1.45 -32.45 -3.05
C SER B 89 -2.76 -32.00 -3.73
N PRO B 90 -3.45 -32.94 -4.41
CA PRO B 90 -4.51 -32.47 -5.32
C PRO B 90 -5.94 -32.71 -4.84
N VAL B 91 -6.22 -32.47 -3.58
CA VAL B 91 -7.57 -32.60 -3.05
C VAL B 91 -7.69 -31.78 -1.76
N SER B 92 -8.92 -31.43 -1.39
CA SER B 92 -9.21 -30.49 -0.31
C SER B 92 -8.54 -30.75 1.04
N SER B 93 -8.79 -31.92 1.62
CA SER B 93 -8.42 -32.11 3.02
C SER B 93 -6.89 -32.11 3.20
N THR B 94 -6.16 -32.80 2.33
CA THR B 94 -4.72 -32.82 2.48
C THR B 94 -4.12 -31.43 2.13
N ALA B 95 -4.70 -30.75 1.14
CA ALA B 95 -4.24 -29.40 0.83
C ALA B 95 -4.59 -28.42 1.95
N ARG B 96 -5.80 -28.51 2.51
CA ARG B 96 -6.18 -27.64 3.64
C ARG B 96 -5.27 -27.87 4.83
N THR B 97 -5.01 -29.14 5.10
CA THR B 97 -4.09 -29.52 6.16
C THR B 97 -2.75 -28.86 5.96
N THR B 98 -2.23 -28.96 4.74
CA THR B 98 -0.95 -28.35 4.39
C THR B 98 -0.94 -26.84 4.65
N LEU B 99 -2.00 -26.15 4.21
CA LEU B 99 -2.08 -24.69 4.35
C LEU B 99 -1.96 -24.31 5.81
N ALA B 100 -2.61 -25.08 6.67
CA ALA B 100 -2.72 -24.71 8.07
C ALA B 100 -1.41 -25.02 8.82
N LEU B 101 -0.73 -26.10 8.44
CA LEU B 101 0.42 -26.56 9.20
C LEU B 101 1.76 -26.05 8.68
N GLY B 102 1.82 -25.61 7.43
CA GLY B 102 3.09 -25.22 6.84
C GLY B 102 4.05 -26.40 6.70
N ALA B 103 3.49 -27.60 6.52
CA ALA B 103 4.27 -28.84 6.63
C ALA B 103 3.60 -29.93 5.83
N TYR B 104 4.39 -30.89 5.33
CA TYR B 104 3.83 -31.97 4.52
C TYR B 104 2.93 -32.97 5.29
N PRO B 105 1.66 -33.13 4.89
CA PRO B 105 0.83 -34.14 5.53
C PRO B 105 1.43 -35.56 5.50
N ALA B 106 2.17 -35.89 4.45
CA ALA B 106 2.71 -37.24 4.29
C ALA B 106 3.65 -37.62 5.44
N LYS B 107 4.39 -36.65 6.00
CA LYS B 107 5.28 -36.96 7.12
C LYS B 107 4.52 -37.01 8.45
N LEU B 108 3.21 -36.83 8.41
CA LEU B 108 2.38 -36.76 9.61
C LEU B 108 1.19 -37.73 9.58
N ALA B 109 1.23 -38.69 8.65
CA ALA B 109 0.15 -39.67 8.47
C ALA B 109 -1.19 -39.01 8.15
N MET B 110 -1.13 -37.83 7.51
CA MET B 110 -2.32 -37.05 7.14
C MET B 110 -2.57 -36.97 5.63
N GLU B 111 -2.10 -37.97 4.89
CA GLU B 111 -2.16 -37.90 3.43
C GLU B 111 -3.41 -38.55 2.83
N TYR B 112 -4.44 -38.77 3.66
CA TYR B 112 -5.60 -39.57 3.22
C TYR B 112 -6.91 -38.77 3.25
N HIS B 113 -7.61 -38.72 2.10
CA HIS B 113 -8.82 -37.93 1.93
C HIS B 113 -10.06 -38.79 1.68
N ARG B 114 -11.09 -38.63 2.51
CA ARG B 114 -11.02 -37.94 3.79
C ARG B 114 -10.47 -38.90 4.83
N PRO B 115 -9.98 -38.37 5.98
CA PRO B 115 -9.27 -39.24 6.93
C PRO B 115 -10.15 -40.29 7.59
N PHE B 116 -9.62 -41.49 7.74
CA PHE B 116 -10.29 -42.50 8.52
C PHE B 116 -10.05 -42.20 9.99
N GLU B 117 -8.82 -41.78 10.28
CA GLU B 117 -8.38 -41.46 11.61
C GLU B 117 -7.63 -40.12 11.61
N ARG B 118 -8.11 -39.15 12.38
CA ARG B 118 -7.41 -37.88 12.42
C ARG B 118 -6.18 -37.99 13.32
N ILE B 119 -5.17 -37.18 13.04
CA ILE B 119 -3.90 -37.34 13.71
C ILE B 119 -3.64 -36.20 14.69
N ASN B 120 -3.29 -36.55 15.93
CA ASN B 120 -2.92 -35.53 16.91
C ASN B 120 -1.60 -34.85 16.52
N LEU B 121 -1.54 -33.54 16.71
CA LEU B 121 -0.33 -32.78 16.36
C LEU B 121 0.80 -32.95 17.38
N PRO B 122 2.06 -32.91 16.91
CA PRO B 122 3.21 -32.97 17.84
C PRO B 122 3.40 -31.63 18.54
N ARG B 123 4.08 -31.61 19.67
CA ARG B 123 4.19 -30.38 20.47
C ARG B 123 4.70 -29.14 19.72
N GLU B 124 5.68 -29.32 18.85
CA GLU B 124 6.28 -28.14 18.21
C GLU B 124 5.68 -27.75 16.84
N LEU B 125 4.50 -28.30 16.52
CA LEU B 125 3.82 -27.94 15.27
C LEU B 125 2.32 -27.68 15.51
N SER B 126 1.82 -26.52 15.07
CA SER B 126 0.38 -26.26 15.15
C SER B 126 -0.10 -25.49 13.91
N THR B 127 -1.38 -25.14 13.88
CA THR B 127 -1.99 -24.46 12.75
C THR B 127 -1.68 -22.97 12.80
N ILE B 128 -1.79 -22.29 11.66
CA ILE B 128 -1.50 -20.87 11.69
C ILE B 128 -2.60 -20.13 12.47
N SER B 129 -3.85 -20.60 12.37
CA SER B 129 -4.92 -20.00 13.16
C SER B 129 -4.64 -20.11 14.67
N ASP B 130 -4.19 -21.28 15.14
CA ASP B 130 -3.80 -21.45 16.55
C ASP B 130 -2.63 -20.52 16.95
N TYR B 131 -1.55 -20.54 16.17
CA TYR B 131 -0.41 -19.67 16.43
C TYR B 131 -0.83 -18.19 16.50
N LEU B 132 -1.69 -17.77 15.57
CA LEU B 132 -2.12 -16.37 15.55
C LEU B 132 -3.01 -16.04 16.74
N THR B 133 -3.94 -16.94 17.06
CA THR B 133 -4.83 -16.77 18.21
C THR B 133 -4.00 -16.60 19.50
N LYS B 134 -2.98 -17.44 19.68
CA LYS B 134 -2.15 -17.37 20.87
C LYS B 134 -1.37 -16.07 20.95
N ALA B 135 -1.12 -15.44 19.81
CA ALA B 135 -0.39 -14.19 19.77
C ALA B 135 -1.29 -12.96 19.97
N GLY B 136 -2.59 -13.17 20.16
CA GLY B 136 -3.52 -12.06 20.36
C GLY B 136 -4.44 -11.69 19.19
N TYR B 137 -4.26 -12.35 18.03
CA TYR B 137 -5.15 -12.13 16.89
C TYR B 137 -6.57 -12.63 17.09
N TYR B 138 -7.54 -11.93 16.50
CA TYR B 138 -8.89 -12.49 16.38
C TYR B 138 -8.97 -13.32 15.12
N THR B 139 -9.20 -14.63 15.28
CA THR B 139 -9.21 -15.52 14.13
C THR B 139 -10.62 -16.05 13.85
N SER B 140 -11.09 -15.85 12.63
CA SER B 140 -12.41 -16.34 12.24
C SER B 140 -12.34 -17.21 10.98
N ASN B 141 -13.13 -18.26 10.94
CA ASN B 141 -13.12 -19.15 9.79
C ASN B 141 -14.54 -19.44 9.35
N ASP B 142 -14.83 -19.18 8.09
CA ASP B 142 -16.18 -19.37 7.56
C ASP B 142 -16.14 -20.12 6.23
N ALA B 143 -16.28 -21.44 6.31
CA ALA B 143 -16.44 -22.13 7.57
C ALA B 143 -15.81 -23.48 7.40
N LYS B 144 -15.47 -23.80 6.15
CA LYS B 144 -14.90 -25.11 5.80
C LYS B 144 -13.55 -25.37 6.48
N GLU B 145 -13.48 -26.48 7.21
CA GLU B 145 -12.23 -26.90 7.86
C GLU B 145 -11.54 -28.02 7.07
N ASP B 146 -12.11 -29.23 7.15
CA ASP B 146 -11.65 -30.37 6.35
C ASP B 146 -10.23 -30.77 6.73
N TYR B 147 -9.89 -30.66 8.01
CA TYR B 147 -8.52 -30.92 8.47
C TYR B 147 -8.25 -32.39 8.73
N ASN B 148 -7.03 -32.84 8.46
CA ASN B 148 -6.71 -34.23 8.76
C ASN B 148 -6.03 -34.42 10.11
N PHE B 149 -5.86 -33.31 10.84
CA PHE B 149 -5.36 -33.36 12.22
C PHE B 149 -6.52 -33.17 13.20
N VAL B 150 -6.38 -33.69 14.41
CA VAL B 150 -7.29 -33.35 15.50
C VAL B 150 -7.09 -31.86 15.79
N SER B 151 -8.17 -31.10 15.94
CA SER B 151 -8.05 -29.64 16.07
C SER B 151 -7.49 -29.27 17.43
N PRO B 152 -6.55 -28.32 17.44
CA PRO B 152 -6.08 -27.77 18.72
C PRO B 152 -7.26 -27.13 19.45
N GLU B 153 -7.22 -27.08 20.77
CA GLU B 153 -8.23 -26.38 21.54
C GLU B 153 -8.14 -24.90 21.22
N ASN B 154 -9.27 -24.22 21.10
CA ASN B 154 -9.29 -22.81 20.69
C ASN B 154 -8.49 -22.57 19.41
N ASN B 155 -8.70 -23.46 18.44
CA ASN B 155 -8.03 -23.39 17.15
C ASN B 155 -8.37 -22.08 16.43
N TRP B 156 -9.61 -21.65 16.63
CA TRP B 156 -10.10 -20.37 16.11
C TRP B 156 -10.81 -19.60 17.21
N SER B 157 -10.79 -18.28 17.12
CA SER B 157 -11.63 -17.48 17.99
C SER B 157 -13.06 -17.90 17.70
N SER B 158 -13.38 -18.03 16.41
CA SER B 158 -14.70 -18.50 16.01
C SER B 158 -14.64 -19.23 14.68
N SER B 159 -15.14 -20.46 14.64
CA SER B 159 -15.21 -21.19 13.39
C SER B 159 -16.56 -21.79 13.12
N LYS B 160 -17.38 -21.05 12.38
CA LYS B 160 -18.75 -21.43 12.03
C LYS B 160 -19.27 -20.58 10.90
N LYS B 161 -20.44 -20.96 10.39
CA LYS B 161 -21.15 -20.16 9.40
C LYS B 161 -21.31 -18.73 9.89
N GLY B 162 -20.86 -17.78 9.08
CA GLY B 162 -21.03 -16.38 9.41
C GLY B 162 -19.98 -15.78 10.33
N ALA B 163 -19.02 -16.58 10.81
CA ALA B 163 -17.93 -16.05 11.64
C ALA B 163 -17.22 -14.95 10.86
N SER B 164 -16.80 -13.90 11.56
CA SER B 164 -16.41 -12.69 10.89
C SER B 164 -15.38 -11.91 11.71
N TRP B 165 -14.57 -11.11 11.03
CA TRP B 165 -13.65 -10.17 11.69
C TRP B 165 -14.42 -9.03 12.40
N HIS B 166 -15.71 -8.89 12.12
CA HIS B 166 -16.48 -7.85 12.80
C HIS B 166 -16.55 -8.03 14.32
N ASN B 167 -16.38 -9.27 14.77
CA ASN B 167 -16.51 -9.58 16.19
C ASN B 167 -15.19 -9.49 16.98
N ARG B 168 -14.13 -9.03 16.33
CA ARG B 168 -12.87 -8.75 17.00
C ARG B 168 -13.01 -7.64 18.06
N LYS B 169 -12.12 -7.62 19.05
CA LYS B 169 -12.04 -6.52 20.00
C LYS B 169 -11.54 -5.30 19.25
N ALA B 170 -11.91 -4.10 19.71
CA ALA B 170 -11.41 -2.88 19.07
C ALA B 170 -9.90 -2.89 19.10
N GLY B 171 -9.31 -2.58 17.96
CA GLY B 171 -7.86 -2.52 17.83
C GLY B 171 -7.15 -3.85 17.62
N GLN B 172 -7.86 -4.97 17.72
CA GLN B 172 -7.25 -6.30 17.67
C GLN B 172 -6.98 -6.71 16.22
N PRO B 173 -5.74 -7.10 15.93
CA PRO B 173 -5.42 -7.53 14.55
C PRO B 173 -6.18 -8.83 14.25
N PHE B 174 -6.54 -9.09 13.00
CA PHE B 174 -7.36 -10.27 12.75
C PHE B 174 -6.88 -11.13 11.58
N PHE B 175 -7.30 -12.39 11.63
CA PHE B 175 -7.10 -13.34 10.55
C PHE B 175 -8.45 -13.93 10.21
N HIS B 176 -8.96 -13.60 9.01
CA HIS B 176 -10.22 -14.16 8.54
C HIS B 176 -10.04 -15.14 7.38
N MET B 177 -10.50 -16.36 7.56
CA MET B 177 -10.50 -17.28 6.45
C MET B 177 -11.92 -17.56 5.95
N GLN B 178 -12.12 -17.56 4.64
CA GLN B 178 -13.45 -17.85 4.13
C GLN B 178 -13.35 -18.68 2.88
N THR B 179 -14.26 -19.65 2.77
CA THR B 179 -14.25 -20.56 1.65
C THR B 179 -15.55 -20.44 0.86
N TRP B 180 -15.44 -20.42 -0.47
CA TRP B 180 -16.61 -20.51 -1.34
C TRP B 180 -16.62 -21.83 -2.13
N LYS B 181 -17.78 -22.49 -2.13
CA LYS B 181 -17.94 -23.79 -2.76
C LYS B 181 -18.48 -23.70 -4.19
N THR B 182 -18.64 -22.48 -4.68
CA THR B 182 -19.18 -22.26 -6.03
C THR B 182 -18.42 -23.01 -7.14
N THR B 183 -17.12 -23.18 -6.98
CA THR B 183 -16.31 -23.84 -8.00
C THR B 183 -15.98 -25.29 -7.64
N HIS B 184 -16.67 -25.81 -6.62
CA HIS B 184 -16.43 -27.17 -6.18
C HIS B 184 -16.86 -28.18 -7.26
N GLU B 185 -16.13 -29.29 -7.32
CA GLU B 185 -16.37 -30.38 -8.27
C GLU B 185 -17.83 -30.75 -8.45
N GLY B 186 -18.56 -30.80 -7.35
CA GLY B 186 -19.95 -31.21 -7.37
C GLY B 186 -20.80 -30.37 -8.30
N LYS B 187 -20.35 -29.17 -8.62
CA LYS B 187 -21.09 -28.30 -9.53
C LYS B 187 -21.00 -28.77 -10.99
N LEU B 188 -20.07 -29.67 -11.29
CA LEU B 188 -19.94 -30.21 -12.63
C LEU B 188 -20.53 -31.60 -12.74
N HIS B 189 -21.43 -31.95 -11.83
CA HIS B 189 -22.08 -33.25 -11.89
C HIS B 189 -23.47 -33.16 -12.54
N PHE B 190 -23.65 -32.11 -13.34
CA PHE B 190 -24.92 -31.88 -14.05
C PHE B 190 -25.23 -33.00 -15.07
N PRO B 191 -26.51 -33.17 -15.44
CA PRO B 191 -26.82 -34.20 -16.44
C PRO B 191 -26.44 -33.76 -17.86
N GLU B 192 -26.13 -34.72 -18.71
CA GLU B 192 -25.72 -34.42 -20.09
C GLU B 192 -26.81 -33.65 -20.85
N SER B 193 -28.08 -33.89 -20.51
CA SER B 193 -29.18 -33.12 -21.07
C SER B 193 -29.11 -31.60 -20.84
N ASP B 194 -28.29 -31.14 -19.89
CA ASP B 194 -28.13 -29.70 -19.69
C ASP B 194 -27.62 -28.99 -20.94
N ILE B 195 -26.90 -29.70 -21.80
CA ILE B 195 -26.35 -29.13 -23.01
C ILE B 195 -27.46 -28.51 -23.88
N GLU B 196 -28.62 -29.16 -23.88
CA GLU B 196 -29.76 -28.72 -24.69
C GLU B 196 -30.66 -27.77 -23.91
N ASN B 197 -30.65 -27.86 -22.59
CA ASN B 197 -31.63 -27.16 -21.75
C ASN B 197 -31.13 -25.90 -21.08
N LEU B 198 -29.84 -25.88 -20.78
CA LEU B 198 -29.25 -24.76 -20.05
C LEU B 198 -28.04 -24.28 -20.81
N SER B 199 -28.14 -23.10 -21.40
CA SER B 199 -27.02 -22.57 -22.15
C SER B 199 -26.05 -21.83 -21.23
N THR B 200 -24.75 -21.95 -21.52
CA THR B 200 -23.73 -21.30 -20.70
C THR B 200 -23.60 -19.81 -21.02
N ILE B 201 -23.14 -19.01 -20.07
CA ILE B 201 -22.86 -17.61 -20.35
C ILE B 201 -21.60 -17.46 -21.21
N HIS B 202 -20.55 -18.22 -20.87
CA HIS B 202 -19.33 -18.18 -21.68
C HIS B 202 -19.50 -19.05 -22.93
N ASN B 203 -18.83 -18.63 -23.99
CA ASN B 203 -18.87 -19.31 -25.27
C ASN B 203 -17.97 -20.54 -25.26
N PRO B 204 -18.57 -21.73 -25.32
CA PRO B 204 -17.83 -23.00 -25.23
C PRO B 204 -17.12 -23.38 -26.53
N ASN B 205 -17.48 -22.71 -27.62
CA ASN B 205 -16.94 -23.00 -28.94
C ASN B 205 -15.50 -22.51 -29.13
N SER B 206 -15.10 -21.57 -28.30
CA SER B 206 -13.78 -20.95 -28.41
C SER B 206 -12.77 -21.54 -27.43
N VAL B 207 -13.29 -22.34 -26.49
CA VAL B 207 -12.48 -23.08 -25.53
C VAL B 207 -11.37 -23.88 -26.19
N GLU B 208 -10.15 -23.72 -25.70
CA GLU B 208 -9.02 -24.49 -26.18
C GLU B 208 -8.74 -25.59 -25.16
N LEU B 209 -9.16 -26.81 -25.48
CA LEU B 209 -9.17 -27.89 -24.50
C LEU B 209 -7.80 -28.40 -24.15
N ASP B 210 -7.65 -28.83 -22.90
CA ASP B 210 -6.51 -29.63 -22.49
C ASP B 210 -6.30 -30.78 -23.48
N PRO B 211 -5.04 -31.01 -23.90
CA PRO B 211 -4.70 -32.08 -24.86
C PRO B 211 -5.08 -33.50 -24.44
N ILE B 212 -5.15 -33.84 -23.15
CA ILE B 212 -5.60 -35.19 -22.80
C ILE B 212 -7.12 -35.36 -22.93
N HIS B 213 -7.84 -34.26 -23.18
CA HIS B 213 -9.29 -34.34 -23.30
C HIS B 213 -9.71 -34.59 -24.76
N PRO B 214 -10.79 -35.37 -24.95
CA PRO B 214 -11.34 -35.48 -26.30
C PRO B 214 -12.05 -34.18 -26.66
N ASN B 215 -11.97 -33.74 -27.91
CA ASN B 215 -12.58 -32.47 -28.31
C ASN B 215 -14.06 -32.64 -28.63
N THR B 216 -14.87 -32.80 -27.58
CA THR B 216 -16.30 -33.00 -27.76
C THR B 216 -17.11 -31.84 -27.21
N GLU B 217 -18.39 -31.83 -27.60
CA GLU B 217 -19.36 -30.83 -27.14
C GLU B 217 -19.50 -30.89 -25.62
N LEU B 218 -19.61 -32.09 -25.04
CA LEU B 218 -19.76 -32.21 -23.59
C LEU B 218 -18.55 -31.60 -22.86
N PHE B 219 -17.34 -31.91 -23.34
CA PHE B 219 -16.15 -31.34 -22.71
C PHE B 219 -16.06 -29.81 -22.86
N ARG B 220 -16.37 -29.29 -24.04
CA ARG B 220 -16.36 -27.83 -24.18
C ARG B 220 -17.51 -27.23 -23.34
N TYR B 221 -18.67 -27.87 -23.32
CA TYR B 221 -19.81 -27.37 -22.53
C TYR B 221 -19.44 -27.36 -21.04
N THR B 222 -18.90 -28.47 -20.55
CA THR B 222 -18.45 -28.57 -19.16
C THR B 222 -17.44 -27.45 -18.82
N TYR B 223 -16.49 -27.24 -19.71
CA TYR B 223 -15.48 -26.19 -19.53
C TYR B 223 -16.16 -24.84 -19.39
N ALA B 224 -17.17 -24.58 -20.24
CA ALA B 224 -17.86 -23.29 -20.22
C ALA B 224 -18.64 -23.12 -18.92
N ARG B 225 -19.28 -24.20 -18.47
CA ARG B 225 -19.93 -24.23 -17.17
C ARG B 225 -18.98 -23.82 -16.01
N TYR B 226 -17.73 -24.29 -16.09
CA TYR B 226 -16.77 -23.99 -15.02
C TYR B 226 -16.36 -22.53 -15.09
N LEU B 227 -16.21 -22.00 -16.31
CA LEU B 227 -15.99 -20.55 -16.49
C LEU B 227 -17.13 -19.73 -15.85
N ASP B 228 -18.38 -20.15 -16.06
CA ASP B 228 -19.54 -19.46 -15.51
C ASP B 228 -19.44 -19.36 -13.98
N LEU B 229 -19.05 -20.45 -13.35
CA LEU B 229 -18.92 -20.52 -11.91
C LEU B 229 -17.81 -19.60 -11.41
N HIS B 230 -16.81 -19.36 -12.25
CA HIS B 230 -15.78 -18.40 -11.88
C HIS B 230 -16.34 -16.97 -11.85
N LYS B 231 -17.12 -16.58 -12.86
CA LYS B 231 -17.71 -15.24 -12.88
C LYS B 231 -18.61 -15.09 -11.67
N LYS B 232 -19.33 -16.15 -11.30
CA LYS B 232 -20.22 -16.11 -10.14
C LYS B 232 -19.46 -15.99 -8.83
N VAL B 233 -18.41 -16.79 -8.66
CA VAL B 233 -17.68 -16.76 -7.40
C VAL B 233 -16.95 -15.42 -7.22
N ASP B 234 -16.63 -14.73 -8.32
CA ASP B 234 -15.99 -13.41 -8.20
C ASP B 234 -16.98 -12.44 -7.58
N LYS B 235 -18.24 -12.50 -8.01
CA LYS B 235 -19.27 -11.62 -7.47
C LYS B 235 -19.41 -11.89 -5.97
N GLU B 236 -19.47 -13.17 -5.58
CA GLU B 236 -19.60 -13.54 -4.19
C GLU B 236 -18.45 -13.04 -3.32
N MET B 237 -17.21 -13.21 -3.77
CA MET B 237 -16.08 -12.77 -2.97
C MET B 237 -16.04 -11.26 -2.91
N GLY B 238 -16.62 -10.63 -3.92
CA GLY B 238 -16.68 -9.18 -3.99
C GLY B 238 -17.41 -8.59 -2.80
N VAL B 239 -18.33 -9.36 -2.26
CA VAL B 239 -19.09 -8.93 -1.08
C VAL B 239 -18.19 -8.72 0.12
N VAL B 240 -17.25 -9.64 0.33
CA VAL B 240 -16.38 -9.54 1.47
C VAL B 240 -15.33 -8.46 1.23
N ILE B 241 -14.76 -8.43 0.04
CA ILE B 241 -13.80 -7.39 -0.33
C ILE B 241 -14.41 -5.99 -0.15
N ASN B 242 -15.64 -5.81 -0.62
CA ASN B 242 -16.30 -4.50 -0.48
C ASN B 242 -16.59 -4.10 0.97
N GLN B 243 -16.91 -5.07 1.82
CA GLN B 243 -17.01 -4.79 3.26
C GLN B 243 -15.70 -4.26 3.83
N LEU B 244 -14.58 -4.91 3.46
CA LEU B 244 -13.27 -4.50 3.94
C LEU B 244 -12.98 -3.09 3.47
N LYS B 245 -13.35 -2.82 2.23
CA LYS B 245 -13.20 -1.48 1.66
C LYS B 245 -14.04 -0.44 2.42
N GLU B 246 -15.32 -0.72 2.63
CA GLU B 246 -16.20 0.31 3.20
C GLU B 246 -15.83 0.59 4.65
N GLU B 247 -15.16 -0.37 5.29
CA GLU B 247 -14.75 -0.22 6.69
C GLU B 247 -13.33 0.35 6.83
N GLY B 248 -12.66 0.55 5.71
CA GLY B 248 -11.32 1.14 5.69
C GLY B 248 -10.24 0.22 6.24
N LEU B 249 -10.34 -1.06 5.96
CA LEU B 249 -9.38 -2.03 6.48
C LEU B 249 -8.40 -2.50 5.41
N LEU B 250 -8.59 -2.02 4.18
CA LEU B 250 -7.81 -2.49 3.03
C LEU B 250 -6.32 -2.27 3.20
N GLU B 251 -5.96 -1.11 3.74
CA GLU B 251 -4.55 -0.75 3.82
C GLU B 251 -3.87 -1.20 5.12
N ASP B 252 -4.61 -1.89 5.98
CA ASP B 252 -4.02 -2.60 7.12
C ASP B 252 -4.06 -4.13 6.94
N THR B 253 -4.52 -4.60 5.79
CA THR B 253 -4.81 -6.01 5.63
C THR B 253 -4.15 -6.63 4.37
N PHE B 254 -3.42 -7.73 4.54
CA PHE B 254 -3.00 -8.54 3.39
C PHE B 254 -4.17 -9.38 2.96
N ILE B 255 -4.54 -9.28 1.69
CA ILE B 255 -5.66 -10.06 1.21
C ILE B 255 -5.16 -11.05 0.16
N PHE B 256 -5.23 -12.33 0.52
CA PHE B 256 -4.84 -13.43 -0.36
C PHE B 256 -6.09 -14.00 -1.06
N TYR B 257 -6.05 -14.16 -2.37
CA TYR B 257 -7.04 -15.00 -3.04
C TYR B 257 -6.34 -16.21 -3.70
N PHE B 258 -6.90 -17.41 -3.50
CA PHE B 258 -6.37 -18.62 -4.13
C PHE B 258 -7.36 -19.77 -4.16
N GLY B 259 -7.10 -20.74 -5.04
CA GLY B 259 -7.86 -21.98 -5.07
C GLY B 259 -7.23 -22.93 -4.07
N ASP B 260 -7.99 -23.89 -3.54
CA ASP B 260 -7.41 -24.77 -2.52
C ASP B 260 -6.72 -26.02 -3.10
N HIS B 261 -6.70 -26.12 -4.42
CA HIS B 261 -5.85 -27.08 -5.19
C HIS B 261 -6.32 -27.01 -6.63
N GLY B 262 -5.60 -27.68 -7.54
CA GLY B 262 -5.96 -27.61 -8.94
C GLY B 262 -7.22 -28.41 -9.27
N GLY B 263 -7.89 -28.05 -10.35
CA GLY B 263 -9.07 -28.75 -10.82
C GLY B 263 -9.93 -27.87 -11.71
N VAL B 264 -11.06 -28.38 -12.17
CA VAL B 264 -11.61 -29.62 -11.67
C VAL B 264 -12.26 -30.43 -12.81
N LEU B 265 -11.79 -30.16 -14.02
CA LEU B 265 -12.17 -30.99 -15.16
C LEU B 265 -11.42 -32.33 -15.07
N PRO B 266 -11.80 -33.33 -15.88
CA PRO B 266 -11.21 -34.66 -15.69
C PRO B 266 -9.68 -34.67 -15.77
N GLY B 267 -9.04 -35.52 -14.95
CA GLY B 267 -7.60 -35.67 -15.00
C GLY B 267 -6.84 -34.70 -14.12
N SER B 268 -7.54 -33.96 -13.26
CA SER B 268 -6.91 -32.88 -12.50
C SER B 268 -6.94 -33.18 -11.00
N LYS B 269 -8.03 -32.78 -10.35
CA LYS B 269 -8.25 -33.10 -8.95
C LYS B 269 -8.11 -34.61 -8.73
N GLY B 270 -7.33 -34.98 -7.69
CA GLY B 270 -7.04 -36.37 -7.43
C GLY B 270 -5.74 -36.90 -8.07
N PHE B 271 -5.02 -36.05 -8.78
CA PHE B 271 -3.80 -36.49 -9.45
C PHE B 271 -2.69 -35.44 -9.30
N VAL B 272 -1.44 -35.87 -9.34
CA VAL B 272 -0.36 -34.91 -9.09
C VAL B 272 0.34 -34.48 -10.39
N SER B 273 -0.38 -34.53 -11.50
CA SER B 273 0.05 -33.77 -12.67
C SER B 273 -0.13 -32.30 -12.28
N GLU B 274 0.46 -31.38 -13.04
CA GLU B 274 0.31 -29.95 -12.72
C GLU B 274 -1.16 -29.53 -12.68
N ARG B 275 -2.01 -30.26 -13.40
CA ARG B 275 -3.44 -30.00 -13.38
C ARG B 275 -4.03 -30.05 -11.97
N GLY B 276 -3.55 -30.97 -11.14
CA GLY B 276 -4.12 -31.13 -9.81
C GLY B 276 -3.58 -30.14 -8.78
N LEU B 277 -2.55 -29.38 -9.16
CA LEU B 277 -1.75 -28.64 -8.20
C LEU B 277 -1.75 -27.12 -8.41
N ASN B 278 -1.80 -26.69 -9.66
CA ASN B 278 -1.65 -25.27 -9.94
C ASN B 278 -2.93 -24.51 -9.53
N VAL B 279 -2.75 -23.38 -8.86
CA VAL B 279 -3.87 -22.56 -8.42
C VAL B 279 -3.56 -21.10 -8.68
N PRO B 280 -4.60 -20.27 -8.85
CA PRO B 280 -4.38 -18.82 -8.87
C PRO B 280 -3.94 -18.36 -7.48
N LEU B 281 -3.18 -17.28 -7.41
CA LEU B 281 -2.80 -16.71 -6.11
C LEU B 281 -2.54 -15.24 -6.32
N VAL B 282 -3.32 -14.42 -5.62
CA VAL B 282 -3.24 -12.99 -5.71
C VAL B 282 -3.16 -12.43 -4.30
N VAL B 283 -2.24 -11.50 -4.06
CA VAL B 283 -2.11 -10.91 -2.74
C VAL B 283 -2.13 -9.39 -2.84
N ARG B 284 -3.20 -8.76 -2.33
CA ARG B 284 -3.23 -7.31 -2.29
C ARG B 284 -2.41 -6.81 -1.11
N VAL B 285 -1.42 -5.98 -1.40
CA VAL B 285 -0.49 -5.54 -0.36
C VAL B 285 -0.94 -4.22 0.28
N PRO B 286 -1.19 -4.24 1.59
CA PRO B 286 -1.67 -3.07 2.33
C PRO B 286 -0.63 -1.95 2.43
N LYS B 287 -0.99 -0.73 2.04
CA LYS B 287 -0.10 0.43 2.16
C LYS B 287 0.61 0.53 3.53
N ASN B 288 -0.14 0.41 4.63
CA ASN B 288 0.45 0.68 5.95
C ASN B 288 1.44 -0.38 6.46
N PHE B 289 1.55 -1.51 5.77
CA PHE B 289 2.55 -2.50 6.16
C PHE B 289 3.47 -2.86 5.00
N ARG B 290 3.74 -1.90 4.14
CA ARG B 290 4.73 -2.10 3.09
C ARG B 290 6.11 -2.20 3.71
N HIS B 291 6.29 -1.57 4.87
CA HIS B 291 7.59 -1.53 5.52
C HIS B 291 8.06 -2.94 5.92
N LEU B 292 7.14 -3.90 5.94
CA LEU B 292 7.48 -5.29 6.27
C LEU B 292 8.06 -6.04 5.08
N LEU B 293 7.98 -5.41 3.91
CA LEU B 293 8.33 -6.07 2.68
C LEU B 293 9.56 -5.45 2.03
N HIS B 294 10.20 -6.25 1.20
CA HIS B 294 11.25 -5.77 0.34
C HIS B 294 10.59 -4.87 -0.70
N LYS B 295 11.26 -3.76 -1.05
CA LYS B 295 10.73 -2.81 -2.04
C LYS B 295 10.14 -3.51 -3.27
N ASP B 296 10.78 -4.58 -3.76
CA ASP B 296 10.28 -5.31 -4.93
C ASP B 296 8.93 -5.95 -4.71
N LEU B 297 8.59 -6.22 -3.46
CA LEU B 297 7.36 -6.95 -3.15
C LEU B 297 6.23 -6.03 -2.72
N GLN B 298 6.45 -4.72 -2.76
CA GLN B 298 5.48 -3.79 -2.16
C GLN B 298 4.26 -3.50 -3.06
N ALA B 299 4.30 -3.97 -4.30
CA ALA B 299 3.18 -3.82 -5.23
C ALA B 299 2.76 -2.36 -5.40
N LYS B 300 3.74 -1.47 -5.47
CA LYS B 300 3.46 -0.06 -5.77
C LYS B 300 3.02 0.05 -7.23
N LEU B 301 3.55 -0.85 -8.05
CA LEU B 301 3.01 -1.13 -9.37
C LEU B 301 2.57 -2.60 -9.38
N SER B 302 1.70 -2.98 -10.33
CA SER B 302 1.24 -4.37 -10.33
C SER B 302 2.41 -5.24 -10.73
N THR B 303 2.55 -6.37 -10.04
CA THR B 303 3.76 -7.16 -10.14
C THR B 303 3.43 -8.63 -10.35
N ARG B 304 4.12 -9.26 -11.31
CA ARG B 304 3.99 -10.70 -11.54
C ARG B 304 5.15 -11.43 -10.86
N VAL B 305 4.85 -12.50 -10.14
CA VAL B 305 5.88 -13.31 -9.50
C VAL B 305 5.92 -14.66 -10.20
N ASP B 306 7.08 -15.05 -10.71
CA ASP B 306 7.18 -16.30 -11.49
C ASP B 306 7.74 -17.47 -10.69
N GLY B 307 8.34 -17.21 -9.54
CA GLY B 307 8.87 -18.29 -8.75
C GLY B 307 7.81 -19.24 -8.20
N VAL B 308 8.20 -20.50 -8.01
CA VAL B 308 7.27 -21.49 -7.49
C VAL B 308 6.96 -21.27 -6.00
N ILE B 309 5.67 -21.07 -5.71
CA ILE B 309 5.15 -20.94 -4.35
C ILE B 309 4.37 -22.21 -4.04
N SER B 310 4.63 -22.82 -2.89
CA SER B 310 3.94 -24.04 -2.51
C SER B 310 3.05 -23.79 -1.28
N PHE B 311 2.06 -24.66 -1.05
CA PHE B 311 1.13 -24.50 0.08
C PHE B 311 1.80 -24.63 1.46
N ILE B 312 2.93 -25.36 1.55
CA ILE B 312 3.70 -25.40 2.80
C ILE B 312 4.28 -24.04 3.15
N ASP B 313 4.32 -23.14 2.17
CA ASP B 313 4.93 -21.81 2.39
C ASP B 313 3.97 -20.77 3.01
N PHE B 314 2.68 -21.08 3.05
CA PHE B 314 1.66 -20.08 3.41
C PHE B 314 1.69 -19.73 4.88
N ALA B 315 1.73 -20.75 5.75
CA ALA B 315 1.78 -20.52 7.18
C ALA B 315 3.08 -19.81 7.61
N PRO B 316 4.27 -20.28 7.15
CA PRO B 316 5.48 -19.53 7.48
C PRO B 316 5.42 -18.06 7.07
N THR B 317 4.80 -17.79 5.92
CA THR B 317 4.60 -16.41 5.46
C THR B 317 3.82 -15.55 6.47
N LEU B 318 2.70 -16.06 6.96
CA LEU B 318 1.90 -15.32 7.96
C LEU B 318 2.65 -15.16 9.29
N LEU B 319 3.40 -16.17 9.70
CA LEU B 319 4.14 -16.06 10.94
C LEU B 319 5.17 -14.92 10.83
N GLU B 320 5.89 -14.86 9.72
CA GLU B 320 6.88 -13.80 9.56
C GLU B 320 6.22 -12.42 9.55
N LEU B 321 5.13 -12.26 8.82
CA LEU B 321 4.45 -10.96 8.73
C LEU B 321 3.83 -10.57 10.08
N ALA B 322 3.53 -11.54 10.93
CA ALA B 322 2.99 -11.22 12.26
C ALA B 322 4.10 -10.97 13.27
N GLY B 323 5.36 -11.17 12.86
CA GLY B 323 6.47 -10.95 13.76
C GLY B 323 6.73 -12.15 14.66
N LEU B 324 6.36 -13.34 14.18
CA LEU B 324 6.49 -14.55 14.98
C LEU B 324 7.55 -15.48 14.39
N PRO B 325 8.11 -16.38 15.22
CA PRO B 325 9.14 -17.29 14.73
C PRO B 325 8.56 -18.46 13.93
N LYS B 326 9.36 -19.03 13.03
CA LYS B 326 8.89 -20.17 12.25
C LYS B 326 8.77 -21.36 13.20
N SER B 327 7.83 -22.28 12.93
CA SER B 327 7.74 -23.49 13.75
C SER B 327 8.95 -24.38 13.46
N LYS B 328 9.45 -25.06 14.49
CA LYS B 328 10.63 -25.91 14.32
C LYS B 328 10.35 -27.18 13.51
N LEU B 329 9.09 -27.43 13.20
CA LEU B 329 8.77 -28.64 12.45
C LEU B 329 8.15 -28.32 11.08
N GLN B 330 8.10 -27.03 10.73
CA GLN B 330 7.52 -26.65 9.44
C GLN B 330 8.48 -26.90 8.28
N ASP B 331 7.90 -27.11 7.11
CA ASP B 331 8.68 -27.47 5.93
C ASP B 331 8.80 -26.30 4.99
N GLY B 332 7.85 -25.36 5.08
CA GLY B 332 7.80 -24.25 4.14
C GLY B 332 8.66 -23.09 4.57
N GLU B 333 8.73 -22.09 3.71
CA GLU B 333 9.47 -20.86 3.98
C GLU B 333 8.67 -19.71 3.42
N SER B 334 8.59 -18.64 4.19
CA SER B 334 7.88 -17.44 3.82
C SER B 334 8.30 -16.91 2.45
N PHE B 335 7.32 -16.44 1.68
CA PHE B 335 7.60 -15.83 0.39
C PHE B 335 7.34 -14.33 0.44
N LEU B 336 7.03 -13.81 1.62
CA LEU B 336 6.86 -12.38 1.83
C LEU B 336 7.74 -11.94 3.00
N SER B 337 8.73 -11.11 2.73
CA SER B 337 9.76 -10.88 3.73
C SER B 337 10.48 -9.55 3.51
N LYS B 338 11.14 -9.05 4.55
CA LYS B 338 11.90 -7.81 4.42
C LYS B 338 13.06 -7.93 3.44
N ASN B 339 13.70 -9.09 3.42
CA ASN B 339 14.99 -9.21 2.74
C ASN B 339 14.95 -10.06 1.47
N LEU B 340 13.75 -10.48 1.08
CA LEU B 340 13.56 -11.29 -0.12
C LEU B 340 13.19 -10.46 -1.34
N SER B 341 14.12 -10.30 -2.27
CA SER B 341 13.86 -9.56 -3.50
C SER B 341 13.02 -10.38 -4.46
N LEU B 342 12.62 -9.76 -5.56
CA LEU B 342 11.80 -10.45 -6.54
C LEU B 342 12.67 -11.48 -7.27
N ASP B 343 13.93 -11.15 -7.49
CA ASP B 343 14.86 -12.11 -8.07
C ASP B 343 15.01 -13.35 -7.23
N ASP B 344 15.12 -13.17 -5.91
CA ASP B 344 15.32 -14.28 -4.99
C ASP B 344 14.08 -15.16 -5.01
N LEU B 345 12.94 -14.50 -5.04
CA LEU B 345 11.67 -15.21 -5.08
C LEU B 345 11.55 -15.97 -6.39
N ASN B 346 11.88 -15.30 -7.49
CA ASN B 346 11.84 -15.92 -8.81
C ASN B 346 12.84 -17.06 -9.01
N LYS B 347 13.81 -17.18 -8.11
CA LYS B 347 14.74 -18.31 -8.19
C LYS B 347 14.12 -19.60 -7.64
N ARG B 348 13.13 -19.49 -6.76
CA ARG B 348 12.48 -20.70 -6.22
C ARG B 348 11.83 -21.49 -7.34
N ASN B 349 12.01 -22.81 -7.38
CA ASN B 349 11.51 -23.57 -8.52
C ASN B 349 11.24 -25.05 -8.20
N THR B 350 10.79 -25.31 -6.98
CA THR B 350 10.68 -26.67 -6.42
C THR B 350 9.30 -26.94 -5.88
N ASN B 351 8.68 -28.04 -6.30
CA ASN B 351 7.46 -28.48 -5.64
C ASN B 351 7.41 -29.98 -5.50
N PHE B 352 7.17 -30.45 -4.28
CA PHE B 352 6.93 -31.87 -4.02
C PHE B 352 5.44 -32.13 -3.81
N SER B 353 4.90 -33.14 -4.48
CA SER B 353 3.47 -33.37 -4.42
C SER B 353 3.18 -34.83 -4.12
N PHE B 354 2.03 -35.06 -3.49
CA PHE B 354 1.67 -36.35 -2.91
C PHE B 354 0.22 -36.77 -3.23
N ALA B 355 0.03 -38.05 -3.57
CA ALA B 355 -1.28 -38.63 -3.79
C ALA B 355 -1.33 -40.01 -3.16
N ASP B 356 -2.28 -40.25 -2.25
CA ASP B 356 -2.43 -41.60 -1.69
C ASP B 356 -3.87 -42.14 -1.72
N ARG B 357 -4.80 -41.63 -0.92
CA ARG B 357 -6.18 -42.09 -1.04
C ARG B 357 -7.13 -40.94 -1.34
N PHE B 358 -8.11 -41.19 -2.20
CA PHE B 358 -9.20 -40.23 -2.41
C PHE B 358 -10.54 -40.94 -2.36
N ASP B 359 -11.29 -40.65 -1.29
CA ASP B 359 -12.48 -41.43 -0.96
C ASP B 359 -12.09 -42.92 -0.89
N GLU B 360 -12.68 -43.76 -1.74
CA GLU B 360 -12.42 -45.19 -1.67
C GLU B 360 -11.22 -45.63 -2.52
N LYS B 361 -10.69 -44.74 -3.34
CA LYS B 361 -9.63 -45.09 -4.30
C LYS B 361 -8.20 -44.81 -3.80
N TYR B 362 -7.38 -45.85 -3.68
CA TYR B 362 -5.93 -45.72 -3.38
C TYR B 362 -5.09 -45.73 -4.65
N ASP B 363 -4.00 -44.97 -4.63
CA ASP B 363 -2.88 -45.15 -5.56
C ASP B 363 -1.74 -44.37 -4.95
N MET B 364 -0.50 -44.76 -5.19
CA MET B 364 0.58 -44.02 -4.55
C MET B 364 1.43 -43.39 -5.61
N VAL B 365 1.43 -42.08 -5.63
CA VAL B 365 2.14 -41.34 -6.65
C VAL B 365 2.86 -40.20 -5.96
N ARG B 366 4.05 -39.87 -6.45
CA ARG B 366 4.79 -38.71 -5.95
C ARG B 366 5.22 -37.87 -7.14
N GLY B 367 5.08 -36.54 -7.02
CA GLY B 367 5.55 -35.63 -8.05
C GLY B 367 6.71 -34.76 -7.54
N PHE B 368 7.68 -34.53 -8.42
CA PHE B 368 8.86 -33.73 -8.07
C PHE B 368 9.10 -32.75 -9.22
N ARG B 369 8.75 -31.48 -9.00
CA ARG B 369 9.02 -30.49 -10.01
C ARG B 369 10.27 -29.71 -9.63
N LYS B 370 11.23 -29.61 -10.55
CA LYS B 370 12.45 -28.84 -10.31
C LYS B 370 12.83 -28.06 -11.59
N GLY B 371 12.92 -26.75 -11.45
CA GLY B 371 13.18 -25.89 -12.61
C GLY B 371 12.15 -26.11 -13.72
N LYS B 372 12.63 -26.38 -14.92
CA LYS B 372 11.75 -26.68 -16.05
C LYS B 372 11.32 -28.14 -16.13
N TYR B 373 11.78 -28.96 -15.19
CA TYR B 373 11.44 -30.37 -15.26
C TYR B 373 10.41 -30.83 -14.23
N LYS B 374 9.56 -31.75 -14.66
CA LYS B 374 8.59 -32.41 -13.79
C LYS B 374 8.81 -33.92 -13.80
N TYR B 375 9.04 -34.50 -12.62
CA TYR B 375 9.28 -35.93 -12.48
C TYR B 375 8.13 -36.57 -11.71
N ILE B 376 7.69 -37.71 -12.19
CA ILE B 376 6.55 -38.41 -11.61
C ILE B 376 6.97 -39.85 -11.29
N ARG B 377 6.76 -40.26 -10.04
CA ARG B 377 7.06 -41.64 -9.66
C ARG B 377 5.75 -42.37 -9.32
N ASN B 378 5.44 -43.42 -10.10
CA ASN B 378 4.24 -44.23 -9.90
C ASN B 378 4.64 -45.54 -9.22
N TYR B 379 4.39 -45.67 -7.92
CA TYR B 379 4.94 -46.80 -7.18
C TYR B 379 4.12 -48.04 -7.45
N LEU B 380 2.89 -47.83 -7.90
CA LEU B 380 1.94 -48.92 -8.18
C LEU B 380 1.44 -48.74 -9.62
N PRO B 381 2.34 -48.93 -10.60
CA PRO B 381 2.07 -48.53 -11.99
C PRO B 381 0.95 -49.36 -12.66
N PHE B 382 0.58 -50.49 -12.06
CA PHE B 382 -0.48 -51.33 -12.58
C PHE B 382 -1.87 -50.76 -12.23
N ASN B 383 -1.91 -49.72 -11.41
CA ASN B 383 -3.15 -48.94 -11.19
C ASN B 383 -3.30 -47.77 -12.18
N PRO B 384 -4.15 -47.94 -13.20
CA PRO B 384 -4.33 -46.79 -14.09
C PRO B 384 -4.97 -45.62 -13.34
N ASP B 385 -4.64 -44.40 -13.73
CA ASP B 385 -5.20 -43.21 -13.11
C ASP B 385 -6.72 -43.25 -13.19
N GLY B 386 -7.24 -43.83 -14.26
CA GLY B 386 -8.67 -43.99 -14.43
C GLY B 386 -9.35 -45.03 -13.56
N LEU B 387 -8.58 -45.70 -12.71
CA LEU B 387 -9.11 -46.67 -11.74
C LEU B 387 -10.35 -46.08 -11.08
N PHE B 388 -11.42 -46.85 -10.98
CA PHE B 388 -12.72 -46.27 -10.68
C PHE B 388 -12.84 -45.59 -9.32
N SER B 389 -13.44 -44.42 -9.34
CA SER B 389 -13.79 -43.66 -8.16
C SER B 389 -15.18 -43.09 -8.37
N SER B 390 -16.06 -43.28 -7.39
CA SER B 390 -17.47 -42.99 -7.58
C SER B 390 -17.77 -41.49 -7.76
N TYR B 391 -17.10 -40.65 -7.00
CA TYR B 391 -17.40 -39.23 -7.07
C TYR B 391 -16.84 -38.61 -8.35
N ARG B 392 -15.62 -38.98 -8.77
CA ARG B 392 -15.05 -38.53 -10.05
C ARG B 392 -16.06 -38.72 -11.18
N TYR B 393 -16.54 -39.96 -11.32
CA TYR B 393 -17.31 -40.37 -12.49
C TYR B 393 -18.77 -39.92 -12.47
N LYS B 394 -19.14 -39.13 -11.44
CA LYS B 394 -20.41 -38.41 -11.45
C LYS B 394 -20.34 -37.19 -12.39
N GLN B 395 -19.14 -36.86 -12.87
CA GLN B 395 -19.00 -35.82 -13.89
C GLN B 395 -19.20 -36.50 -15.24
N ALA B 396 -20.20 -36.03 -15.99
CA ALA B 396 -20.53 -36.63 -17.29
C ALA B 396 -19.30 -36.73 -18.21
N ALA B 397 -18.50 -35.68 -18.26
CA ALA B 397 -17.30 -35.67 -19.11
C ALA B 397 -16.36 -36.84 -18.77
N TYR B 398 -16.21 -37.15 -17.48
CA TYR B 398 -15.47 -38.36 -17.08
C TYR B 398 -16.00 -39.64 -17.71
N ARG B 399 -17.31 -39.86 -17.65
CA ARG B 399 -17.90 -41.08 -18.23
C ARG B 399 -17.72 -41.11 -19.76
N GLU B 400 -17.85 -39.97 -20.43
CA GLU B 400 -17.67 -39.92 -21.89
C GLU B 400 -16.22 -40.27 -22.28
N TRP B 401 -15.28 -39.66 -21.56
CA TRP B 401 -13.86 -39.97 -21.73
C TRP B 401 -13.57 -41.48 -21.68
N LYS B 402 -14.11 -42.13 -20.65
CA LYS B 402 -13.89 -43.56 -20.43
C LYS B 402 -14.56 -44.34 -21.55
N HIS B 403 -15.78 -43.93 -21.91
CA HIS B 403 -16.50 -44.56 -23.03
C HIS B 403 -15.68 -44.46 -24.32
N LEU B 404 -15.13 -43.29 -24.61
CA LEU B 404 -14.35 -43.14 -25.83
C LEU B 404 -13.05 -43.97 -25.75
N PHE B 405 -12.50 -44.13 -24.55
CA PHE B 405 -11.33 -44.99 -24.42
C PHE B 405 -11.71 -46.42 -24.80
N LYS B 406 -12.77 -46.96 -24.19
CA LYS B 406 -13.20 -48.33 -24.46
C LYS B 406 -13.61 -48.52 -25.93
N ALA B 407 -14.05 -47.45 -26.59
CA ALA B 407 -14.46 -47.54 -27.99
C ALA B 407 -13.27 -47.34 -28.92
N ASN B 408 -12.08 -47.25 -28.31
CA ASN B 408 -10.85 -47.02 -29.04
C ASN B 408 -10.92 -45.79 -29.95
N LYS B 409 -11.55 -44.74 -29.43
CA LYS B 409 -11.70 -43.51 -30.20
C LYS B 409 -10.74 -42.40 -29.73
N LEU B 410 -9.76 -42.74 -28.90
CA LEU B 410 -8.83 -41.71 -28.37
C LEU B 410 -7.42 -41.84 -28.91
N ASN B 411 -6.70 -40.73 -29.05
CA ASN B 411 -5.28 -40.82 -29.41
C ASN B 411 -4.49 -41.22 -28.15
N SER B 412 -3.17 -41.42 -28.29
CA SER B 412 -2.38 -41.96 -27.17
C SER B 412 -2.21 -40.93 -26.05
N VAL B 413 -2.15 -39.65 -26.38
CA VAL B 413 -2.07 -38.63 -25.32
C VAL B 413 -3.34 -38.63 -24.46
N GLN B 414 -4.48 -38.76 -25.13
CA GLN B 414 -5.78 -38.73 -24.49
C GLN B 414 -6.10 -40.02 -23.72
N SER B 415 -5.55 -41.14 -24.18
CA SER B 415 -5.90 -42.44 -23.59
C SER B 415 -4.95 -42.92 -22.49
N ALA B 416 -3.84 -42.23 -22.26
CA ALA B 416 -2.87 -42.71 -21.26
C ALA B 416 -3.49 -42.77 -19.86
N PHE B 417 -4.40 -41.83 -19.58
CA PHE B 417 -5.10 -41.76 -18.29
C PHE B 417 -5.72 -43.10 -17.90
N PHE B 418 -6.16 -43.87 -18.90
CA PHE B 418 -6.81 -45.14 -18.61
C PHE B 418 -5.90 -46.36 -18.69
N LYS B 419 -4.62 -46.15 -18.99
CA LYS B 419 -3.71 -47.27 -19.20
C LYS B 419 -2.76 -47.48 -18.03
N ARG B 420 -2.15 -48.66 -18.00
CA ARG B 420 -1.05 -48.97 -17.09
C ARG B 420 -0.03 -47.85 -17.18
N LYS B 421 0.54 -47.45 -16.04
CA LYS B 421 1.47 -46.31 -16.02
C LYS B 421 2.92 -46.72 -16.22
N PRO B 422 3.76 -45.81 -16.73
CA PRO B 422 5.20 -46.06 -16.60
C PRO B 422 5.61 -45.90 -15.14
N LEU B 423 6.75 -46.47 -14.79
CA LEU B 423 7.20 -46.41 -13.39
C LEU B 423 7.69 -45.01 -13.05
N GLU B 424 8.17 -44.31 -14.08
CA GLU B 424 8.67 -42.94 -13.95
C GLU B 424 8.24 -42.13 -15.16
N ALA B 425 7.95 -40.85 -14.95
CA ALA B 425 7.75 -39.98 -16.08
C ALA B 425 8.58 -38.70 -15.87
N LEU B 426 9.04 -38.12 -16.99
CA LEU B 426 9.82 -36.90 -16.98
C LEU B 426 9.28 -36.01 -18.07
N TYR B 427 8.99 -34.75 -17.73
CA TYR B 427 8.41 -33.80 -18.68
C TYR B 427 9.17 -32.49 -18.63
N ASP B 428 9.45 -31.93 -19.81
CA ASP B 428 9.96 -30.57 -19.91
C ASP B 428 8.77 -29.60 -19.92
N LEU B 429 8.51 -28.94 -18.79
CA LEU B 429 7.33 -28.08 -18.67
C LEU B 429 7.40 -26.82 -19.55
N GLU B 430 8.57 -26.49 -20.09
CA GLU B 430 8.69 -25.32 -20.98
C GLU B 430 8.24 -25.68 -22.38
N GLN B 431 8.61 -26.87 -22.82
CA GLN B 431 8.22 -27.33 -24.14
C GLN B 431 6.87 -28.05 -24.13
N ASP B 432 6.49 -28.54 -22.96
CA ASP B 432 5.41 -29.49 -22.82
C ASP B 432 4.71 -29.27 -21.49
N PRO B 433 4.00 -28.13 -21.35
CA PRO B 433 3.44 -27.76 -20.06
C PRO B 433 2.24 -28.62 -19.66
N PHE B 434 1.73 -29.41 -20.58
CA PHE B 434 0.63 -30.31 -20.28
C PHE B 434 1.09 -31.75 -20.04
N GLU B 435 2.40 -31.96 -19.99
CA GLU B 435 2.95 -33.25 -19.56
C GLU B 435 2.48 -34.40 -20.45
N THR B 436 2.64 -34.23 -21.76
CA THR B 436 2.13 -35.20 -22.74
C THR B 436 3.20 -36.11 -23.33
N LYS B 437 4.46 -35.67 -23.29
CA LYS B 437 5.56 -36.44 -23.88
C LYS B 437 6.53 -36.90 -22.82
N ASN B 438 6.46 -38.18 -22.44
CA ASN B 438 7.31 -38.73 -21.40
C ASN B 438 8.74 -38.88 -21.90
N LEU B 439 9.65 -38.08 -21.37
CA LEU B 439 11.04 -38.10 -21.82
C LEU B 439 11.87 -39.20 -21.16
N ALA B 440 11.31 -39.87 -20.16
CA ALA B 440 12.12 -40.65 -19.21
C ALA B 440 12.89 -41.80 -19.81
N LEU B 441 12.44 -42.34 -20.93
CA LEU B 441 13.13 -43.47 -21.53
C LEU B 441 14.11 -43.05 -22.63
N LEU B 442 14.01 -41.81 -23.09
CA LEU B 442 14.94 -41.30 -24.10
C LEU B 442 16.36 -41.23 -23.54
N PRO B 443 17.32 -41.82 -24.26
CA PRO B 443 18.72 -41.86 -23.78
C PRO B 443 19.29 -40.48 -23.44
N GLN B 444 18.98 -39.44 -24.21
CA GLN B 444 19.60 -38.16 -23.94
C GLN B 444 19.12 -37.56 -22.60
N TYR B 445 18.07 -38.13 -22.01
CA TYR B 445 17.56 -37.65 -20.73
C TYR B 445 17.87 -38.59 -19.53
N THR B 446 18.70 -39.60 -19.77
CA THR B 446 19.09 -40.53 -18.73
C THR B 446 19.60 -39.86 -17.46
N GLU B 447 20.57 -38.94 -17.59
CA GLU B 447 21.13 -38.26 -16.42
C GLU B 447 20.06 -37.46 -15.66
N GLN B 448 19.18 -36.76 -16.38
CA GLN B 448 18.10 -35.98 -15.73
C GLN B 448 17.17 -36.89 -14.92
N VAL B 449 16.78 -38.03 -15.52
CA VAL B 449 15.96 -39.02 -14.84
C VAL B 449 16.65 -39.54 -13.57
N ILE B 450 17.88 -39.97 -13.72
CA ILE B 450 18.68 -40.45 -12.60
C ILE B 450 18.81 -39.38 -11.50
N LYS B 451 19.05 -38.13 -11.87
CA LYS B 451 19.24 -37.11 -10.82
C LYS B 451 17.93 -36.82 -10.04
N MET B 452 16.83 -36.71 -10.77
CA MET B 452 15.56 -36.36 -10.12
C MET B 452 15.01 -37.52 -9.29
N ARG B 453 15.22 -38.73 -9.78
CA ARG B 453 14.96 -39.93 -9.02
C ARG B 453 15.70 -39.85 -7.68
N ALA B 454 16.98 -39.48 -7.73
CA ALA B 454 17.79 -39.36 -6.51
C ALA B 454 17.24 -38.24 -5.62
N GLY B 455 16.91 -37.11 -6.23
CA GLY B 455 16.35 -35.98 -5.48
C GLY B 455 15.08 -36.36 -4.74
N LEU B 456 14.22 -37.15 -5.39
CA LEU B 456 12.96 -37.56 -4.78
C LEU B 456 13.20 -38.54 -3.64
N GLN B 457 14.00 -39.57 -3.93
CA GLN B 457 14.32 -40.60 -2.94
C GLN B 457 14.86 -39.96 -1.66
N LYS B 458 15.78 -39.00 -1.80
CA LYS B 458 16.34 -38.37 -0.60
C LYS B 458 15.29 -37.58 0.18
N LYS B 459 14.41 -36.88 -0.54
CA LYS B 459 13.35 -36.12 0.10
C LYS B 459 12.41 -37.01 0.91
N LEU B 460 11.95 -38.10 0.31
CA LEU B 460 10.97 -38.99 0.93
C LEU B 460 11.58 -39.78 2.10
N GLN B 461 12.85 -40.15 1.97
CA GLN B 461 13.54 -40.82 3.06
C GLN B 461 13.79 -39.85 4.21
N SER B 462 14.13 -38.59 3.90
CA SER B 462 14.56 -37.67 4.94
C SER B 462 13.38 -37.01 5.66
N MET B 463 12.20 -37.00 5.04
CA MET B 463 11.03 -36.36 5.65
C MET B 463 10.74 -36.93 7.04
N PRO B 464 10.60 -38.28 7.20
CA PRO B 464 10.40 -39.36 6.22
C PRO B 464 8.91 -39.45 5.83
N ASP B 465 8.66 -39.99 4.64
CA ASP B 465 7.30 -40.10 4.10
C ASP B 465 6.61 -41.31 4.72
N LEU B 466 5.66 -41.08 5.65
CA LEU B 466 5.07 -42.20 6.38
C LEU B 466 4.16 -43.08 5.55
N ALA B 467 3.76 -42.60 4.37
CA ALA B 467 2.76 -43.31 3.57
C ALA B 467 3.33 -44.57 2.92
N PHE B 468 4.64 -44.83 3.07
CA PHE B 468 5.12 -46.14 2.62
C PHE B 468 4.67 -47.23 3.57
N TYR B 469 4.12 -46.85 4.72
CA TYR B 469 3.31 -47.77 5.51
C TYR B 469 1.87 -47.68 5.03
N PRO B 470 1.25 -48.82 4.69
CA PRO B 470 -0.16 -48.80 4.32
C PRO B 470 -1.05 -48.18 5.41
N GLU B 471 -1.99 -47.35 4.97
CA GLU B 471 -2.86 -46.58 5.85
C GLU B 471 -3.48 -47.43 6.96
N SER B 472 -3.87 -48.66 6.62
CA SER B 472 -4.56 -49.57 7.54
C SER B 472 -3.67 -49.95 8.72
N TYR B 473 -2.36 -49.80 8.55
CA TYR B 473 -1.44 -50.05 9.63
C TYR B 473 -1.01 -48.74 10.28
N LEU B 474 -0.72 -47.76 9.44
CA LEU B 474 -0.12 -46.50 9.89
C LEU B 474 -1.00 -45.68 10.85
N VAL B 475 -2.22 -45.38 10.46
CA VAL B 475 -2.94 -44.31 11.16
C VAL B 475 -3.38 -44.73 12.56
N ASP B 476 -3.67 -46.01 12.74
CA ASP B 476 -4.03 -46.50 14.06
C ASP B 476 -2.87 -46.30 15.03
N ILE B 477 -1.64 -46.52 14.56
CA ILE B 477 -0.48 -46.40 15.43
C ILE B 477 0.07 -44.99 15.55
N ALA B 478 0.06 -44.23 14.47
CA ALA B 478 0.68 -42.90 14.47
C ALA B 478 -0.23 -41.80 14.98
N LYS B 479 -1.51 -42.11 15.20
CA LYS B 479 -2.50 -41.07 15.49
C LYS B 479 -2.20 -40.34 16.80
N ASP B 480 -1.50 -41.02 17.70
CA ASP B 480 -1.16 -40.43 18.99
C ASP B 480 -0.08 -39.36 18.84
N ASP B 481 0.95 -39.66 18.06
CA ASP B 481 1.97 -38.68 17.73
C ASP B 481 2.79 -39.20 16.56
N PRO B 482 2.58 -38.60 15.37
CA PRO B 482 3.21 -39.04 14.12
C PRO B 482 4.71 -38.81 14.13
N ILE B 483 5.16 -37.86 14.93
CA ILE B 483 6.57 -37.54 15.03
C ILE B 483 7.33 -38.67 15.72
N ILE B 484 6.70 -39.28 16.72
CA ILE B 484 7.30 -40.40 17.40
C ILE B 484 7.30 -41.69 16.54
N PHE B 485 6.22 -41.93 15.79
CA PHE B 485 6.20 -43.04 14.84
C PHE B 485 7.34 -42.86 13.84
N SER B 486 7.48 -41.63 13.38
CA SER B 486 8.46 -41.24 12.38
C SER B 486 9.90 -41.51 12.84
N LEU B 487 10.19 -41.11 14.07
CA LEU B 487 11.51 -41.34 14.66
C LEU B 487 11.83 -42.83 14.79
N LYS B 488 10.86 -43.61 15.28
CA LYS B 488 11.03 -45.06 15.43
C LYS B 488 11.29 -45.79 14.12
N HIS B 489 10.73 -45.27 13.03
CA HIS B 489 10.60 -46.05 11.79
C HIS B 489 11.22 -45.38 10.55
N LYS B 490 12.10 -44.42 10.77
CA LYS B 490 12.71 -43.68 9.66
C LYS B 490 13.53 -44.59 8.76
N ASN B 491 14.26 -45.53 9.34
CA ASN B 491 15.04 -46.47 8.55
C ASN B 491 14.14 -47.49 7.85
N ASP B 492 13.04 -47.86 8.50
CA ASP B 492 12.13 -48.81 7.87
C ASP B 492 11.62 -48.21 6.55
N ILE B 493 11.31 -46.92 6.57
CA ILE B 493 10.82 -46.25 5.38
C ILE B 493 11.88 -46.16 4.28
N ALA B 494 13.12 -45.86 4.64
CA ALA B 494 14.22 -45.91 3.67
C ALA B 494 14.24 -47.27 2.98
N ARG B 495 14.16 -48.34 3.79
CA ARG B 495 14.17 -49.70 3.28
C ARG B 495 13.01 -49.95 2.33
N PHE B 496 11.78 -49.56 2.71
CA PHE B 496 10.62 -49.76 1.84
C PHE B 496 10.88 -49.09 0.48
N ILE B 497 11.40 -47.86 0.52
CA ILE B 497 11.67 -47.10 -0.69
C ILE B 497 12.71 -47.81 -1.55
N ASN B 498 13.77 -48.30 -0.91
CA ASN B 498 14.77 -49.06 -1.66
C ASN B 498 14.21 -50.38 -2.22
N ILE B 499 13.28 -51.00 -1.52
CA ILE B 499 12.72 -52.25 -2.02
C ILE B 499 11.91 -52.02 -3.31
N ILE B 500 11.02 -51.04 -3.29
CA ILE B 500 10.10 -50.86 -4.41
C ILE B 500 10.89 -50.30 -5.59
N ASP B 501 11.94 -49.55 -5.30
CA ASP B 501 12.73 -48.96 -6.37
C ASP B 501 13.64 -49.98 -7.03
N MET B 502 13.70 -51.21 -6.52
CA MET B 502 14.38 -52.25 -7.28
C MET B 502 13.69 -52.50 -8.62
N SER B 503 12.42 -52.12 -8.73
CA SER B 503 11.67 -52.34 -9.97
C SER B 503 12.11 -51.35 -11.07
N LEU B 504 12.97 -50.40 -10.73
CA LEU B 504 13.60 -49.52 -11.70
C LEU B 504 14.84 -50.14 -12.35
N GLN B 505 15.29 -51.29 -11.85
CA GLN B 505 16.53 -51.90 -12.36
C GLN B 505 16.23 -53.05 -13.33
N PRO B 506 17.27 -53.55 -14.04
CA PRO B 506 17.02 -54.77 -14.83
C PRO B 506 16.78 -55.97 -13.90
N PHE B 507 15.81 -56.81 -14.23
CA PHE B 507 15.36 -57.86 -13.32
C PHE B 507 16.50 -58.77 -12.88
N GLU B 508 17.36 -59.15 -13.82
CA GLU B 508 18.47 -60.06 -13.54
C GLU B 508 19.41 -59.52 -12.49
N GLN B 509 19.52 -58.20 -12.42
CA GLN B 509 20.43 -57.53 -11.51
C GLN B 509 19.86 -57.47 -10.10
N VAL B 510 18.55 -57.58 -9.96
CA VAL B 510 17.96 -57.42 -8.63
C VAL B 510 17.23 -58.64 -8.11
N LYS B 511 17.11 -59.69 -8.94
CA LYS B 511 16.25 -60.82 -8.60
C LYS B 511 16.64 -61.52 -7.29
N ASN B 512 17.93 -61.69 -7.06
CA ASN B 512 18.39 -62.31 -5.81
C ASN B 512 17.96 -61.51 -4.58
N LYS B 513 18.30 -60.22 -4.57
CA LYS B 513 17.87 -59.33 -3.51
C LYS B 513 16.36 -59.35 -3.34
N LEU B 514 15.64 -59.27 -4.44
CA LEU B 514 14.18 -59.18 -4.37
C LEU B 514 13.60 -60.47 -3.78
N LYS B 515 14.11 -61.62 -4.22
CA LYS B 515 13.64 -62.90 -3.68
C LYS B 515 13.81 -62.94 -2.16
N ALA B 516 14.97 -62.50 -1.68
CA ALA B 516 15.23 -62.45 -0.24
C ALA B 516 14.17 -61.61 0.49
N VAL B 517 13.84 -60.43 -0.07
CA VAL B 517 12.79 -59.60 0.55
C VAL B 517 11.42 -60.27 0.48
N LEU B 518 11.17 -61.03 -0.59
CA LEU B 518 9.93 -61.81 -0.68
C LEU B 518 9.81 -62.80 0.46
N LEU B 519 10.94 -63.23 0.98
CA LEU B 519 10.97 -64.21 2.07
C LEU B 519 11.31 -63.52 3.39
N SER B 520 11.21 -62.19 3.44
CA SER B 520 11.51 -61.47 4.68
C SER B 520 10.48 -61.78 5.77
N ASN B 521 10.92 -61.70 7.02
CA ASN B 521 10.01 -61.81 8.18
C ASN B 521 9.13 -60.59 8.44
N GLU B 522 9.51 -59.45 7.89
CA GLU B 522 8.75 -58.24 8.07
C GLU B 522 7.66 -58.15 7.00
N GLN B 523 6.39 -58.22 7.41
CA GLN B 523 5.24 -58.25 6.49
C GLN B 523 5.22 -57.11 5.45
N TRP B 524 5.60 -55.90 5.86
CA TRP B 524 5.53 -54.77 4.96
C TRP B 524 6.70 -54.73 3.99
N GLU B 525 7.76 -55.50 4.28
CA GLU B 525 8.82 -55.68 3.30
C GLU B 525 8.35 -56.68 2.25
N ARG B 526 7.61 -57.69 2.68
CA ARG B 526 7.04 -58.60 1.73
C ARG B 526 6.05 -57.84 0.85
N TYR B 527 5.29 -56.94 1.48
CA TYR B 527 4.33 -56.10 0.78
C TYR B 527 5.01 -55.34 -0.35
N TRP B 528 6.04 -54.56 -0.02
CA TRP B 528 6.73 -53.79 -1.06
C TRP B 528 7.50 -54.67 -2.07
N ALA B 529 7.98 -55.81 -1.63
CA ALA B 529 8.59 -56.78 -2.57
C ALA B 529 7.54 -57.27 -3.58
N MET B 530 6.32 -57.53 -3.11
CA MET B 530 5.26 -57.95 -4.02
C MET B 530 4.87 -56.83 -4.99
N ASN B 531 4.90 -55.57 -4.53
CA ASN B 531 4.59 -54.46 -5.42
C ASN B 531 5.67 -54.32 -6.50
N ALA B 532 6.90 -54.67 -6.14
CA ALA B 532 8.00 -54.66 -7.09
C ALA B 532 7.77 -55.75 -8.13
N VAL B 533 7.51 -56.96 -7.65
CA VAL B 533 7.15 -58.09 -8.53
C VAL B 533 5.98 -57.78 -9.48
N LEU B 534 4.96 -57.12 -8.95
CA LEU B 534 3.83 -56.69 -9.78
C LEU B 534 4.27 -55.71 -10.87
N ALA B 535 5.17 -54.79 -10.55
CA ALA B 535 5.71 -53.87 -11.56
C ALA B 535 6.53 -54.61 -12.63
N PHE B 536 7.28 -55.64 -12.23
CA PHE B 536 8.04 -56.45 -13.20
C PHE B 536 7.12 -57.37 -14.04
N GLY B 537 5.90 -57.63 -13.56
CA GLY B 537 4.97 -58.51 -14.25
C GLY B 537 5.62 -59.82 -14.68
N ASP B 538 5.41 -60.21 -15.95
CA ASP B 538 5.93 -61.46 -16.47
C ASP B 538 7.46 -61.62 -16.33
N LYS B 539 8.18 -60.52 -16.23
CA LYS B 539 9.64 -60.60 -16.03
C LYS B 539 10.01 -61.30 -14.73
N ALA B 540 9.04 -61.41 -13.82
CA ALA B 540 9.31 -62.01 -12.52
C ALA B 540 8.69 -63.40 -12.34
N ASN B 541 8.26 -64.03 -13.43
CA ASN B 541 7.45 -65.25 -13.30
C ASN B 541 8.21 -66.41 -12.65
N GLU B 542 9.53 -66.30 -12.63
CA GLU B 542 10.37 -67.27 -11.95
C GLU B 542 10.08 -67.37 -10.44
N PHE B 543 9.53 -66.30 -9.85
CA PHE B 543 9.15 -66.30 -8.43
C PHE B 543 7.78 -66.95 -8.19
N LEU B 544 7.23 -67.61 -9.20
CA LEU B 544 5.88 -68.16 -9.10
C LEU B 544 5.63 -69.01 -7.84
N PRO B 545 6.55 -69.93 -7.50
CA PRO B 545 6.27 -70.72 -6.28
C PRO B 545 6.18 -69.89 -4.99
N ILE B 546 7.10 -68.94 -4.83
CA ILE B 546 7.09 -68.03 -3.69
C ILE B 546 5.80 -67.22 -3.65
N ILE B 547 5.35 -66.78 -4.82
CA ILE B 547 4.14 -65.98 -4.89
C ILE B 547 2.93 -66.82 -4.54
N GLU B 548 2.88 -68.04 -5.05
CA GLU B 548 1.76 -68.93 -4.76
C GLU B 548 1.77 -69.27 -3.27
N LYS B 549 2.95 -69.37 -2.67
CA LYS B 549 3.06 -69.60 -1.23
C LYS B 549 2.55 -68.38 -0.42
N ILE B 550 2.86 -67.17 -0.89
CA ILE B 550 2.34 -65.97 -0.23
C ILE B 550 0.81 -65.98 -0.34
N ARG B 551 0.29 -66.40 -1.49
CA ARG B 551 -1.16 -66.47 -1.64
C ARG B 551 -1.80 -67.43 -0.63
N GLN B 552 -1.22 -68.61 -0.48
CA GLN B 552 -1.79 -69.62 0.43
C GLN B 552 -1.67 -69.27 1.93
N SER B 553 -0.56 -68.64 2.32
CA SER B 553 -0.12 -68.73 3.71
C SER B 553 0.34 -67.46 4.40
N ASP B 554 0.51 -66.36 3.68
CA ASP B 554 0.99 -65.13 4.32
C ASP B 554 0.01 -64.71 5.41
N ILE B 555 0.54 -64.30 6.55
CA ILE B 555 -0.29 -63.89 7.67
C ILE B 555 -1.03 -62.58 7.35
N ASN B 556 -0.40 -61.74 6.53
CA ASN B 556 -0.97 -60.46 6.10
C ASN B 556 -1.94 -60.61 4.93
N LEU B 557 -3.17 -60.18 5.11
CA LEU B 557 -4.20 -60.39 4.11
C LEU B 557 -3.98 -59.54 2.85
N ILE B 558 -3.31 -58.40 3.00
CA ILE B 558 -3.05 -57.52 1.87
C ILE B 558 -1.96 -58.15 1.00
N ASN B 559 -1.01 -58.79 1.67
CA ASN B 559 0.03 -59.57 1.00
C ASN B 559 -0.55 -60.74 0.20
N ARG B 560 -1.49 -61.45 0.79
CA ARG B 560 -2.19 -62.48 0.04
C ARG B 560 -2.84 -61.86 -1.18
N SER B 561 -3.49 -60.73 -0.99
CA SER B 561 -4.24 -60.10 -2.07
C SER B 561 -3.32 -59.63 -3.20
N ARG B 562 -2.13 -59.16 -2.85
CA ARG B 562 -1.16 -58.80 -3.88
C ARG B 562 -0.74 -60.01 -4.70
N ALA B 563 -0.52 -61.13 -4.03
CA ALA B 563 -0.12 -62.35 -4.73
C ALA B 563 -1.23 -62.82 -5.64
N ILE B 564 -2.46 -62.77 -5.15
CA ILE B 564 -3.64 -63.11 -5.94
C ILE B 564 -3.77 -62.17 -7.15
N GLN B 565 -3.45 -60.89 -6.92
CA GLN B 565 -3.44 -59.88 -7.97
C GLN B 565 -2.40 -60.24 -9.02
N TYR B 566 -1.17 -60.55 -8.58
CA TYR B 566 -0.14 -60.92 -9.52
C TYR B 566 -0.57 -62.14 -10.33
N LEU B 567 -0.94 -63.21 -9.65
CA LEU B 567 -1.35 -64.45 -10.30
C LEU B 567 -2.53 -64.31 -11.28
N ALA B 568 -3.40 -63.32 -11.05
CA ALA B 568 -4.52 -63.09 -11.95
C ALA B 568 -4.07 -62.38 -13.22
N LEU B 569 -3.25 -61.35 -13.06
CA LEU B 569 -2.79 -60.56 -14.19
C LEU B 569 -1.74 -61.27 -15.06
N ASN B 570 -0.98 -62.18 -14.48
CA ASN B 570 0.13 -62.78 -15.23
C ASN B 570 0.02 -64.31 -15.41
N ASN B 571 -0.87 -64.98 -14.68
CA ASN B 571 -1.00 -66.43 -14.79
C ASN B 571 -2.41 -66.89 -15.02
N GLY B 572 -3.31 -65.95 -15.29
CA GLY B 572 -4.69 -66.27 -15.54
C GLY B 572 -5.38 -67.02 -14.44
N VAL B 573 -5.02 -66.78 -13.19
CA VAL B 573 -5.70 -67.46 -12.08
C VAL B 573 -6.84 -66.60 -11.55
N SER B 574 -8.03 -67.18 -11.52
CA SER B 574 -9.21 -66.46 -11.07
C SER B 574 -9.04 -65.93 -9.64
N PRO B 575 -9.20 -64.60 -9.46
CA PRO B 575 -9.09 -63.99 -8.14
C PRO B 575 -10.43 -63.82 -7.44
N GLN B 576 -11.56 -64.07 -8.12
CA GLN B 576 -12.87 -63.64 -7.64
C GLN B 576 -13.24 -64.19 -6.25
N LEU B 577 -13.34 -65.50 -6.12
CA LEU B 577 -13.67 -66.13 -4.84
C LEU B 577 -12.71 -65.72 -3.72
N GLU B 578 -11.42 -65.87 -3.98
CA GLU B 578 -10.38 -65.62 -3.00
C GLU B 578 -10.44 -64.20 -2.39
N LEU B 579 -10.67 -63.19 -3.24
CA LEU B 579 -10.75 -61.81 -2.77
C LEU B 579 -12.07 -61.52 -2.09
N GLU B 580 -13.14 -62.17 -2.52
CA GLU B 580 -14.40 -62.05 -1.82
C GLU B 580 -14.23 -62.55 -0.40
N ASP B 581 -13.53 -63.66 -0.26
CA ASP B 581 -13.37 -64.21 1.07
C ASP B 581 -12.40 -63.41 1.93
N LEU B 582 -11.33 -62.87 1.34
CA LEU B 582 -10.38 -62.07 2.11
C LEU B 582 -10.99 -60.75 2.59
N VAL B 583 -11.80 -60.10 1.75
CA VAL B 583 -12.55 -58.90 2.15
C VAL B 583 -13.49 -59.19 3.31
N LYS B 584 -14.30 -60.24 3.19
CA LYS B 584 -15.16 -60.69 4.27
C LYS B 584 -14.36 -61.01 5.55
N GLN B 585 -13.19 -61.60 5.39
CA GLN B 585 -12.34 -62.00 6.51
C GLN B 585 -11.63 -60.82 7.20
N ALA B 586 -11.47 -59.71 6.49
CA ALA B 586 -10.73 -58.55 7.02
C ALA B 586 -11.36 -58.02 8.31
N LYS B 587 -10.51 -57.81 9.33
CA LYS B 587 -10.93 -57.50 10.69
C LYS B 587 -11.07 -56.00 10.96
N ASP B 588 -10.65 -55.16 10.03
CA ASP B 588 -10.80 -53.71 10.21
C ASP B 588 -11.15 -53.04 8.87
N PRO B 589 -11.80 -51.87 8.92
CA PRO B 589 -12.30 -51.26 7.68
C PRO B 589 -11.21 -50.96 6.64
N LEU B 590 -10.06 -50.43 7.05
CA LEU B 590 -9.06 -50.00 6.07
C LEU B 590 -8.39 -51.19 5.36
N THR B 591 -8.25 -52.31 6.06
CA THR B 591 -7.72 -53.51 5.43
C THR B 591 -8.67 -54.02 4.36
N ALA B 592 -9.97 -54.04 4.69
CA ALA B 592 -11.00 -54.39 3.74
C ALA B 592 -11.01 -53.41 2.56
N LEU B 593 -10.87 -52.13 2.87
CA LEU B 593 -10.87 -51.11 1.82
C LEU B 593 -9.67 -51.27 0.87
N ALA B 594 -8.48 -51.52 1.42
CA ALA B 594 -7.32 -51.77 0.57
C ALA B 594 -7.55 -52.99 -0.35
N ILE B 595 -8.10 -54.07 0.20
CA ILE B 595 -8.31 -55.25 -0.63
C ILE B 595 -9.37 -54.97 -1.69
N LEU B 596 -10.38 -54.19 -1.33
CA LEU B 596 -11.37 -53.79 -2.31
C LEU B 596 -10.75 -52.97 -3.45
N ASN B 597 -9.70 -52.20 -3.17
CA ASN B 597 -9.03 -51.44 -4.23
C ASN B 597 -8.37 -52.40 -5.23
N ILE B 598 -7.76 -53.46 -4.71
CA ILE B 598 -7.15 -54.48 -5.57
C ILE B 598 -8.19 -55.13 -6.47
N ALA B 599 -9.36 -55.42 -5.89
CA ALA B 599 -10.51 -55.93 -6.62
C ALA B 599 -10.95 -54.98 -7.72
N THR B 600 -10.90 -53.68 -7.45
CA THR B 600 -11.32 -52.71 -8.46
C THR B 600 -10.34 -52.72 -9.64
N GLN B 601 -9.06 -52.87 -9.35
CA GLN B 601 -8.03 -52.88 -10.40
C GLN B 601 -8.18 -54.13 -11.27
N LEU B 602 -8.54 -55.25 -10.64
CA LEU B 602 -8.74 -56.49 -11.39
C LEU B 602 -10.03 -56.43 -12.20
N HIS B 603 -11.03 -55.77 -11.63
CA HIS B 603 -12.33 -55.55 -12.28
C HIS B 603 -12.17 -54.72 -13.56
N ASP B 604 -11.40 -53.64 -13.47
CA ASP B 604 -11.22 -52.69 -14.57
C ASP B 604 -10.30 -53.26 -15.64
N THR B 605 -9.32 -54.06 -15.22
CA THR B 605 -8.34 -54.58 -16.18
C THR B 605 -8.79 -55.91 -16.80
N LEU B 606 -9.31 -56.84 -16.00
CA LEU B 606 -9.67 -58.16 -16.53
C LEU B 606 -11.18 -58.33 -16.74
N GLY B 607 -11.99 -57.41 -16.24
CA GLY B 607 -13.42 -57.49 -16.46
C GLY B 607 -14.08 -58.48 -15.51
N ILE B 608 -13.59 -58.54 -14.28
CA ILE B 608 -14.06 -59.51 -13.30
C ILE B 608 -15.03 -58.88 -12.30
N ALA B 609 -16.17 -59.53 -12.09
CA ALA B 609 -17.16 -59.05 -11.13
C ALA B 609 -16.91 -59.61 -9.73
N PHE B 610 -17.24 -58.84 -8.71
CA PHE B 610 -17.08 -59.32 -7.34
C PHE B 610 -18.37 -59.12 -6.56
N ASN B 611 -18.76 -60.15 -5.82
CA ASN B 611 -19.92 -60.08 -4.93
C ASN B 611 -19.44 -59.90 -3.50
N ILE B 612 -19.48 -58.66 -3.01
CA ILE B 612 -18.80 -58.32 -1.77
C ILE B 612 -19.68 -58.35 -0.53
N GLU B 613 -19.20 -59.04 0.51
CA GLU B 613 -19.78 -59.03 1.84
C GLU B 613 -18.73 -58.56 2.85
N LEU B 614 -19.15 -57.78 3.84
CA LEU B 614 -18.23 -57.26 4.84
C LEU B 614 -18.31 -58.03 6.15
N ASN B 615 -17.27 -57.89 6.97
CA ASN B 615 -17.22 -58.52 8.28
C ASN B 615 -18.17 -57.88 9.30
N LYS B 616 -19.00 -58.70 9.93
CA LYS B 616 -19.93 -58.25 10.97
C LYS B 616 -19.21 -57.68 12.19
N LEU B 617 -17.96 -58.08 12.38
CA LEU B 617 -17.12 -57.61 13.48
C LEU B 617 -17.07 -56.08 13.56
N TRP B 618 -17.16 -55.42 12.40
CA TRP B 618 -17.05 -53.96 12.36
C TRP B 618 -18.12 -53.29 11.49
N SER B 631 -20.45 -38.84 13.48
CA SER B 631 -21.57 -39.09 12.58
C SER B 631 -21.22 -38.81 11.14
N PHE B 632 -20.50 -37.72 10.88
CA PHE B 632 -20.01 -37.48 9.54
C PHE B 632 -19.00 -38.55 9.20
N HIS B 633 -18.29 -39.00 10.21
CA HIS B 633 -17.27 -40.03 10.03
C HIS B 633 -17.94 -41.30 9.56
N LYS B 634 -19.00 -41.71 10.27
CA LYS B 634 -19.72 -42.93 9.92
C LYS B 634 -20.28 -42.90 8.50
N ARG B 635 -20.94 -41.79 8.14
CA ARG B 635 -21.50 -41.68 6.80
C ARG B 635 -20.36 -41.76 5.77
N THR B 636 -19.25 -41.11 6.08
CA THR B 636 -18.14 -41.08 5.12
C THR B 636 -17.55 -42.48 4.91
N VAL B 637 -17.26 -43.20 5.99
CA VAL B 637 -16.73 -44.56 5.84
C VAL B 637 -17.71 -45.49 5.12
N ASP B 638 -18.98 -45.47 5.53
CA ASP B 638 -19.99 -46.31 4.91
C ASP B 638 -20.12 -46.04 3.42
N GLY B 639 -20.02 -44.75 3.06
CA GLY B 639 -20.04 -44.30 1.69
C GLY B 639 -19.00 -44.99 0.83
N TRP B 640 -17.76 -45.05 1.33
CA TRP B 640 -16.67 -45.74 0.65
C TRP B 640 -17.02 -47.17 0.25
N PHE B 641 -17.60 -47.91 1.19
CA PHE B 641 -17.84 -49.33 0.98
C PHE B 641 -19.02 -49.59 0.06
N LYS B 642 -20.10 -48.82 0.24
CA LYS B 642 -21.24 -48.90 -0.67
C LYS B 642 -20.80 -48.62 -2.12
N ALA B 643 -19.99 -47.57 -2.29
CA ALA B 643 -19.47 -47.21 -3.61
C ALA B 643 -18.69 -48.38 -4.22
N ARG B 644 -17.87 -49.03 -3.41
CA ARG B 644 -17.09 -50.16 -3.88
C ARG B 644 -17.99 -51.37 -4.18
N MET B 645 -18.91 -51.66 -3.25
CA MET B 645 -19.81 -52.81 -3.40
C MET B 645 -20.73 -52.66 -4.60
N ASP B 646 -21.35 -51.48 -4.74
CA ASP B 646 -22.20 -51.19 -5.89
C ASP B 646 -21.48 -51.32 -7.23
N TYR B 647 -20.23 -50.86 -7.29
CA TYR B 647 -19.46 -50.86 -8.54
C TYR B 647 -18.95 -52.24 -8.95
N LEU B 648 -18.37 -52.97 -7.99
CA LEU B 648 -17.77 -54.27 -8.28
C LEU B 648 -18.79 -55.33 -8.74
N LYS B 649 -20.03 -55.19 -8.28
CA LYS B 649 -21.09 -56.17 -8.54
C LYS B 649 -21.27 -56.45 -10.04
N ASN B 650 -21.11 -55.42 -10.89
CA ASN B 650 -21.32 -55.57 -12.34
C ASN B 650 -20.11 -55.29 -13.21
N ILE B 651 -20.09 -55.92 -14.38
CA ILE B 651 -19.11 -55.62 -15.42
C ILE B 651 -19.64 -54.52 -16.33
N LYS C 42 4.42 68.54 9.15
CA LYS C 42 5.52 67.60 9.32
C LYS C 42 5.04 66.14 9.24
N ARG C 43 5.82 65.29 8.56
CA ARG C 43 5.42 63.90 8.35
C ARG C 43 6.46 62.96 8.97
N PRO C 44 6.00 61.81 9.49
CA PRO C 44 6.90 60.87 10.20
C PRO C 44 7.83 60.10 9.26
N ASN C 45 8.96 59.63 9.79
CA ASN C 45 9.83 58.75 9.03
C ASN C 45 9.43 57.30 9.29
N PHE C 46 9.74 56.42 8.35
CA PHE C 46 9.46 55.01 8.51
C PHE C 46 10.73 54.20 8.33
N VAL C 47 10.97 53.25 9.22
CA VAL C 47 12.06 52.31 9.02
C VAL C 47 11.56 50.88 9.16
N TRP C 48 11.88 50.04 8.18
CA TRP C 48 11.55 48.63 8.21
C TRP C 48 12.82 47.83 8.33
N LEU C 49 13.03 47.23 9.49
CA LEU C 49 14.17 46.36 9.73
C LEU C 49 13.66 44.94 9.57
N VAL C 50 14.21 44.20 8.61
CA VAL C 50 13.59 42.92 8.25
C VAL C 50 14.59 41.77 8.30
N SER C 51 14.29 40.78 9.13
CA SER C 51 15.11 39.57 9.16
C SER C 51 14.50 38.50 8.26
N GLU C 52 15.35 37.73 7.61
CA GLU C 52 14.84 36.77 6.64
C GLU C 52 14.40 35.46 7.28
N ASP C 53 13.22 34.98 6.85
CA ASP C 53 12.77 33.62 7.13
C ASP C 53 12.47 33.22 8.58
N ASN C 54 12.37 34.15 9.54
CA ASN C 54 12.26 33.67 10.93
C ASN C 54 10.91 33.85 11.66
N SER C 55 10.44 32.77 12.29
CA SER C 55 9.22 32.80 13.12
C SER C 55 9.46 33.46 14.48
N LYS C 56 8.39 33.69 15.22
CA LYS C 56 8.52 34.46 16.44
C LYS C 56 9.01 33.65 17.64
N ARG C 57 8.90 32.32 17.54
CA ARG C 57 9.23 31.43 18.67
C ARG C 57 10.72 31.40 19.03
N TYR C 58 11.57 31.93 18.14
CA TYR C 58 13.02 31.91 18.36
C TYR C 58 13.49 33.16 19.10
N LEU C 59 12.53 33.98 19.51
CA LEU C 59 12.82 35.22 20.21
C LEU C 59 12.33 35.14 21.64
N LYS C 60 13.23 35.48 22.57
CA LYS C 60 12.90 35.55 23.99
C LYS C 60 11.75 36.51 24.22
N LEU C 61 11.67 37.54 23.37
CA LEU C 61 10.57 38.50 23.45
C LEU C 61 9.23 37.77 23.38
N TYR C 62 9.15 36.68 22.61
CA TYR C 62 7.89 35.97 22.51
C TYR C 62 7.87 34.64 23.25
N ASN C 63 9.04 34.04 23.45
CA ASN C 63 9.12 32.65 23.90
C ASN C 63 10.17 32.49 25.00
N ALA C 64 9.81 31.78 26.08
CA ALA C 64 10.71 31.62 27.22
C ALA C 64 12.04 30.95 26.84
N LYS C 65 12.02 30.05 25.85
CA LYS C 65 13.24 29.39 25.41
C LYS C 65 13.83 29.99 24.13
N GLY C 66 13.46 31.23 23.81
CA GLY C 66 13.96 31.91 22.64
C GLY C 66 15.23 32.67 22.93
N ALA C 67 15.91 33.13 21.88
CA ALA C 67 17.16 33.86 22.06
C ALA C 67 16.91 35.27 22.59
N GLU C 68 17.80 35.75 23.46
CA GLU C 68 17.76 37.12 23.96
C GLU C 68 18.25 38.09 22.88
N MET C 69 17.44 39.09 22.57
CA MET C 69 17.80 40.09 21.56
C MET C 69 17.63 41.51 22.10
N PRO C 70 18.65 42.01 22.79
CA PRO C 70 18.60 43.29 23.52
C PRO C 70 18.22 44.50 22.67
N ASN C 71 18.77 44.63 21.46
CA ASN C 71 18.43 45.79 20.63
C ASN C 71 16.97 45.77 20.18
N ILE C 72 16.46 44.62 19.78
CA ILE C 72 15.05 44.53 19.41
C ILE C 72 14.16 44.77 20.63
N GLU C 73 14.55 44.18 21.76
CA GLU C 73 13.81 44.35 23.00
C GLU C 73 13.83 45.82 23.47
N SER C 74 14.90 46.55 23.15
CA SER C 74 14.91 47.97 23.50
C SER C 74 13.90 48.76 22.66
N LEU C 75 13.70 48.35 21.40
CA LEU C 75 12.68 48.97 20.55
C LEU C 75 11.30 48.75 21.14
N ALA C 76 11.11 47.55 21.69
CA ALA C 76 9.81 47.16 22.22
C ALA C 76 9.48 47.95 23.50
N LYS C 77 10.50 48.49 24.16
CA LYS C 77 10.27 49.17 25.43
C LYS C 77 9.38 50.39 25.21
N GLN C 78 9.57 51.09 24.10
CA GLN C 78 8.64 52.14 23.71
C GLN C 78 7.90 51.71 22.44
N GLY C 79 7.49 50.45 22.41
CA GLY C 79 6.97 49.86 21.20
C GLY C 79 5.68 49.08 21.33
N LEU C 80 5.07 48.80 20.19
CA LEU C 80 3.98 47.83 20.10
C LEU C 80 4.57 46.47 19.75
N VAL C 81 4.27 45.48 20.57
CA VAL C 81 4.69 44.10 20.31
C VAL C 81 3.51 43.27 19.83
N PHE C 82 3.54 42.85 18.57
CA PHE C 82 2.42 42.13 17.97
C PHE C 82 2.61 40.62 18.19
N ASN C 83 1.64 39.99 18.85
CA ASN C 83 1.68 38.54 19.12
C ASN C 83 1.14 37.72 17.93
N ASN C 84 0.46 38.39 17.01
CA ASN C 84 -0.16 37.65 15.94
C ASN C 84 -0.01 38.30 14.57
N ALA C 85 1.24 38.58 14.19
CA ALA C 85 1.54 39.09 12.86
C ALA C 85 1.88 37.90 11.97
N PHE C 86 1.33 37.91 10.77
CA PHE C 86 1.46 36.81 9.82
C PHE C 86 1.69 37.31 8.38
N SER C 87 2.51 36.58 7.63
CA SER C 87 2.56 36.79 6.20
C SER C 87 1.34 36.15 5.55
N ASN C 88 1.10 36.46 4.28
CA ASN C 88 0.04 35.81 3.52
C ASN C 88 0.57 34.67 2.64
N SER C 89 1.85 34.35 2.78
CA SER C 89 2.50 33.32 1.97
C SER C 89 3.83 32.99 2.63
N PRO C 90 4.35 31.75 2.44
CA PRO C 90 5.49 31.32 3.26
C PRO C 90 6.86 31.32 2.56
N VAL C 91 7.18 32.40 1.85
CA VAL C 91 8.49 32.48 1.17
C VAL C 91 8.74 33.93 0.72
N SER C 92 10.01 34.29 0.53
CA SER C 92 10.39 35.68 0.48
C SER C 92 9.73 36.46 -0.68
N SER C 93 9.68 35.89 -1.89
CA SER C 93 9.26 36.70 -3.03
C SER C 93 7.78 37.06 -2.97
N THR C 94 6.93 36.07 -2.69
CA THR C 94 5.50 36.32 -2.62
C THR C 94 5.16 37.18 -1.39
N ALA C 95 5.89 36.95 -0.30
CA ALA C 95 5.65 37.73 0.92
C ALA C 95 6.13 39.18 0.77
N ARG C 96 7.32 39.37 0.21
CA ARG C 96 7.81 40.73 -0.05
C ARG C 96 6.98 41.48 -1.08
N THR C 97 6.45 40.75 -2.07
CA THR C 97 5.53 41.33 -3.06
C THR C 97 4.28 41.83 -2.32
N THR C 98 3.84 41.07 -1.32
CA THR C 98 2.67 41.41 -0.52
C THR C 98 2.92 42.70 0.28
N LEU C 99 4.04 42.74 1.00
CA LEU C 99 4.45 43.92 1.75
C LEU C 99 4.42 45.19 0.91
N ALA C 100 4.91 45.11 -0.33
CA ALA C 100 5.05 46.31 -1.15
C ALA C 100 3.69 46.79 -1.65
N LEU C 101 2.80 45.86 -2.04
CA LEU C 101 1.57 46.25 -2.70
C LEU C 101 0.38 46.45 -1.74
N GLY C 102 0.39 45.82 -0.57
CA GLY C 102 -0.77 45.81 0.28
C GLY C 102 -1.93 45.04 -0.35
N ALA C 103 -1.60 44.04 -1.17
CA ALA C 103 -2.61 43.28 -1.91
C ALA C 103 -2.16 41.83 -2.11
N TYR C 104 -3.12 40.96 -2.40
CA TYR C 104 -2.82 39.54 -2.58
C TYR C 104 -2.12 39.19 -3.89
N PRO C 105 -0.90 38.62 -3.82
CA PRO C 105 -0.21 38.25 -5.07
C PRO C 105 -0.98 37.21 -5.89
N ALA C 106 -1.80 36.39 -5.24
CA ALA C 106 -2.60 35.39 -5.94
C ALA C 106 -3.55 36.00 -6.95
N LYS C 107 -4.05 37.21 -6.68
CA LYS C 107 -4.99 37.85 -7.58
C LYS C 107 -4.29 38.64 -8.68
N LEU C 108 -2.96 38.61 -8.65
CA LEU C 108 -2.14 39.39 -9.59
C LEU C 108 -1.18 38.53 -10.40
N ALA C 109 -1.38 37.21 -10.34
CA ALA C 109 -0.49 36.21 -10.97
C ALA C 109 0.94 36.30 -10.48
N MET C 110 1.11 36.72 -9.21
CA MET C 110 2.45 36.83 -8.62
C MET C 110 2.70 35.85 -7.46
N GLU C 111 2.05 34.69 -7.51
CA GLU C 111 2.20 33.67 -6.45
C GLU C 111 3.30 32.62 -6.65
N TYR C 112 4.26 32.89 -7.52
CA TYR C 112 5.19 31.84 -7.90
C TYR C 112 6.62 32.24 -7.57
N HIS C 113 7.24 31.48 -6.68
CA HIS C 113 8.59 31.75 -6.22
C HIS C 113 9.62 30.80 -6.85
N ARG C 114 10.59 31.32 -7.61
CA ARG C 114 10.66 32.70 -8.04
C ARG C 114 9.96 32.82 -9.39
N PRO C 115 9.63 34.05 -9.82
CA PRO C 115 8.76 34.12 -11.00
C PRO C 115 9.41 33.60 -12.28
N PHE C 116 8.60 32.98 -13.13
CA PHE C 116 9.02 32.69 -14.48
C PHE C 116 8.86 33.96 -15.29
N GLU C 117 7.81 34.70 -14.99
CA GLU C 117 7.52 35.98 -15.63
C GLU C 117 7.07 36.96 -14.58
N ARG C 118 7.76 38.10 -14.48
CA ARG C 118 7.33 39.17 -13.58
C ARG C 118 6.08 39.81 -14.18
N ILE C 119 5.24 40.38 -13.34
CA ILE C 119 3.95 40.87 -13.77
C ILE C 119 3.91 42.39 -13.73
N ASN C 120 3.40 43.03 -14.79
CA ASN C 120 3.25 44.47 -14.81
C ASN C 120 2.10 44.90 -13.91
N LEU C 121 2.32 45.97 -13.14
CA LEU C 121 1.33 46.45 -12.20
C LEU C 121 0.17 47.10 -12.92
N PRO C 122 -1.07 46.76 -12.54
CA PRO C 122 -2.21 47.50 -13.11
C PRO C 122 -2.13 48.97 -12.68
N ARG C 123 -2.80 49.86 -13.42
CA ARG C 123 -2.62 51.31 -13.25
C ARG C 123 -2.89 51.87 -11.83
N GLU C 124 -3.93 51.36 -11.17
CA GLU C 124 -4.36 51.95 -9.90
C GLU C 124 -3.76 51.25 -8.68
N LEU C 125 -2.66 50.54 -8.89
CA LEU C 125 -1.97 49.85 -7.81
C LEU C 125 -0.48 50.00 -7.95
N SER C 126 0.19 50.50 -6.92
CA SER C 126 1.66 50.49 -6.93
C SER C 126 2.24 50.19 -5.54
N THR C 127 3.56 50.25 -5.44
CA THR C 127 4.27 49.92 -4.22
C THR C 127 4.29 51.05 -3.20
N ILE C 128 4.48 50.68 -1.93
CA ILE C 128 4.52 51.67 -0.87
C ILE C 128 5.69 52.63 -1.08
N SER C 129 6.82 52.12 -1.56
CA SER C 129 8.00 52.95 -1.83
C SER C 129 7.72 53.96 -2.95
N ASP C 130 6.96 53.54 -3.96
CA ASP C 130 6.60 54.41 -5.07
C ASP C 130 5.67 55.53 -4.60
N TYR C 131 4.58 55.15 -3.95
CA TYR C 131 3.61 56.12 -3.43
C TYR C 131 4.29 57.17 -2.53
N LEU C 132 5.22 56.72 -1.69
CA LEU C 132 5.90 57.62 -0.76
C LEU C 132 6.93 58.53 -1.49
N THR C 133 7.65 57.96 -2.45
CA THR C 133 8.56 58.74 -3.27
C THR C 133 7.81 59.87 -3.95
N LYS C 134 6.73 59.51 -4.64
CA LYS C 134 5.85 60.47 -5.29
C LYS C 134 5.30 61.56 -4.34
N ALA C 135 5.14 61.24 -3.07
CA ALA C 135 4.61 62.20 -2.10
C ALA C 135 5.69 63.06 -1.42
N GLY C 136 6.96 62.82 -1.78
CA GLY C 136 8.04 63.66 -1.30
C GLY C 136 9.04 62.98 -0.38
N TYR C 137 8.80 61.72 -0.03
CA TYR C 137 9.71 61.01 0.86
C TYR C 137 11.01 60.67 0.16
N TYR C 138 12.10 60.62 0.93
CA TYR C 138 13.31 60.01 0.42
C TYR C 138 13.26 58.53 0.78
N THR C 139 13.29 57.67 -0.24
CA THR C 139 13.11 56.24 -0.03
C THR C 139 14.39 55.47 -0.35
N SER C 140 14.94 54.78 0.65
CA SER C 140 16.10 53.93 0.35
C SER C 140 15.81 52.47 0.71
N ASN C 141 16.45 51.56 -0.02
CA ASN C 141 16.30 50.13 0.21
C ASN C 141 17.64 49.40 0.15
N ASP C 142 17.97 48.67 1.20
CA ASP C 142 19.23 47.91 1.28
C ASP C 142 19.02 46.45 1.75
N ALA C 143 19.04 45.49 0.83
CA ALA C 143 19.14 45.75 -0.61
C ALA C 143 18.14 44.87 -1.36
N LYS C 144 17.82 43.71 -0.80
CA LYS C 144 17.06 42.70 -1.53
C LYS C 144 15.69 43.22 -1.92
N GLU C 145 15.32 42.94 -3.16
CA GLU C 145 14.01 43.35 -3.60
C GLU C 145 13.10 42.13 -3.67
N ASP C 146 13.40 41.22 -4.60
CA ASP C 146 12.66 39.96 -4.71
C ASP C 146 11.18 40.19 -5.08
N TYR C 147 10.93 41.19 -5.92
CA TYR C 147 9.57 41.50 -6.35
C TYR C 147 9.11 40.54 -7.45
N ASN C 148 7.83 40.20 -7.46
CA ASN C 148 7.28 39.37 -8.52
C ASN C 148 6.52 40.24 -9.52
N PHE C 149 6.64 41.55 -9.33
CA PHE C 149 6.17 42.49 -10.32
C PHE C 149 7.35 43.18 -11.01
N VAL C 150 7.09 43.79 -12.14
CA VAL C 150 8.07 44.64 -12.79
C VAL C 150 8.13 45.91 -11.95
N SER C 151 9.34 46.36 -11.60
CA SER C 151 9.48 47.53 -10.73
C SER C 151 9.07 48.81 -11.43
N PRO C 152 8.20 49.61 -10.78
CA PRO C 152 7.79 50.94 -11.24
C PRO C 152 8.98 51.85 -11.52
N GLU C 153 8.87 52.72 -12.51
CA GLU C 153 9.88 53.76 -12.71
C GLU C 153 10.10 54.50 -11.40
N ASN C 154 11.37 54.70 -11.03
CA ASN C 154 11.72 55.44 -9.81
C ASN C 154 11.04 54.85 -8.56
N ASN C 155 11.19 53.54 -8.40
CA ASN C 155 10.52 52.81 -7.33
C ASN C 155 11.07 53.21 -5.96
N TRP C 156 12.38 53.43 -5.92
CA TRP C 156 13.08 53.94 -4.74
C TRP C 156 13.87 55.18 -5.13
N SER C 157 14.15 56.06 -4.15
CA SER C 157 15.15 57.12 -4.38
C SER C 157 16.46 56.43 -4.72
N SER C 158 16.79 55.38 -3.96
CA SER C 158 17.99 54.59 -4.19
C SER C 158 17.81 53.17 -3.65
N SER C 159 17.94 52.18 -4.53
CA SER C 159 17.93 50.78 -4.08
C SER C 159 19.18 50.03 -4.51
N LYS C 160 20.10 49.86 -3.56
CA LYS C 160 21.35 49.15 -3.78
C LYS C 160 22.02 48.95 -2.43
N LYS C 161 23.13 48.22 -2.42
CA LYS C 161 23.86 47.99 -1.17
C LYS C 161 24.42 49.31 -0.65
N GLY C 162 24.13 49.62 0.61
CA GLY C 162 24.62 50.83 1.26
C GLY C 162 23.71 52.04 1.14
N ALA C 163 22.59 51.89 0.44
CA ALA C 163 21.59 52.96 0.36
C ALA C 163 21.13 53.28 1.77
N SER C 164 20.76 54.54 2.01
CA SER C 164 20.56 55.03 3.36
C SER C 164 19.74 56.31 3.40
N TRP C 165 19.13 56.58 4.55
CA TRP C 165 18.40 57.83 4.76
C TRP C 165 19.32 59.05 4.81
N HIS C 166 20.62 58.83 5.03
CA HIS C 166 21.59 59.93 5.15
C HIS C 166 21.59 60.83 3.93
N ASN C 167 21.27 60.25 2.80
CA ASN C 167 21.38 60.92 1.52
C ASN C 167 20.16 61.79 1.23
N ARG C 168 19.19 61.74 2.13
CA ARG C 168 18.02 62.61 2.03
C ARG C 168 18.41 64.09 2.10
N LYS C 169 17.53 64.96 1.63
CA LYS C 169 17.71 66.39 1.77
C LYS C 169 17.35 66.77 3.20
N ALA C 170 17.92 67.87 3.70
CA ALA C 170 17.64 68.33 5.07
C ALA C 170 16.14 68.48 5.33
N GLY C 171 15.67 67.82 6.38
CA GLY C 171 14.26 67.91 6.77
C GLY C 171 13.28 67.14 5.88
N GLN C 172 13.79 66.38 4.92
CA GLN C 172 12.92 65.56 4.08
C GLN C 172 12.57 64.24 4.77
N PRO C 173 11.27 63.94 4.91
CA PRO C 173 10.91 62.68 5.57
C PRO C 173 11.36 61.47 4.75
N PHE C 174 11.70 60.37 5.42
CA PHE C 174 12.28 59.22 4.73
C PHE C 174 11.62 57.88 5.09
N PHE C 175 11.75 56.93 4.17
CA PHE C 175 11.36 55.56 4.37
C PHE C 175 12.56 54.71 4.02
N HIS C 176 13.06 53.99 5.02
CA HIS C 176 14.25 53.16 4.82
C HIS C 176 13.97 51.71 5.14
N MET C 177 14.24 50.83 4.18
CA MET C 177 14.00 49.42 4.37
C MET C 177 15.30 48.67 4.26
N GLN C 178 15.55 47.77 5.19
CA GLN C 178 16.81 47.06 5.21
C GLN C 178 16.62 45.61 5.64
N THR C 179 17.36 44.73 4.98
CA THR C 179 17.21 43.29 5.12
C THR C 179 18.52 42.64 5.59
N TRP C 180 18.42 41.74 6.56
CA TRP C 180 19.58 40.97 7.00
C TRP C 180 19.36 39.49 6.73
N LYS C 181 20.31 38.88 6.02
CA LYS C 181 20.21 37.49 5.57
C LYS C 181 20.70 36.49 6.64
N THR C 182 21.03 36.99 7.82
CA THR C 182 21.63 36.18 8.87
C THR C 182 20.76 34.99 9.29
N THR C 183 19.45 35.13 9.16
CA THR C 183 18.52 34.08 9.56
C THR C 183 17.87 33.36 8.36
N HIS C 184 18.44 33.58 7.19
CA HIS C 184 17.96 32.93 5.97
C HIS C 184 18.16 31.42 6.04
N GLU C 185 17.30 30.70 5.32
CA GLU C 185 17.35 29.24 5.23
C GLU C 185 18.76 28.72 4.92
N GLY C 186 19.46 29.43 4.04
CA GLY C 186 20.81 29.06 3.64
C GLY C 186 21.80 28.87 4.79
N LYS C 187 21.55 29.54 5.91
CA LYS C 187 22.47 29.42 7.04
C LYS C 187 22.25 28.10 7.80
N LEU C 188 21.21 27.34 7.42
CA LEU C 188 20.95 26.05 8.07
C LEU C 188 21.28 24.89 7.14
N HIS C 189 22.13 25.16 6.16
CA HIS C 189 22.55 24.13 5.21
C HIS C 189 23.94 23.60 5.55
N PHE C 190 24.30 23.68 6.83
CA PHE C 190 25.58 23.17 7.32
C PHE C 190 25.68 21.64 7.26
N PRO C 191 26.89 21.10 7.06
CA PRO C 191 27.11 19.64 7.11
C PRO C 191 26.78 19.04 8.47
N GLU C 192 26.27 17.80 8.50
CA GLU C 192 25.90 17.13 9.74
C GLU C 192 27.11 16.96 10.67
N SER C 193 28.29 16.89 10.08
CA SER C 193 29.53 16.83 10.87
C SER C 193 29.68 18.02 11.83
N ASP C 194 28.98 19.10 11.55
CA ASP C 194 29.05 20.29 12.41
C ASP C 194 28.59 20.03 13.83
N ILE C 195 27.83 18.96 14.02
CA ILE C 195 27.38 18.62 15.38
C ILE C 195 28.60 18.37 16.25
N GLU C 196 29.61 17.71 15.68
CA GLU C 196 30.83 17.39 16.41
C GLU C 196 31.89 18.49 16.33
N ASN C 197 31.81 19.37 15.34
CA ASN C 197 32.91 20.31 15.07
C ASN C 197 32.62 21.80 15.30
N LEU C 198 31.35 22.20 15.34
CA LEU C 198 31.03 23.60 15.62
C LEU C 198 30.02 23.68 16.76
N SER C 199 30.49 24.07 17.95
CA SER C 199 29.61 24.16 19.11
C SER C 199 28.75 25.41 19.06
N THR C 200 27.51 25.28 19.50
CA THR C 200 26.59 26.42 19.54
C THR C 200 26.68 27.13 20.87
N ILE C 201 26.43 28.43 20.84
CA ILE C 201 26.31 29.22 22.06
C ILE C 201 25.11 28.75 22.87
N HIS C 202 23.95 28.62 22.22
CA HIS C 202 22.76 28.10 22.88
C HIS C 202 22.87 26.59 23.06
N ASN C 203 22.23 26.08 24.11
CA ASN C 203 22.31 24.67 24.47
C ASN C 203 21.23 23.82 23.83
N PRO C 204 21.63 22.94 22.89
CA PRO C 204 20.71 22.05 22.19
C PRO C 204 19.94 21.13 23.13
N ASN C 205 20.52 20.86 24.30
CA ASN C 205 19.96 19.88 25.24
C ASN C 205 18.77 20.44 26.00
N SER C 206 18.61 21.76 25.99
CA SER C 206 17.44 22.37 26.62
C SER C 206 16.40 22.84 25.59
N VAL C 207 16.62 22.52 24.32
CA VAL C 207 15.66 22.81 23.25
C VAL C 207 14.39 21.98 23.34
N GLU C 208 13.23 22.64 23.34
CA GLU C 208 11.93 21.97 23.25
C GLU C 208 11.45 21.99 21.79
N LEU C 209 11.51 20.84 21.12
CA LEU C 209 11.22 20.80 19.69
C LEU C 209 9.73 20.83 19.40
N ASP C 210 9.38 21.39 18.24
CA ASP C 210 8.06 21.26 17.64
C ASP C 210 7.67 19.78 17.60
N PRO C 211 6.42 19.47 17.98
CA PRO C 211 5.95 18.07 18.01
C PRO C 211 5.97 17.34 16.65
N ILE C 212 5.96 18.03 15.51
CA ILE C 212 6.08 17.31 14.24
C ILE C 212 7.53 16.89 13.93
N HIS C 213 8.48 17.38 14.71
CA HIS C 213 9.88 17.03 14.50
C HIS C 213 10.28 15.80 15.30
N PRO C 214 11.23 15.00 14.78
CA PRO C 214 11.79 13.91 15.59
C PRO C 214 12.76 14.48 16.61
N ASN C 215 12.75 13.97 17.83
CA ASN C 215 13.66 14.48 18.87
C ASN C 215 15.05 13.85 18.75
N THR C 216 15.83 14.33 17.80
CA THR C 216 17.17 13.80 17.51
C THR C 216 18.25 14.79 17.86
N GLU C 217 19.49 14.33 17.88
CA GLU C 217 20.60 15.23 18.17
C GLU C 217 20.67 16.34 17.12
N LEU C 218 20.47 15.96 15.85
CA LEU C 218 20.57 16.88 14.71
C LEU C 218 19.50 17.98 14.74
N PHE C 219 18.27 17.65 15.10
CA PHE C 219 17.21 18.66 15.14
C PHE C 219 17.42 19.63 16.29
N ARG C 220 17.87 19.11 17.43
CA ARG C 220 18.12 19.96 18.56
C ARG C 220 19.28 20.91 18.26
N TYR C 221 20.30 20.39 17.60
CA TYR C 221 21.47 21.19 17.23
C TYR C 221 21.10 22.28 16.22
N THR C 222 20.33 21.88 15.21
CA THR C 222 19.86 22.82 14.21
C THR C 222 19.06 23.93 14.87
N TYR C 223 18.17 23.56 15.79
CA TYR C 223 17.40 24.54 16.55
C TYR C 223 18.32 25.55 17.24
N ALA C 224 19.34 25.04 17.93
CA ALA C 224 20.24 25.91 18.67
C ALA C 224 21.03 26.79 17.70
N ARG C 225 21.39 26.25 16.54
CA ARG C 225 22.08 27.03 15.52
C ARG C 225 21.27 28.23 15.08
N TYR C 226 19.96 28.05 14.98
CA TYR C 226 19.08 29.13 14.54
C TYR C 226 18.95 30.15 15.66
N LEU C 227 18.94 29.66 16.90
CA LEU C 227 18.90 30.53 18.08
C LEU C 227 20.14 31.43 18.14
N ASP C 228 21.30 30.84 17.85
CA ASP C 228 22.55 31.60 17.75
C ASP C 228 22.46 32.70 16.70
N LEU C 229 21.87 32.38 15.55
CA LEU C 229 21.76 33.36 14.47
C LEU C 229 20.86 34.54 14.87
N HIS C 230 19.91 34.30 15.76
CA HIS C 230 19.08 35.39 16.23
C HIS C 230 19.84 36.39 17.10
N LYS C 231 20.78 35.91 17.92
CA LYS C 231 21.60 36.80 18.74
C LYS C 231 22.44 37.66 17.81
N LYS C 232 22.91 37.04 16.74
CA LYS C 232 23.79 37.72 15.80
C LYS C 232 23.06 38.82 15.03
N VAL C 233 21.88 38.50 14.49
CA VAL C 233 21.19 39.48 13.65
C VAL C 233 20.76 40.68 14.52
N ASP C 234 20.52 40.43 15.81
CA ASP C 234 20.16 41.53 16.70
C ASP C 234 21.31 42.53 16.85
N LYS C 235 22.54 42.00 16.96
CA LYS C 235 23.72 42.83 17.05
C LYS C 235 23.80 43.67 15.80
N GLU C 236 23.75 43.00 14.66
CA GLU C 236 23.81 43.65 13.35
C GLU C 236 22.74 44.73 13.16
N MET C 237 21.50 44.43 13.53
CA MET C 237 20.43 45.43 13.40
C MET C 237 20.65 46.59 14.35
N GLY C 238 21.24 46.30 15.51
CA GLY C 238 21.57 47.33 16.49
C GLY C 238 22.45 48.42 15.92
N VAL C 239 23.32 48.07 14.97
CA VAL C 239 24.16 49.08 14.32
C VAL C 239 23.29 50.18 13.75
N VAL C 240 22.23 49.76 13.05
CA VAL C 240 21.34 50.69 12.39
C VAL C 240 20.47 51.47 13.37
N ILE C 241 20.01 50.81 14.42
CA ILE C 241 19.16 51.44 15.42
C ILE C 241 19.95 52.51 16.18
N ASN C 242 21.22 52.24 16.42
CA ASN C 242 22.08 53.15 17.17
C ASN C 242 22.41 54.36 16.35
N GLN C 243 22.55 54.19 15.04
CA GLN C 243 22.72 55.34 14.15
C GLN C 243 21.54 56.31 14.26
N LEU C 244 20.33 55.77 14.18
CA LEU C 244 19.12 56.59 14.29
C LEU C 244 19.09 57.31 15.62
N LYS C 245 19.56 56.62 16.65
CA LYS C 245 19.63 57.18 17.99
C LYS C 245 20.63 58.33 18.04
N GLU C 246 21.84 58.09 17.55
CA GLU C 246 22.92 59.06 17.63
C GLU C 246 22.60 60.30 16.80
N GLU C 247 21.69 60.16 15.85
CA GLU C 247 21.37 61.27 14.96
C GLU C 247 20.11 62.03 15.42
N GLY C 248 19.49 61.57 16.49
CA GLY C 248 18.32 62.23 17.04
C GLY C 248 17.06 62.04 16.21
N LEU C 249 16.95 60.87 15.59
CA LEU C 249 15.84 60.59 14.70
C LEU C 249 14.79 59.69 15.32
N LEU C 250 15.11 59.09 16.47
CA LEU C 250 14.27 58.06 17.09
C LEU C 250 12.83 58.49 17.27
N GLU C 251 12.63 59.71 17.77
CA GLU C 251 11.30 60.17 18.12
C GLU C 251 10.56 60.86 16.97
N ASP C 252 11.11 60.73 15.75
CA ASP C 252 10.43 61.22 14.55
C ASP C 252 10.11 60.08 13.61
N THR C 253 10.48 58.87 14.03
CA THR C 253 10.55 57.72 13.15
C THR C 253 9.88 56.48 13.73
N PHE C 254 8.85 55.97 13.03
CA PHE C 254 8.27 54.66 13.31
C PHE C 254 9.23 53.55 12.90
N ILE C 255 9.72 52.77 13.84
CA ILE C 255 10.64 51.70 13.50
C ILE C 255 9.98 50.31 13.62
N PHE C 256 9.91 49.60 12.49
CA PHE C 256 9.32 48.27 12.43
C PHE C 256 10.41 47.22 12.44
N TYR C 257 10.26 46.19 13.27
CA TYR C 257 11.10 45.01 13.08
C TYR C 257 10.20 43.80 12.86
N PHE C 258 10.43 43.07 11.77
CA PHE C 258 9.70 41.84 11.51
C PHE C 258 10.49 40.83 10.67
N GLY C 259 10.03 39.59 10.66
CA GLY C 259 10.54 38.58 9.74
C GLY C 259 9.82 38.71 8.42
N ASP C 260 10.40 38.22 7.33
CA ASP C 260 9.70 38.42 6.07
C ASP C 260 8.75 37.26 5.75
N HIS C 261 8.78 36.21 6.59
CA HIS C 261 7.77 35.14 6.64
C HIS C 261 8.20 34.09 7.69
N GLY C 262 7.34 33.13 7.97
CA GLY C 262 7.62 32.13 8.99
C GLY C 262 8.72 31.18 8.58
N GLY C 263 9.46 30.66 9.57
CA GLY C 263 10.51 29.68 9.32
C GLY C 263 11.52 29.59 10.46
N VAL C 264 12.65 28.90 10.25
CA VAL C 264 12.94 28.26 8.97
C VAL C 264 13.38 26.80 9.17
N LEU C 265 13.09 26.22 10.33
CA LEU C 265 13.28 24.78 10.57
C LEU C 265 12.28 23.98 9.71
N PRO C 266 12.50 22.65 9.55
CA PRO C 266 11.68 21.94 8.56
C PRO C 266 10.18 22.00 8.81
N GLY C 267 9.40 21.95 7.73
CA GLY C 267 7.94 22.00 7.79
C GLY C 267 7.32 23.38 7.93
N SER C 268 8.14 24.42 7.80
CA SER C 268 7.63 25.78 8.01
C SER C 268 7.64 26.58 6.70
N LYS C 269 8.78 27.21 6.42
CA LYS C 269 9.02 27.88 5.14
C LYS C 269 8.57 27.02 3.96
N GLY C 270 7.62 27.54 3.18
CA GLY C 270 7.14 26.83 2.01
C GLY C 270 5.77 26.20 2.19
N PHE C 271 5.19 26.36 3.38
CA PHE C 271 3.89 25.75 3.69
C PHE C 271 3.01 26.73 4.46
N VAL C 272 1.71 26.69 4.19
CA VAL C 272 0.81 27.64 4.86
C VAL C 272 0.20 27.11 6.17
N SER C 273 0.90 26.21 6.86
CA SER C 273 0.58 26.01 8.27
C SER C 273 1.11 27.26 9.00
N GLU C 274 0.65 27.50 10.22
CA GLU C 274 1.06 28.69 10.95
C GLU C 274 2.58 28.86 11.00
N ARG C 275 3.31 27.75 10.89
CA ARG C 275 4.77 27.76 10.94
C ARG C 275 5.41 28.61 9.81
N GLY C 276 4.80 28.57 8.63
CA GLY C 276 5.35 29.28 7.50
C GLY C 276 4.96 30.75 7.46
N LEU C 277 4.12 31.17 8.41
CA LEU C 277 3.46 32.46 8.30
C LEU C 277 3.67 33.41 9.47
N ASN C 278 3.80 32.88 10.68
CA ASN C 278 3.94 33.72 11.87
C ASN C 278 5.33 34.38 11.92
N VAL C 279 5.36 35.67 12.19
CA VAL C 279 6.61 36.44 12.27
C VAL C 279 6.62 37.33 13.51
N PRO C 280 7.82 37.61 14.05
CA PRO C 280 7.89 38.70 15.05
C PRO C 280 7.51 40.02 14.41
N LEU C 281 6.89 40.91 15.15
CA LEU C 281 6.63 42.26 14.67
C LEU C 281 6.59 43.22 15.85
N VAL C 282 7.51 44.17 15.81
CA VAL C 282 7.66 45.18 16.83
C VAL C 282 7.62 46.51 16.12
N VAL C 283 6.82 47.45 16.62
CA VAL C 283 6.83 48.82 16.13
C VAL C 283 7.11 49.82 17.26
N ARG C 284 8.30 50.41 17.23
CA ARG C 284 8.63 51.47 18.18
C ARG C 284 7.98 52.78 17.75
N VAL C 285 7.03 53.25 18.57
CA VAL C 285 6.28 54.46 18.27
C VAL C 285 7.08 55.71 18.67
N PRO C 286 7.36 56.59 17.70
CA PRO C 286 8.12 57.83 17.92
C PRO C 286 7.33 58.84 18.76
N LYS C 287 7.94 59.47 19.75
CA LYS C 287 7.23 60.42 20.63
C LYS C 287 6.54 61.56 19.89
N ASN C 288 7.21 62.14 18.91
CA ASN C 288 6.68 63.35 18.27
C ASN C 288 5.53 63.07 17.31
N PHE C 289 5.14 61.81 17.18
CA PHE C 289 4.01 61.47 16.33
C PHE C 289 2.99 60.58 17.02
N ARG C 290 2.99 60.59 18.34
CA ARG C 290 2.00 59.82 19.11
C ARG C 290 0.60 60.27 18.79
N HIS C 291 0.44 61.55 18.43
CA HIS C 291 -0.86 62.14 18.15
C HIS C 291 -1.53 61.53 16.92
N LEU C 292 -0.76 60.80 16.10
CA LEU C 292 -1.31 60.14 14.92
C LEU C 292 -2.08 58.90 15.34
N LEU C 293 -1.76 58.40 16.54
CA LEU C 293 -2.34 57.16 17.03
C LEU C 293 -3.32 57.40 18.16
N HIS C 294 -4.38 56.59 18.19
CA HIS C 294 -5.24 56.47 19.35
C HIS C 294 -4.39 56.25 20.60
N LYS C 295 -4.83 56.79 21.73
CA LYS C 295 -3.99 56.79 22.95
C LYS C 295 -3.56 55.38 23.38
N ASP C 296 -4.39 54.37 23.08
CA ASP C 296 -4.08 52.99 23.44
C ASP C 296 -2.89 52.40 22.69
N LEU C 297 -2.50 53.04 21.60
CA LEU C 297 -1.50 52.49 20.70
C LEU C 297 -0.21 53.28 20.69
N GLN C 298 -0.12 54.33 21.51
CA GLN C 298 1.01 55.26 21.46
C GLN C 298 2.27 54.65 22.08
N ALA C 299 2.11 53.53 22.77
CA ALA C 299 3.25 52.78 23.31
C ALA C 299 4.14 53.65 24.19
N LYS C 300 3.52 54.41 25.08
CA LYS C 300 4.26 55.10 26.12
C LYS C 300 4.92 54.04 26.99
N LEU C 301 4.16 53.01 27.32
CA LEU C 301 4.67 51.73 27.85
C LEU C 301 4.65 50.69 26.74
N SER C 302 5.54 49.69 26.83
CA SER C 302 5.47 48.54 25.93
C SER C 302 4.09 47.90 25.94
N THR C 303 3.51 47.71 24.75
CA THR C 303 2.12 47.31 24.66
C THR C 303 1.95 46.10 23.74
N ARG C 304 1.40 45.01 24.29
CA ARG C 304 1.07 43.83 23.51
C ARG C 304 -0.21 43.99 22.72
N VAL C 305 -0.16 43.54 21.46
CA VAL C 305 -1.32 43.54 20.58
C VAL C 305 -1.61 42.11 20.17
N ASP C 306 -2.83 41.64 20.42
CA ASP C 306 -3.19 40.25 20.10
C ASP C 306 -3.99 40.09 18.80
N GLY C 307 -4.46 41.19 18.23
CA GLY C 307 -5.25 41.10 17.01
C GLY C 307 -4.43 40.59 15.83
N VAL C 308 -5.07 39.89 14.90
CA VAL C 308 -4.35 39.33 13.77
C VAL C 308 -4.02 40.41 12.74
N ILE C 309 -2.73 40.60 12.50
CA ILE C 309 -2.20 41.53 11.52
C ILE C 309 -1.61 40.75 10.33
N SER C 310 -1.87 41.18 9.09
CA SER C 310 -1.32 40.47 7.92
C SER C 310 -0.37 41.33 7.11
N PHE C 311 0.41 40.71 6.23
CA PHE C 311 1.34 41.48 5.40
C PHE C 311 0.62 42.43 4.44
N ILE C 312 -0.60 42.10 4.01
CA ILE C 312 -1.37 43.03 3.18
C ILE C 312 -1.69 44.36 3.91
N ASP C 313 -1.62 44.36 5.24
CA ASP C 313 -1.93 45.55 6.05
C ASP C 313 -0.78 46.55 6.16
N PHE C 314 0.42 46.15 5.74
CA PHE C 314 1.60 46.97 6.02
C PHE C 314 1.61 48.27 5.18
N ALA C 315 1.41 48.12 3.87
CA ALA C 315 1.38 49.29 2.97
C ALA C 315 0.26 50.30 3.32
N PRO C 316 -1.00 49.81 3.50
CA PRO C 316 -2.02 50.74 3.99
C PRO C 316 -1.64 51.45 5.29
N THR C 317 -0.91 50.77 6.18
CA THR C 317 -0.57 51.36 7.45
C THR C 317 0.35 52.57 7.22
N LEU C 318 1.34 52.44 6.35
CA LEU C 318 2.26 53.55 6.11
C LEU C 318 1.60 54.69 5.37
N LEU C 319 0.60 54.35 4.56
CA LEU C 319 -0.10 55.35 3.76
C LEU C 319 -0.90 56.25 4.68
N GLU C 320 -1.57 55.67 5.67
CA GLU C 320 -2.36 56.48 6.59
C GLU C 320 -1.44 57.34 7.44
N LEU C 321 -0.37 56.76 7.94
CA LEU C 321 0.59 57.50 8.74
C LEU C 321 1.24 58.63 7.93
N ALA C 322 1.23 58.50 6.61
CA ALA C 322 1.82 59.51 5.74
C ALA C 322 0.80 60.53 5.29
N GLY C 323 -0.46 60.31 5.67
CA GLY C 323 -1.54 61.21 5.28
C GLY C 323 -2.09 60.97 3.88
N LEU C 324 -1.91 59.77 3.35
CA LEU C 324 -2.29 59.45 1.97
C LEU C 324 -3.49 58.50 1.91
N PRO C 325 -4.29 58.59 0.83
CA PRO C 325 -5.41 57.65 0.67
C PRO C 325 -4.92 56.23 0.35
N LYS C 326 -5.72 55.25 0.74
CA LYS C 326 -5.47 53.86 0.36
C LYS C 326 -5.70 53.70 -1.15
N SER C 327 -5.00 52.74 -1.76
CA SER C 327 -5.30 52.38 -3.15
C SER C 327 -6.59 51.60 -3.21
N LYS C 328 -7.34 51.78 -4.29
CA LYS C 328 -8.64 51.15 -4.40
C LYS C 328 -8.54 49.66 -4.73
N LEU C 329 -7.36 49.24 -5.16
CA LEU C 329 -7.11 47.82 -5.45
C LEU C 329 -6.40 47.07 -4.31
N GLN C 330 -6.13 47.75 -3.20
CA GLN C 330 -5.44 47.10 -2.07
C GLN C 330 -6.40 46.26 -1.23
N ASP C 331 -5.86 45.24 -0.57
CA ASP C 331 -6.69 44.31 0.17
C ASP C 331 -6.61 44.54 1.68
N GLY C 332 -5.50 45.11 2.15
CA GLY C 332 -5.26 45.25 3.57
C GLY C 332 -5.84 46.52 4.18
N GLU C 333 -5.80 46.61 5.50
CA GLU C 333 -6.29 47.78 6.23
C GLU C 333 -5.26 48.22 7.27
N SER C 334 -5.15 49.53 7.46
CA SER C 334 -4.20 50.10 8.41
C SER C 334 -4.46 49.65 9.83
N PHE C 335 -3.40 49.29 10.55
CA PHE C 335 -3.55 48.89 11.94
C PHE C 335 -2.91 49.94 12.89
N LEU C 336 -2.60 51.10 12.33
CA LEU C 336 -2.15 52.24 13.10
C LEU C 336 -2.99 53.42 12.66
N SER C 337 -3.89 53.87 13.54
CA SER C 337 -4.80 54.91 13.13
C SER C 337 -5.24 55.73 14.34
N LYS C 338 -5.65 56.97 14.10
CA LYS C 338 -6.06 57.85 15.19
C LYS C 338 -7.33 57.29 15.84
N ASN C 339 -8.18 56.64 15.05
CA ASN C 339 -9.46 56.16 15.54
C ASN C 339 -9.52 54.66 15.93
N LEU C 340 -8.37 53.98 15.90
CA LEU C 340 -8.32 52.54 16.23
C LEU C 340 -7.85 52.26 17.66
N SER C 341 -8.75 51.88 18.54
CA SER C 341 -8.34 51.52 19.89
C SER C 341 -7.69 50.14 19.91
N LEU C 342 -7.16 49.76 21.08
CA LEU C 342 -6.54 48.46 21.24
C LEU C 342 -7.61 47.37 21.22
N ASP C 343 -8.78 47.65 21.78
CA ASP C 343 -9.86 46.68 21.73
C ASP C 343 -10.31 46.44 20.29
N ASP C 344 -10.43 47.52 19.52
CA ASP C 344 -10.82 47.44 18.10
C ASP C 344 -9.85 46.58 17.34
N LEU C 345 -8.58 46.78 17.64
CA LEU C 345 -7.52 46.11 16.93
C LEU C 345 -7.55 44.62 17.26
N ASN C 346 -7.71 44.32 18.55
CA ASN C 346 -7.71 42.94 19.01
C ASN C 346 -8.91 42.14 18.50
N LYS C 347 -9.87 42.79 17.87
CA LYS C 347 -11.00 42.10 17.26
C LYS C 347 -10.58 41.41 15.95
N ARG C 348 -9.55 41.93 15.30
CA ARG C 348 -9.10 41.35 14.02
C ARG C 348 -8.59 39.92 14.22
N ASN C 349 -9.20 38.99 13.50
CA ASN C 349 -8.90 37.58 13.69
C ASN C 349 -8.86 36.79 12.38
N THR C 350 -8.41 37.43 11.30
CA THR C 350 -8.48 36.82 9.97
C THR C 350 -7.13 36.80 9.25
N ASN C 351 -6.79 35.65 8.68
CA ASN C 351 -5.66 35.60 7.76
C ASN C 351 -5.90 34.57 6.66
N PHE C 352 -5.76 35.00 5.40
CA PHE C 352 -5.81 34.07 4.29
C PHE C 352 -4.39 33.88 3.81
N SER C 353 -4.05 32.65 3.45
CA SER C 353 -2.68 32.34 3.04
C SER C 353 -2.64 31.46 1.79
N PHE C 354 -1.52 31.52 1.08
CA PHE C 354 -1.41 30.96 -0.26
C PHE C 354 -0.07 30.26 -0.47
N ALA C 355 -0.10 29.11 -1.13
CA ALA C 355 1.13 28.42 -1.56
C ALA C 355 0.94 27.81 -2.94
N ASP C 356 1.90 28.01 -3.84
CA ASP C 356 1.83 27.40 -5.18
C ASP C 356 3.17 26.84 -5.66
N ARG C 357 4.09 27.67 -6.18
CA ARG C 357 5.36 27.13 -6.62
C ARG C 357 6.48 27.69 -5.76
N PHE C 358 7.39 26.81 -5.35
CA PHE C 358 8.60 27.20 -4.63
C PHE C 358 9.77 26.53 -5.34
N ASP C 359 10.51 27.33 -6.11
CA ASP C 359 11.51 26.81 -7.04
C ASP C 359 10.87 25.86 -8.02
N GLU C 360 11.37 24.62 -8.05
CA GLU C 360 10.88 23.65 -9.01
C GLU C 360 9.66 22.87 -8.51
N LYS C 361 9.36 23.00 -7.21
CA LYS C 361 8.29 22.22 -6.59
C LYS C 361 6.91 22.92 -6.60
N TYR C 362 5.89 22.23 -7.11
CA TYR C 362 4.51 22.73 -7.19
CA TYR C 362 4.56 22.79 -7.13
C TYR C 362 3.61 22.07 -6.16
N ASP C 363 2.63 22.82 -5.65
CA ASP C 363 1.46 22.28 -4.94
C ASP C 363 0.49 23.43 -4.71
N MET C 364 -0.81 23.15 -4.63
CA MET C 364 -1.75 24.24 -4.44
C MET C 364 -2.48 24.08 -3.12
N VAL C 365 -2.15 24.95 -2.17
CA VAL C 365 -2.72 24.93 -0.84
C VAL C 365 -3.21 26.32 -0.44
N ARG C 366 -4.35 26.38 0.25
CA ARG C 366 -4.92 27.64 0.74
C ARG C 366 -5.22 27.53 2.24
N GLY C 367 -4.84 28.55 3.01
CA GLY C 367 -5.11 28.57 4.43
C GLY C 367 -6.04 29.71 4.80
N PHE C 368 -6.96 29.43 5.73
CA PHE C 368 -7.96 30.41 6.15
C PHE C 368 -8.08 30.31 7.66
N ARG C 369 -7.47 31.28 8.35
CA ARG C 369 -7.58 31.39 9.78
C ARG C 369 -8.65 32.40 10.14
N LYS C 370 -9.52 32.03 11.08
CA LYS C 370 -10.63 32.89 11.54
C LYS C 370 -10.92 32.63 12.99
N GLY C 371 -10.76 33.65 13.83
CA GLY C 371 -10.88 33.44 15.26
C GLY C 371 -9.89 32.40 15.75
N LYS C 372 -10.38 31.38 16.45
CA LYS C 372 -9.48 30.39 17.01
C LYS C 372 -9.23 29.23 16.05
N TYR C 373 -9.94 29.22 14.94
CA TYR C 373 -9.84 28.11 13.99
C TYR C 373 -8.92 28.36 12.80
N LYS C 374 -8.13 27.34 12.48
CA LYS C 374 -7.36 27.29 11.25
C LYS C 374 -7.92 26.23 10.30
N TYR C 375 -8.28 26.66 9.10
CA TYR C 375 -8.76 25.81 8.03
C TYR C 375 -7.72 25.70 6.90
N ILE C 376 -7.40 24.48 6.49
CA ILE C 376 -6.48 24.24 5.37
C ILE C 376 -7.22 23.54 4.24
N ARG C 377 -7.05 24.03 3.02
CA ARG C 377 -7.61 23.36 1.85
C ARG C 377 -6.49 22.86 0.93
N ASN C 378 -6.34 21.54 0.82
CA ASN C 378 -5.36 20.92 -0.07
C ASN C 378 -6.04 20.51 -1.37
N TYR C 379 -5.87 21.31 -2.42
CA TYR C 379 -6.53 21.04 -3.69
C TYR C 379 -5.93 19.83 -4.42
N LEU C 380 -4.66 19.55 -4.14
CA LEU C 380 -3.95 18.40 -4.71
C LEU C 380 -3.39 17.52 -3.58
N PRO C 381 -4.28 16.80 -2.87
CA PRO C 381 -3.91 16.15 -1.63
C PRO C 381 -2.93 14.98 -1.83
N PHE C 382 -2.88 14.44 -3.05
CA PHE C 382 -1.92 13.38 -3.35
C PHE C 382 -0.49 13.89 -3.34
N ASN C 383 -0.30 15.20 -3.21
CA ASN C 383 1.05 15.77 -3.06
C ASN C 383 1.42 15.91 -1.59
N PRO C 384 2.23 14.98 -1.06
CA PRO C 384 2.70 15.15 0.32
C PRO C 384 3.52 16.44 0.42
N ASP C 385 3.49 17.10 1.56
CA ASP C 385 4.27 18.33 1.75
C ASP C 385 5.75 18.08 1.53
N GLY C 386 6.22 16.90 1.91
CA GLY C 386 7.61 16.52 1.76
C GLY C 386 8.07 16.22 0.33
N LEU C 387 7.14 16.29 -0.62
CA LEU C 387 7.46 16.24 -2.05
C LEU C 387 8.76 17.00 -2.35
N PHE C 388 9.69 16.33 -3.03
CA PHE C 388 11.07 16.81 -3.06
C PHE C 388 11.26 18.21 -3.67
N SER C 389 12.02 19.03 -2.95
CA SER C 389 12.56 20.31 -3.39
C SER C 389 14.05 20.33 -3.05
N SER C 390 14.90 20.55 -4.05
CA SER C 390 16.35 20.52 -3.85
C SER C 390 16.82 21.45 -2.74
N TYR C 391 16.40 22.71 -2.78
CA TYR C 391 16.90 23.66 -1.78
C TYR C 391 16.42 23.29 -0.37
N ARG C 392 15.17 22.84 -0.22
CA ARG C 392 14.68 22.43 1.12
C ARG C 392 15.62 21.42 1.79
N TYR C 393 15.95 20.38 1.04
CA TYR C 393 16.68 19.23 1.55
C TYR C 393 18.20 19.41 1.53
N LYS C 394 18.66 20.65 1.41
CA LYS C 394 20.07 20.95 1.68
C LYS C 394 20.26 21.19 3.19
N GLN C 395 19.17 21.26 3.92
CA GLN C 395 19.23 21.28 5.37
C GLN C 395 19.26 19.84 5.87
N ALA C 396 20.31 19.48 6.60
CA ALA C 396 20.50 18.11 7.09
C ALA C 396 19.27 17.56 7.83
N ALA C 397 18.64 18.41 8.64
CA ALA C 397 17.50 17.95 9.42
C ALA C 397 16.35 17.48 8.53
N TYR C 398 16.14 18.15 7.41
CA TYR C 398 15.16 17.69 6.42
C TYR C 398 15.47 16.26 5.95
N ARG C 399 16.74 15.99 5.62
CA ARG C 399 17.09 14.67 5.09
C ARG C 399 16.95 13.61 6.17
N GLU C 400 17.26 13.97 7.40
CA GLU C 400 17.10 13.05 8.52
C GLU C 400 15.62 12.80 8.80
N TRP C 401 14.81 13.85 8.66
CA TRP C 401 13.37 13.73 8.87
C TRP C 401 12.81 12.73 7.88
N LYS C 402 13.20 12.88 6.62
CA LYS C 402 12.72 12.01 5.57
C LYS C 402 13.23 10.56 5.73
N HIS C 403 14.47 10.42 6.19
CA HIS C 403 15.04 9.09 6.32
C HIS C 403 14.34 8.31 7.42
N LEU C 404 14.02 9.00 8.52
CA LEU C 404 13.31 8.39 9.63
C LEU C 404 11.87 7.99 9.25
N PHE C 405 11.26 8.75 8.34
CA PHE C 405 9.95 8.38 7.83
C PHE C 405 10.02 7.09 7.04
N LYS C 406 11.02 7.01 6.15
CA LYS C 406 11.14 5.86 5.25
C LYS C 406 11.49 4.58 6.05
N ALA C 407 12.14 4.75 7.19
CA ALA C 407 12.52 3.64 8.05
C ALA C 407 11.45 3.30 9.11
N ASN C 408 10.29 3.95 8.98
CA ASN C 408 9.15 3.72 9.88
C ASN C 408 9.46 3.97 11.37
N LYS C 409 10.27 4.98 11.65
CA LYS C 409 10.60 5.33 13.03
C LYS C 409 9.87 6.60 13.52
N LEU C 410 8.93 7.14 12.76
CA LEU C 410 8.23 8.35 13.18
C LEU C 410 6.81 8.07 13.65
N ASN C 411 6.33 8.81 14.64
CA ASN C 411 4.92 8.66 15.03
C ASN C 411 4.04 9.36 13.99
N SER C 412 2.72 9.38 14.23
CA SER C 412 1.77 9.90 13.23
C SER C 412 1.87 11.41 13.02
N VAL C 413 1.99 12.15 14.11
CA VAL C 413 2.13 13.61 14.06
C VAL C 413 3.42 13.99 13.32
N GLN C 414 4.47 13.21 13.52
CA GLN C 414 5.76 13.48 12.90
C GLN C 414 5.84 13.02 11.45
N SER C 415 4.93 12.14 11.04
CA SER C 415 5.04 11.60 9.69
C SER C 415 4.02 12.18 8.72
N ALA C 416 3.14 13.04 9.22
CA ALA C 416 2.05 13.59 8.40
C ALA C 416 2.59 14.38 7.21
N PHE C 417 3.67 15.10 7.47
CA PHE C 417 4.41 15.85 6.46
C PHE C 417 4.74 15.04 5.18
N PHE C 418 4.96 13.74 5.31
CA PHE C 418 5.41 12.95 4.17
C PHE C 418 4.33 12.11 3.54
N LYS C 419 3.10 12.24 4.05
CA LYS C 419 1.99 11.39 3.63
C LYS C 419 0.98 12.14 2.75
N ARG C 420 0.18 11.38 2.00
CA ARG C 420 -1.04 11.90 1.39
C ARG C 420 -1.78 12.80 2.38
N LYS C 421 -2.30 13.92 1.88
CA LYS C 421 -2.94 14.91 2.77
C LYS C 421 -4.46 14.77 2.79
N PRO C 422 -5.09 15.19 3.88
CA PRO C 422 -6.55 15.33 3.82
C PRO C 422 -6.95 16.46 2.85
N LEU C 423 -8.12 16.36 2.22
CA LEU C 423 -8.63 17.42 1.34
C LEU C 423 -8.88 18.72 2.13
N GLU C 424 -9.33 18.56 3.38
CA GLU C 424 -9.51 19.66 4.33
C GLU C 424 -8.90 19.33 5.67
N ALA C 425 -8.35 20.32 6.35
CA ALA C 425 -7.94 20.19 7.75
C ALA C 425 -8.48 21.37 8.57
N LEU C 426 -9.00 21.07 9.75
CA LEU C 426 -9.49 22.09 10.68
C LEU C 426 -8.82 21.93 12.03
N TYR C 427 -8.17 23.00 12.50
CA TYR C 427 -7.47 23.02 13.78
C TYR C 427 -8.06 24.06 14.71
N ASP C 428 -8.12 23.72 16.00
CA ASP C 428 -8.36 24.69 17.07
C ASP C 428 -7.02 25.20 17.57
N LEU C 429 -6.65 26.41 17.16
CA LEU C 429 -5.32 26.93 17.48
C LEU C 429 -5.10 27.23 18.96
N GLU C 430 -6.19 27.45 19.69
CA GLU C 430 -6.10 27.70 21.12
C GLU C 430 -5.78 26.42 21.88
N GLN C 431 -6.48 25.34 21.56
CA GLN C 431 -6.21 24.05 22.19
C GLN C 431 -5.07 23.28 21.50
N ASP C 432 -4.74 23.65 20.25
CA ASP C 432 -3.81 22.86 19.39
C ASP C 432 -2.95 23.75 18.47
N PRO C 433 -2.11 24.64 19.05
CA PRO C 433 -1.41 25.66 18.25
C PRO C 433 -0.43 25.11 17.22
N PHE C 434 0.00 23.86 17.38
CA PHE C 434 0.91 23.24 16.43
C PHE C 434 0.20 22.49 15.30
N GLU C 435 -1.13 22.65 15.22
CA GLU C 435 -1.94 22.07 14.16
C GLU C 435 -1.71 20.57 13.94
N THR C 436 -1.94 19.77 14.99
CA THR C 436 -1.64 18.35 14.96
C THR C 436 -2.88 17.44 14.99
N LYS C 437 -4.01 17.97 15.44
CA LYS C 437 -5.20 17.14 15.50
C LYS C 437 -6.29 17.71 14.58
N ASN C 438 -6.45 17.07 13.43
CA ASN C 438 -7.45 17.48 12.47
C ASN C 438 -8.87 17.17 12.95
N LEU C 439 -9.68 18.21 13.05
CA LEU C 439 -11.06 18.08 13.52
C LEU C 439 -12.06 17.93 12.38
N ALA C 440 -11.56 18.00 11.14
CA ALA C 440 -12.42 18.10 9.97
C ALA C 440 -13.32 16.88 9.75
N LEU C 441 -12.97 15.76 10.38
CA LEU C 441 -13.76 14.55 10.20
C LEU C 441 -14.68 14.26 11.38
N LEU C 442 -14.48 14.98 12.49
CA LEU C 442 -15.28 14.75 13.68
C LEU C 442 -16.65 15.42 13.54
N PRO C 443 -17.72 14.69 13.92
CA PRO C 443 -19.12 15.16 13.71
C PRO C 443 -19.44 16.47 14.42
N GLN C 444 -18.88 16.73 15.60
CA GLN C 444 -19.22 17.95 16.32
C GLN C 444 -18.57 19.20 15.72
N TYR C 445 -17.74 19.01 14.70
CA TYR C 445 -17.12 20.15 14.02
C TYR C 445 -17.64 20.33 12.59
N THR C 446 -18.72 19.64 12.26
CA THR C 446 -19.25 19.69 10.89
C THR C 446 -19.68 21.10 10.49
N GLU C 447 -20.35 21.81 11.39
CA GLU C 447 -20.80 23.16 11.06
C GLU C 447 -19.61 24.07 10.78
N GLN C 448 -18.60 24.03 11.65
CA GLN C 448 -17.45 24.93 11.50
C GLN C 448 -16.70 24.61 10.20
N VAL C 449 -16.61 23.33 9.83
CA VAL C 449 -16.03 22.97 8.53
C VAL C 449 -16.84 23.59 7.39
N ILE C 450 -18.16 23.44 7.44
CA ILE C 450 -19.03 23.96 6.41
C ILE C 450 -18.91 25.48 6.27
N LYS C 451 -18.84 26.18 7.39
CA LYS C 451 -18.77 27.63 7.37
C LYS C 451 -17.43 28.10 6.80
N MET C 452 -16.35 27.44 7.20
CA MET C 452 -15.00 27.88 6.80
C MET C 452 -14.72 27.52 5.36
N ARG C 453 -15.24 26.36 4.95
CA ARG C 453 -15.17 25.96 3.56
C ARG C 453 -15.81 27.04 2.67
N ALA C 454 -17.02 27.47 3.02
CA ALA C 454 -17.70 28.49 2.23
C ALA C 454 -16.98 29.85 2.32
N GLY C 455 -16.42 30.19 3.48
CA GLY C 455 -15.69 31.43 3.64
C GLY C 455 -14.46 31.50 2.73
N LEU C 456 -13.71 30.40 2.66
CA LEU C 456 -12.57 30.38 1.76
C LEU C 456 -13.02 30.47 0.30
N GLN C 457 -14.00 29.66 -0.08
CA GLN C 457 -14.45 29.63 -1.46
C GLN C 457 -14.87 31.01 -1.93
N LYS C 458 -15.66 31.69 -1.12
CA LYS C 458 -16.12 33.04 -1.46
C LYS C 458 -14.93 33.99 -1.62
N LYS C 459 -13.94 33.92 -0.72
CA LYS C 459 -12.78 34.79 -0.85
C LYS C 459 -12.03 34.60 -2.17
N LEU C 460 -11.78 33.34 -2.51
CA LEU C 460 -10.97 33.02 -3.70
C LEU C 460 -11.76 33.37 -4.97
N GLN C 461 -13.08 33.21 -4.92
CA GLN C 461 -13.92 33.59 -6.05
C GLN C 461 -13.99 35.09 -6.23
N SER C 462 -14.05 35.82 -5.12
CA SER C 462 -14.26 37.25 -5.20
C SER C 462 -12.96 38.01 -5.50
N MET C 463 -11.80 37.39 -5.27
CA MET C 463 -10.54 38.12 -5.43
C MET C 463 -10.31 38.57 -6.88
N PRO C 464 -10.36 37.67 -7.89
CA PRO C 464 -10.41 36.20 -7.89
C PRO C 464 -9.00 35.67 -7.78
N ASP C 465 -8.89 34.45 -7.26
CA ASP C 465 -7.60 33.78 -7.15
C ASP C 465 -7.19 33.28 -8.55
N LEU C 466 -6.28 34.00 -9.21
CA LEU C 466 -5.88 33.67 -10.58
C LEU C 466 -5.17 32.32 -10.68
N ALA C 467 -4.63 31.85 -9.57
CA ALA C 467 -3.79 30.65 -9.56
C ALA C 467 -4.56 29.36 -9.82
N PHE C 468 -5.87 29.44 -10.02
CA PHE C 468 -6.58 28.25 -10.45
C PHE C 468 -6.37 28.01 -11.95
N TYR C 469 -5.77 28.97 -12.65
CA TYR C 469 -5.18 28.67 -13.95
C TYR C 469 -3.75 28.24 -13.71
N PRO C 470 -3.36 27.08 -14.26
CA PRO C 470 -1.96 26.64 -14.12
C PRO C 470 -0.99 27.73 -14.58
N GLU C 471 0.10 27.92 -13.84
CA GLU C 471 1.08 28.97 -14.14
C GLU C 471 1.49 29.00 -15.63
N SER C 472 1.57 27.82 -16.24
CA SER C 472 2.07 27.67 -17.60
C SER C 472 1.09 28.18 -18.64
N TYR C 473 -0.12 28.51 -18.20
CA TYR C 473 -1.09 29.17 -19.06
C TYR C 473 -1.20 30.61 -18.63
N LEU C 474 -1.21 30.80 -17.31
CA LEU C 474 -1.54 32.07 -16.70
C LEU C 474 -0.53 33.19 -16.97
N VAL C 475 0.75 32.98 -16.63
CA VAL C 475 1.65 34.11 -16.54
C VAL C 475 1.96 34.74 -17.91
N ASP C 476 1.99 33.93 -18.95
CA ASP C 476 2.29 34.47 -20.28
C ASP C 476 1.24 35.46 -20.77
N ILE C 477 0.00 35.25 -20.34
CA ILE C 477 -1.13 36.09 -20.72
C ILE C 477 -1.34 37.24 -19.72
N ALA C 478 -1.25 36.95 -18.43
CA ALA C 478 -1.53 37.95 -17.39
C ALA C 478 -0.40 38.96 -17.19
N LYS C 479 0.80 38.65 -17.68
CA LYS C 479 1.98 39.46 -17.39
C LYS C 479 1.86 40.92 -17.90
N ASP C 480 1.08 41.13 -18.96
CA ASP C 480 0.87 42.48 -19.51
C ASP C 480 0.09 43.36 -18.56
N ASP C 481 -0.93 42.76 -17.95
CA ASP C 481 -1.77 43.42 -16.95
C ASP C 481 -2.72 42.37 -16.37
N PRO C 482 -2.48 41.97 -15.11
CA PRO C 482 -3.25 40.88 -14.50
C PRO C 482 -4.71 41.26 -14.27
N ILE C 483 -5.00 42.54 -14.08
CA ILE C 483 -6.36 42.94 -13.73
C ILE C 483 -7.28 42.73 -14.92
N ILE C 484 -6.69 42.65 -16.11
CA ILE C 484 -7.44 42.36 -17.33
C ILE C 484 -7.77 40.88 -17.49
N PHE C 485 -6.82 40.01 -17.18
CA PHE C 485 -7.08 38.57 -17.12
C PHE C 485 -8.16 38.31 -16.07
N SER C 486 -8.05 39.04 -14.97
CA SER C 486 -8.96 38.89 -13.85
C SER C 486 -10.41 39.20 -14.26
N LEU C 487 -10.59 40.32 -14.97
CA LEU C 487 -11.90 40.69 -15.48
C LEU C 487 -12.45 39.66 -16.47
N LYS C 488 -11.59 39.17 -17.35
CA LYS C 488 -12.01 38.23 -18.38
C LYS C 488 -12.48 36.89 -17.82
N HIS C 489 -11.83 36.41 -16.77
CA HIS C 489 -11.97 35.01 -16.35
C HIS C 489 -12.47 34.81 -14.93
N LYS C 490 -13.08 35.84 -14.37
CA LYS C 490 -13.60 35.76 -13.01
C LYS C 490 -14.60 34.61 -12.88
N ASN C 491 -15.56 34.56 -13.80
CA ASN C 491 -16.50 33.45 -13.84
C ASN C 491 -15.83 32.08 -14.01
N ASP C 492 -14.83 32.01 -14.89
CA ASP C 492 -14.18 30.74 -15.19
C ASP C 492 -13.48 30.22 -13.95
N ILE C 493 -12.85 31.15 -13.23
CA ILE C 493 -12.15 30.81 -12.02
C ILE C 493 -13.15 30.24 -11.00
N ALA C 494 -14.31 30.90 -10.86
CA ALA C 494 -15.35 30.39 -9.97
C ALA C 494 -15.74 28.94 -10.36
N ARG C 495 -15.81 28.65 -11.65
CA ARG C 495 -16.17 27.31 -12.10
C ARG C 495 -15.07 26.29 -11.71
N PHE C 496 -13.81 26.66 -11.91
CA PHE C 496 -12.69 25.79 -11.54
C PHE C 496 -12.78 25.39 -10.07
N ILE C 497 -13.08 26.37 -9.22
CA ILE C 497 -13.20 26.15 -7.78
C ILE C 497 -14.38 25.21 -7.49
N ASN C 498 -15.53 25.50 -8.10
CA ASN C 498 -16.69 24.62 -7.96
C ASN C 498 -16.37 23.18 -8.37
N ILE C 499 -15.66 23.03 -9.49
CA ILE C 499 -15.32 21.69 -9.98
C ILE C 499 -14.43 20.90 -9.00
N ILE C 500 -13.33 21.50 -8.54
CA ILE C 500 -12.42 20.76 -7.70
C ILE C 500 -13.07 20.52 -6.34
N ASP C 501 -13.97 21.41 -5.93
CA ASP C 501 -14.61 21.22 -4.64
C ASP C 501 -15.72 20.16 -4.69
N MET C 502 -16.02 19.64 -5.87
CA MET C 502 -16.91 18.48 -5.94
C MET C 502 -16.28 17.28 -5.19
N SER C 503 -14.95 17.26 -5.11
CA SER C 503 -14.25 16.16 -4.46
C SER C 503 -14.44 16.20 -2.95
N LEU C 504 -15.07 17.26 -2.44
CA LEU C 504 -15.42 17.33 -1.02
C LEU C 504 -16.73 16.61 -0.68
N GLN C 505 -17.50 16.25 -1.71
CA GLN C 505 -18.81 15.61 -1.52
C GLN C 505 -18.71 14.08 -1.64
N PRO C 506 -19.74 13.36 -1.14
CA PRO C 506 -19.77 11.90 -1.41
C PRO C 506 -19.79 11.65 -2.92
N PHE C 507 -18.99 10.69 -3.37
CA PHE C 507 -18.84 10.45 -4.81
C PHE C 507 -20.17 10.24 -5.54
N GLU C 508 -21.11 9.56 -4.90
CA GLU C 508 -22.36 9.23 -5.57
C GLU C 508 -23.15 10.47 -5.88
N GLN C 509 -23.00 11.48 -5.04
CA GLN C 509 -23.77 12.71 -5.20
C GLN C 509 -23.27 13.53 -6.39
N VAL C 510 -21.99 13.44 -6.68
CA VAL C 510 -21.43 14.30 -7.73
C VAL C 510 -20.98 13.57 -8.99
N LYS C 511 -21.03 12.24 -8.98
CA LYS C 511 -20.37 11.48 -10.06
C LYS C 511 -20.87 11.85 -11.45
N ASN C 512 -22.15 12.18 -11.58
CA ASN C 512 -22.66 12.52 -12.89
C ASN C 512 -22.17 13.89 -13.35
N LYS C 513 -22.14 14.85 -12.43
CA LYS C 513 -21.60 16.17 -12.74
C LYS C 513 -20.10 16.10 -13.02
N LEU C 514 -19.39 15.32 -12.22
CA LEU C 514 -17.95 15.20 -12.37
C LEU C 514 -17.62 14.55 -13.71
N LYS C 515 -18.48 13.62 -14.14
CA LYS C 515 -18.33 12.94 -15.42
C LYS C 515 -18.46 13.92 -16.56
N ALA C 516 -19.51 14.71 -16.52
CA ALA C 516 -19.76 15.70 -17.56
C ALA C 516 -18.57 16.67 -17.67
N VAL C 517 -17.93 17.02 -16.55
CA VAL C 517 -16.77 17.92 -16.60
C VAL C 517 -15.53 17.23 -17.16
N LEU C 518 -15.35 15.95 -16.84
CA LEU C 518 -14.28 15.18 -17.49
C LEU C 518 -14.41 15.18 -19.01
N LEU C 519 -15.64 15.27 -19.51
CA LEU C 519 -15.89 15.28 -20.95
C LEU C 519 -16.07 16.69 -21.51
N SER C 520 -15.76 17.69 -20.70
CA SER C 520 -15.85 19.08 -21.14
C SER C 520 -14.92 19.37 -22.31
N ASN C 521 -15.29 20.38 -23.09
CA ASN C 521 -14.45 20.80 -24.21
C ASN C 521 -13.37 21.81 -23.78
N GLU C 522 -13.48 22.34 -22.57
CA GLU C 522 -12.49 23.28 -22.08
C GLU C 522 -11.40 22.54 -21.30
N GLN C 523 -10.16 22.71 -21.79
CA GLN C 523 -9.03 21.94 -21.33
C GLN C 523 -8.82 22.07 -19.82
N TRP C 524 -9.00 23.26 -19.26
CA TRP C 524 -8.70 23.47 -17.85
C TRP C 524 -9.82 22.99 -16.94
N GLU C 525 -11.02 22.87 -17.48
CA GLU C 525 -12.10 22.20 -16.78
C GLU C 525 -11.82 20.70 -16.67
N ARG C 526 -11.34 20.09 -17.76
CA ARG C 526 -10.92 18.69 -17.69
C ARG C 526 -9.77 18.54 -16.71
N TYR C 527 -8.88 19.53 -16.68
CA TYR C 527 -7.79 19.54 -15.71
C TYR C 527 -8.32 19.44 -14.26
N TRP C 528 -9.25 20.31 -13.88
CA TRP C 528 -9.71 20.30 -12.49
C TRP C 528 -10.61 19.10 -12.19
N ALA C 529 -11.28 18.59 -13.21
CA ALA C 529 -12.05 17.36 -13.09
C ALA C 529 -11.14 16.17 -12.77
N MET C 530 -10.02 16.10 -13.49
CA MET C 530 -9.04 15.06 -13.24
C MET C 530 -8.42 15.17 -11.84
N ASN C 531 -8.23 16.40 -11.36
CA ASN C 531 -7.69 16.62 -10.02
C ASN C 531 -8.71 16.17 -8.98
N ALA C 532 -9.99 16.38 -9.26
CA ALA C 532 -11.05 15.90 -8.36
C ALA C 532 -11.10 14.36 -8.34
N VAL C 533 -11.01 13.76 -9.52
CA VAL C 533 -10.94 12.31 -9.64
C VAL C 533 -9.72 11.77 -8.88
N LEU C 534 -8.58 12.45 -9.00
CA LEU C 534 -7.39 12.05 -8.23
C LEU C 534 -7.60 12.17 -6.71
N ALA C 535 -8.30 13.21 -6.26
CA ALA C 535 -8.58 13.33 -4.83
C ALA C 535 -9.49 12.19 -4.38
N PHE C 536 -10.46 11.83 -5.23
CA PHE C 536 -11.35 10.70 -4.99
C PHE C 536 -10.64 9.34 -4.98
N GLY C 537 -9.52 9.23 -5.67
CA GLY C 537 -8.75 7.98 -5.72
C GLY C 537 -9.56 6.80 -6.26
N ASP C 538 -9.50 5.67 -5.54
CA ASP C 538 -10.19 4.46 -5.99
C ASP C 538 -11.71 4.62 -6.07
N LYS C 539 -12.27 5.51 -5.26
CA LYS C 539 -13.72 5.78 -5.28
C LYS C 539 -14.23 6.16 -6.68
N ALA C 540 -13.30 6.54 -7.56
CA ALA C 540 -13.68 7.00 -8.90
C ALA C 540 -13.36 6.03 -10.04
N ASN C 541 -12.97 4.78 -9.73
CA ASN C 541 -12.49 3.87 -10.78
C ASN C 541 -13.53 3.60 -11.86
N GLU C 542 -14.80 3.82 -11.53
CA GLU C 542 -15.89 3.79 -12.49
C GLU C 542 -15.59 4.63 -13.74
N PHE C 543 -14.81 5.69 -13.57
CA PHE C 543 -14.46 6.58 -14.67
C PHE C 543 -13.28 6.09 -15.51
N LEU C 544 -12.74 4.93 -15.17
CA LEU C 544 -11.51 4.40 -15.82
C LEU C 544 -11.47 4.51 -17.35
N PRO C 545 -12.57 4.15 -18.06
CA PRO C 545 -12.49 4.26 -19.53
C PRO C 545 -12.36 5.69 -20.04
N ILE C 546 -12.97 6.66 -19.37
CA ILE C 546 -12.83 8.07 -19.74
C ILE C 546 -11.41 8.57 -19.41
N ILE C 547 -10.86 8.12 -18.27
CA ILE C 547 -9.51 8.47 -17.85
C ILE C 547 -8.47 7.92 -18.82
N GLU C 548 -8.74 6.75 -19.39
CA GLU C 548 -7.80 6.17 -20.34
C GLU C 548 -7.88 6.91 -21.66
N LYS C 549 -9.07 7.38 -22.03
CA LYS C 549 -9.21 8.17 -23.26
C LYS C 549 -8.45 9.49 -23.12
N ILE C 550 -8.50 10.07 -21.92
CA ILE C 550 -7.76 11.30 -21.65
C ILE C 550 -6.26 11.05 -21.82
N ARG C 551 -5.76 9.99 -21.19
CA ARG C 551 -4.35 9.60 -21.33
C ARG C 551 -3.92 9.47 -22.79
N GLN C 552 -4.74 8.83 -23.60
CA GLN C 552 -4.42 8.52 -24.99
C GLN C 552 -4.60 9.69 -25.95
N SER C 553 -5.57 10.56 -25.69
CA SER C 553 -6.02 11.48 -26.73
C SER C 553 -6.21 12.96 -26.37
N ASP C 554 -5.92 13.36 -25.14
CA ASP C 554 -6.18 14.75 -24.76
C ASP C 554 -5.18 15.67 -25.46
N ILE C 555 -5.64 16.83 -25.92
CA ILE C 555 -4.76 17.77 -26.60
C ILE C 555 -3.84 18.46 -25.59
N ASN C 556 -4.29 18.52 -24.34
CA ASN C 556 -3.50 19.13 -23.28
C ASN C 556 -2.57 18.11 -22.61
N LEU C 557 -1.27 18.43 -22.57
CA LEU C 557 -0.26 17.49 -22.08
C LEU C 557 -0.29 17.29 -20.57
N ILE C 558 -0.67 18.33 -19.83
CA ILE C 558 -0.85 18.21 -18.38
C ILE C 558 -2.05 17.28 -18.11
N ASN C 559 -3.11 17.44 -18.89
CA ASN C 559 -4.29 16.57 -18.73
C ASN C 559 -3.91 15.09 -18.88
N ARG C 560 -3.16 14.76 -19.92
CA ARG C 560 -2.70 13.40 -20.12
C ARG C 560 -1.90 12.91 -18.92
N SER C 561 -1.02 13.78 -18.41
CA SER C 561 -0.16 13.45 -17.29
C SER C 561 -0.96 13.14 -16.01
N ARG C 562 -2.02 13.91 -15.76
CA ARG C 562 -2.91 13.63 -14.64
C ARG C 562 -3.56 12.26 -14.79
N ALA C 563 -4.02 11.96 -15.99
CA ALA C 563 -4.60 10.64 -16.27
C ALA C 563 -3.57 9.54 -15.98
N ILE C 564 -2.36 9.73 -16.50
CA ILE C 564 -1.30 8.75 -16.31
C ILE C 564 -0.99 8.63 -14.82
N GLN C 565 -1.01 9.77 -14.14
CA GLN C 565 -0.79 9.82 -12.69
C GLN C 565 -1.83 8.97 -11.97
N TYR C 566 -3.09 9.14 -12.34
CA TYR C 566 -4.16 8.38 -11.72
C TYR C 566 -3.97 6.87 -11.90
N LEU C 567 -3.66 6.45 -13.12
CA LEU C 567 -3.56 5.02 -13.42
C LEU C 567 -2.43 4.36 -12.64
N ALA C 568 -1.32 5.07 -12.46
CA ALA C 568 -0.21 4.58 -11.66
C ALA C 568 -0.60 4.38 -10.19
N LEU C 569 -1.17 5.42 -9.60
CA LEU C 569 -1.52 5.43 -8.17
C LEU C 569 -2.68 4.48 -7.82
N ASN C 570 -3.59 4.24 -8.76
CA ASN C 570 -4.79 3.46 -8.42
C ASN C 570 -4.94 2.14 -9.19
N ASN C 571 -4.20 1.98 -10.29
CA ASN C 571 -4.23 0.73 -11.07
C ASN C 571 -2.87 0.05 -11.21
N GLY C 572 -1.86 0.61 -10.58
CA GLY C 572 -0.53 0.02 -10.60
C GLY C 572 0.11 0.05 -11.96
N VAL C 573 -0.29 0.99 -12.81
CA VAL C 573 0.25 1.11 -14.17
C VAL C 573 1.50 2.00 -14.24
N SER C 574 2.59 1.47 -14.82
CA SER C 574 3.83 2.21 -14.91
C SER C 574 3.66 3.49 -15.73
N PRO C 575 4.06 4.66 -15.16
CA PRO C 575 4.00 5.95 -15.83
C PRO C 575 5.32 6.37 -16.48
N GLN C 576 6.40 5.61 -16.25
CA GLN C 576 7.75 6.07 -16.60
C GLN C 576 7.89 6.51 -18.05
N LEU C 577 7.62 5.59 -18.98
CA LEU C 577 7.89 5.87 -20.38
C LEU C 577 7.00 6.99 -20.91
N GLU C 578 5.72 6.99 -20.54
CA GLU C 578 4.80 8.01 -21.02
C GLU C 578 5.12 9.41 -20.48
N LEU C 579 5.42 9.54 -19.19
CA LEU C 579 5.75 10.87 -18.67
C LEU C 579 7.07 11.37 -19.27
N GLU C 580 8.01 10.46 -19.48
CA GLU C 580 9.26 10.80 -20.15
C GLU C 580 9.00 11.40 -21.53
N ASP C 581 8.13 10.74 -22.28
CA ASP C 581 7.73 11.22 -23.60
C ASP C 581 7.07 12.60 -23.54
N LEU C 582 6.12 12.77 -22.61
CA LEU C 582 5.35 14.00 -22.50
C LEU C 582 6.21 15.19 -22.07
N VAL C 583 7.17 14.95 -21.19
CA VAL C 583 8.09 16.02 -20.79
C VAL C 583 8.87 16.55 -21.99
N LYS C 584 9.40 15.64 -22.80
CA LYS C 584 10.20 16.02 -23.97
C LYS C 584 9.32 16.71 -25.00
N GLN C 585 8.03 16.41 -24.95
CA GLN C 585 7.07 16.95 -25.88
C GLN C 585 6.61 18.36 -25.54
N ALA C 586 6.83 18.79 -24.30
CA ALA C 586 6.34 20.09 -23.86
C ALA C 586 7.03 21.20 -24.65
N LYS C 587 6.24 22.09 -25.24
CA LYS C 587 6.81 23.13 -26.11
C LYS C 587 7.26 24.38 -25.36
N ASP C 588 6.96 24.46 -24.07
CA ASP C 588 7.37 25.60 -23.27
C ASP C 588 7.86 25.10 -21.91
N PRO C 589 8.68 25.90 -21.21
CA PRO C 589 9.33 25.45 -19.98
C PRO C 589 8.37 25.12 -18.81
N LEU C 590 7.42 26.00 -18.56
CA LEU C 590 6.55 25.83 -17.41
C LEU C 590 5.67 24.58 -17.53
N THR C 591 5.25 24.26 -18.75
CA THR C 591 4.47 23.04 -18.95
C THR C 591 5.33 21.82 -18.66
N ALA C 592 6.57 21.85 -19.14
CA ALA C 592 7.50 20.77 -18.86
C ALA C 592 7.70 20.66 -17.35
N LEU C 593 7.82 21.81 -16.69
CA LEU C 593 8.01 21.85 -15.24
C LEU C 593 6.80 21.25 -14.50
N ALA C 594 5.59 21.53 -14.98
CA ALA C 594 4.41 20.98 -14.33
C ALA C 594 4.40 19.45 -14.44
N ILE C 595 4.72 18.93 -15.60
CA ILE C 595 4.74 17.48 -15.78
C ILE C 595 5.85 16.85 -14.93
N LEU C 596 6.96 17.56 -14.80
CA LEU C 596 8.06 17.08 -13.97
C LEU C 596 7.66 17.05 -12.49
N ASN C 597 6.74 17.93 -12.09
CA ASN C 597 6.30 17.90 -10.70
C ASN C 597 5.50 16.60 -10.47
N ILE C 598 4.63 16.28 -11.41
CA ILE C 598 3.87 15.03 -11.39
C ILE C 598 4.80 13.81 -11.33
N ALA C 599 5.89 13.85 -12.09
CA ALA C 599 6.85 12.74 -12.09
C ALA C 599 7.51 12.62 -10.71
N THR C 600 7.71 13.76 -10.05
CA THR C 600 8.27 13.77 -8.69
C THR C 600 7.32 13.13 -7.70
N GLN C 601 6.02 13.41 -7.87
CA GLN C 601 5.03 12.82 -6.97
C GLN C 601 5.04 11.30 -7.15
N LEU C 602 5.09 10.86 -8.40
CA LEU C 602 5.15 9.43 -8.69
C LEU C 602 6.47 8.82 -8.24
N HIS C 603 7.57 9.56 -8.40
CA HIS C 603 8.87 9.12 -7.92
C HIS C 603 8.88 8.88 -6.40
N ASP C 604 8.42 9.89 -5.66
CA ASP C 604 8.44 9.85 -4.19
C ASP C 604 7.46 8.85 -3.60
N THR C 605 6.33 8.64 -4.25
CA THR C 605 5.32 7.71 -3.72
C THR C 605 5.49 6.26 -4.22
N LEU C 606 5.82 6.06 -5.49
CA LEU C 606 5.86 4.70 -6.04
C LEU C 606 7.27 4.19 -6.36
N GLY C 607 8.30 4.98 -6.07
CA GLY C 607 9.68 4.53 -6.25
C GLY C 607 10.11 4.40 -7.70
N ILE C 608 9.63 5.33 -8.51
CA ILE C 608 9.83 5.27 -9.94
C ILE C 608 10.93 6.24 -10.38
N ALA C 609 11.88 5.77 -11.17
CA ALA C 609 12.92 6.62 -11.74
C ALA C 609 12.51 7.13 -13.11
N PHE C 610 13.06 8.27 -13.50
CA PHE C 610 12.74 8.84 -14.80
C PHE C 610 14.01 9.38 -15.44
N ASN C 611 14.22 9.06 -16.71
CA ASN C 611 15.31 9.63 -17.48
C ASN C 611 14.77 10.75 -18.34
N ILE C 612 15.00 11.97 -17.90
CA ILE C 612 14.36 13.12 -18.51
C ILE C 612 15.23 13.75 -19.60
N GLU C 613 14.62 14.06 -20.74
CA GLU C 613 15.25 14.88 -21.75
C GLU C 613 14.28 16.00 -22.09
N LEU C 614 14.80 17.20 -22.34
CA LEU C 614 13.95 18.33 -22.65
C LEU C 614 13.88 18.62 -24.15
N ASN C 615 12.84 19.34 -24.54
CA ASN C 615 12.60 19.77 -25.91
C ASN C 615 13.60 20.85 -26.40
N LYS C 616 14.16 20.63 -27.60
CA LYS C 616 15.11 21.56 -28.21
C LYS C 616 14.48 22.93 -28.53
N LEU C 617 13.16 22.95 -28.73
CA LEU C 617 12.44 24.17 -29.10
C LEU C 617 12.66 25.38 -28.17
N TRP C 618 13.04 25.13 -26.91
CA TRP C 618 13.24 26.21 -25.93
C TRP C 618 14.45 25.99 -25.01
N SER C 631 20.06 37.39 -18.03
CA SER C 631 20.93 36.23 -17.92
C SER C 631 20.72 35.49 -16.58
N PHE C 632 20.59 36.24 -15.49
CA PHE C 632 20.27 35.65 -14.19
C PHE C 632 18.97 34.85 -14.23
N HIS C 633 18.03 35.29 -15.04
CA HIS C 633 16.73 34.63 -15.12
C HIS C 633 16.89 33.27 -15.77
N LYS C 634 17.66 33.21 -16.86
CA LYS C 634 17.85 31.98 -17.62
C LYS C 634 18.55 30.89 -16.79
N ARG C 635 19.45 31.32 -15.91
CA ARG C 635 20.14 30.39 -15.02
C ARG C 635 19.14 29.84 -13.98
N THR C 636 18.33 30.73 -13.40
CA THR C 636 17.34 30.32 -12.40
C THR C 636 16.38 29.28 -12.97
N VAL C 637 15.85 29.56 -14.15
CA VAL C 637 14.92 28.64 -14.79
C VAL C 637 15.63 27.32 -15.06
N ASP C 638 16.86 27.39 -15.53
CA ASP C 638 17.62 26.19 -15.87
C ASP C 638 17.92 25.36 -14.62
N GLY C 639 18.01 26.01 -13.47
CA GLY C 639 18.35 25.32 -12.23
C GLY C 639 17.21 24.45 -11.75
N TRP C 640 15.98 24.88 -12.03
CA TRP C 640 14.79 24.11 -11.67
C TRP C 640 14.83 22.77 -12.42
N PHE C 641 15.16 22.84 -13.70
CA PHE C 641 15.19 21.64 -14.53
C PHE C 641 16.38 20.75 -14.22
N LYS C 642 17.51 21.34 -13.85
CA LYS C 642 18.66 20.55 -13.45
C LYS C 642 18.31 19.79 -12.17
N ALA C 643 17.73 20.50 -11.21
CA ALA C 643 17.33 19.90 -9.93
C ALA C 643 16.38 18.72 -10.12
N ARG C 644 15.40 18.89 -11.01
CA ARG C 644 14.45 17.82 -11.26
C ARG C 644 15.13 16.64 -12.00
N MET C 645 15.96 16.94 -13.01
CA MET C 645 16.59 15.87 -13.79
C MET C 645 17.55 15.04 -12.94
N ASP C 646 18.33 15.70 -12.09
CA ASP C 646 19.27 15.02 -11.20
C ASP C 646 18.58 14.10 -10.19
N TYR C 647 17.50 14.60 -9.59
CA TYR C 647 16.78 13.85 -8.55
C TYR C 647 15.98 12.66 -9.08
N LEU C 648 15.28 12.88 -10.20
CA LEU C 648 14.37 11.87 -10.72
C LEU C 648 15.11 10.67 -11.28
N LYS C 649 16.36 10.89 -11.67
CA LYS C 649 17.22 9.87 -12.28
C LYS C 649 17.33 8.64 -11.38
N ASN C 650 17.45 8.86 -10.07
CA ASN C 650 17.65 7.78 -9.10
C ASN C 650 16.44 7.45 -8.21
N ILE C 651 16.20 6.15 -8.03
CA ILE C 651 15.08 5.65 -7.25
C ILE C 651 15.49 5.42 -5.79
N LYS D 42 42.97 -13.24 25.74
CA LYS D 42 44.01 -13.15 26.76
C LYS D 42 43.83 -11.92 27.66
N ARG D 43 43.27 -10.85 27.11
CA ARG D 43 43.08 -9.62 27.89
C ARG D 43 41.61 -9.26 28.07
N PRO D 44 41.28 -8.62 29.21
CA PRO D 44 39.89 -8.21 29.53
C PRO D 44 39.45 -6.91 28.88
N ASN D 45 38.14 -6.79 28.65
CA ASN D 45 37.51 -5.54 28.24
C ASN D 45 37.13 -4.70 29.46
N PHE D 46 37.00 -3.39 29.26
CA PHE D 46 36.60 -2.48 30.34
C PHE D 46 35.43 -1.64 29.85
N VAL D 47 34.47 -1.42 30.73
CA VAL D 47 33.37 -0.51 30.42
C VAL D 47 33.22 0.47 31.57
N TRP D 48 33.15 1.76 31.23
CA TRP D 48 32.91 2.79 32.22
C TRP D 48 31.56 3.43 32.00
N LEU D 49 30.63 3.18 32.91
CA LEU D 49 29.31 3.80 32.83
C LEU D 49 29.30 4.97 33.81
N VAL D 50 29.19 6.19 33.29
CA VAL D 50 29.38 7.36 34.13
C VAL D 50 28.13 8.22 34.14
N SER D 51 27.53 8.39 35.32
CA SER D 51 26.42 9.32 35.48
C SER D 51 27.00 10.67 35.91
N GLU D 52 26.44 11.76 35.43
CA GLU D 52 26.98 13.07 35.75
C GLU D 52 26.49 13.60 37.11
N ASP D 53 27.44 14.16 37.87
CA ASP D 53 27.18 15.03 39.03
C ASP D 53 26.59 14.39 40.29
N ASN D 54 26.49 13.06 40.38
CA ASN D 54 25.72 12.53 41.52
C ASN D 54 26.52 11.81 42.61
N SER D 55 26.17 12.15 43.85
CA SER D 55 26.70 11.47 45.01
C SER D 55 25.93 10.20 45.38
N LYS D 56 26.53 9.42 46.28
CA LYS D 56 26.04 8.09 46.57
C LYS D 56 24.82 8.07 47.49
N ARG D 57 24.55 9.16 48.19
CA ARG D 57 23.41 9.16 49.12
C ARG D 57 22.07 9.00 48.41
N TYR D 58 22.03 9.27 47.11
CA TYR D 58 20.77 9.20 46.36
C TYR D 58 20.46 7.82 45.80
N LEU D 59 21.33 6.85 46.05
CA LEU D 59 21.14 5.47 45.61
C LEU D 59 20.72 4.59 46.78
N LYS D 60 19.65 3.83 46.59
CA LYS D 60 19.18 2.84 47.57
C LYS D 60 20.32 1.91 47.95
N LEU D 61 21.22 1.69 47.01
CA LEU D 61 22.36 0.80 47.22
C LEU D 61 23.23 1.25 48.41
N TYR D 62 23.21 2.55 48.70
CA TYR D 62 24.06 3.11 49.73
C TYR D 62 23.28 3.74 50.88
N ASN D 63 21.98 3.96 50.69
CA ASN D 63 21.20 4.78 51.61
C ASN D 63 19.73 4.32 51.59
N ALA D 64 19.17 4.10 52.78
CA ALA D 64 17.81 3.59 52.92
C ALA D 64 16.78 4.49 52.24
N LYS D 65 17.06 5.78 52.23
CA LYS D 65 16.18 6.76 51.59
C LYS D 65 16.53 7.01 50.11
N GLY D 66 17.47 6.24 49.56
CA GLY D 66 17.83 6.41 48.16
C GLY D 66 16.86 5.81 47.14
N ALA D 67 17.20 5.94 45.87
CA ALA D 67 16.34 5.50 44.77
C ALA D 67 16.66 4.08 44.31
N GLU D 68 15.62 3.28 44.11
CA GLU D 68 15.74 1.96 43.51
C GLU D 68 16.49 2.03 42.19
N MET D 69 17.55 1.25 42.04
CA MET D 69 18.24 1.23 40.75
C MET D 69 18.62 -0.21 40.41
N PRO D 70 17.62 -0.98 39.95
CA PRO D 70 17.78 -2.42 39.68
C PRO D 70 18.89 -2.77 38.69
N ASN D 71 19.08 -1.97 37.63
CA ASN D 71 20.11 -2.31 36.66
C ASN D 71 21.52 -2.16 37.26
N ILE D 72 21.78 -1.07 37.97
CA ILE D 72 23.09 -0.90 38.62
C ILE D 72 23.27 -1.92 39.75
N GLU D 73 22.19 -2.13 40.51
CA GLU D 73 22.17 -3.06 41.63
C GLU D 73 22.46 -4.49 41.15
N SER D 74 22.15 -4.76 39.86
CA SER D 74 22.43 -6.08 39.31
C SER D 74 23.93 -6.27 39.09
N LEU D 75 24.66 -5.20 38.78
CA LEU D 75 26.11 -5.27 38.65
C LEU D 75 26.73 -5.74 39.96
N ALA D 76 26.13 -5.35 41.08
CA ALA D 76 26.64 -5.70 42.40
C ALA D 76 26.51 -7.20 42.75
N LYS D 77 25.57 -7.90 42.10
CA LYS D 77 25.31 -9.32 42.40
C LYS D 77 26.53 -10.22 42.16
N GLN D 78 27.40 -9.78 41.25
CA GLN D 78 28.64 -10.49 40.98
C GLN D 78 29.75 -9.43 40.93
N GLY D 79 29.78 -8.60 41.95
CA GLY D 79 30.57 -7.39 41.89
C GLY D 79 31.00 -6.83 43.24
N LEU D 80 31.81 -5.78 43.17
CA LEU D 80 32.29 -5.04 44.32
C LEU D 80 31.54 -3.71 44.44
N VAL D 81 30.96 -3.45 45.60
CA VAL D 81 30.37 -2.16 45.87
C VAL D 81 31.33 -1.35 46.75
N PHE D 82 31.79 -0.21 46.25
CA PHE D 82 32.75 0.62 47.00
C PHE D 82 32.05 1.69 47.82
N ASN D 83 32.22 1.63 49.14
CA ASN D 83 31.56 2.57 50.04
C ASN D 83 32.22 3.96 50.14
N ASN D 84 33.48 4.06 49.72
CA ASN D 84 34.26 5.28 49.92
C ASN D 84 35.09 5.68 48.70
N ALA D 85 34.41 5.75 47.55
CA ALA D 85 35.01 6.27 46.32
C ALA D 85 34.83 7.78 46.28
N PHE D 86 35.85 8.49 45.78
CA PHE D 86 35.89 9.95 45.79
C PHE D 86 36.61 10.52 44.57
N SER D 87 36.11 11.62 44.04
CA SER D 87 36.88 12.38 43.07
C SER D 87 37.91 13.23 43.82
N ASN D 88 38.88 13.76 43.10
CA ASN D 88 39.87 14.66 43.70
C ASN D 88 39.49 16.14 43.49
N SER D 89 38.30 16.37 42.94
CA SER D 89 37.86 17.72 42.64
C SER D 89 36.38 17.69 42.33
N PRO D 90 35.66 18.79 42.58
CA PRO D 90 34.21 18.74 42.61
C PRO D 90 33.53 19.26 41.35
N VAL D 91 34.12 19.04 40.18
CA VAL D 91 33.48 19.45 38.94
C VAL D 91 33.98 18.61 37.77
N SER D 92 33.13 18.50 36.76
CA SER D 92 33.34 17.65 35.60
C SER D 92 34.73 17.69 34.93
N SER D 93 35.21 18.88 34.54
CA SER D 93 36.37 18.88 33.67
C SER D 93 37.62 18.42 34.41
N THR D 94 37.82 18.97 35.60
CA THR D 94 38.99 18.61 36.39
C THR D 94 38.92 17.14 36.85
N ALA D 95 37.72 16.66 37.17
CA ALA D 95 37.53 15.26 37.59
C ALA D 95 37.67 14.28 36.42
N ARG D 96 37.13 14.64 35.27
CA ARG D 96 37.32 13.85 34.04
C ARG D 96 38.80 13.77 33.68
N THR D 97 39.50 14.89 33.83
CA THR D 97 40.92 14.95 33.53
C THR D 97 41.68 14.01 34.47
N THR D 98 41.32 14.04 35.74
CA THR D 98 41.89 13.15 36.76
C THR D 98 41.72 11.66 36.39
N LEU D 99 40.50 11.28 36.03
CA LEU D 99 40.17 9.93 35.60
C LEU D 99 41.08 9.49 34.46
N ALA D 100 41.10 10.26 33.37
CA ALA D 100 41.93 9.91 32.21
C ALA D 100 43.44 9.81 32.52
N LEU D 101 43.96 10.68 33.38
CA LEU D 101 45.42 10.76 33.55
C LEU D 101 45.99 9.94 34.71
N GLY D 102 45.21 9.71 35.76
CA GLY D 102 45.71 8.99 36.92
C GLY D 102 46.67 9.86 37.71
N ALA D 103 46.50 11.17 37.55
CA ALA D 103 47.43 12.15 38.08
C ALA D 103 46.64 13.37 38.51
N TYR D 104 47.22 14.18 39.40
CA TYR D 104 46.57 15.41 39.86
C TYR D 104 46.61 16.54 38.84
N PRO D 105 45.45 17.07 38.45
CA PRO D 105 45.43 18.23 37.54
C PRO D 105 46.16 19.46 38.06
N ALA D 106 46.15 19.66 39.39
CA ALA D 106 46.74 20.87 39.97
C ALA D 106 48.23 20.94 39.68
N LYS D 107 48.88 19.79 39.56
CA LYS D 107 50.32 19.77 39.35
C LYS D 107 50.63 19.92 37.87
N LEU D 108 49.56 20.00 37.08
CA LEU D 108 49.67 20.05 35.63
C LEU D 108 48.99 21.31 35.08
N ALA D 109 48.63 22.23 35.96
CA ALA D 109 47.98 23.48 35.56
C ALA D 109 46.62 23.23 34.89
N MET D 110 45.97 22.14 35.29
CA MET D 110 44.68 21.77 34.72
C MET D 110 43.52 21.84 35.71
N GLU D 111 43.66 22.66 36.75
CA GLU D 111 42.63 22.77 37.78
C GLU D 111 41.51 23.80 37.51
N TYR D 112 41.36 24.24 36.25
CA TYR D 112 40.45 25.34 35.95
C TYR D 112 39.29 24.92 35.05
N HIS D 113 38.07 25.23 35.49
CA HIS D 113 36.88 24.76 34.81
C HIS D 113 35.99 25.86 34.26
N ARG D 114 35.76 25.87 32.96
CA ARG D 114 36.47 25.04 32.01
C ARG D 114 37.73 25.79 31.61
N PRO D 115 38.69 25.13 30.95
CA PRO D 115 39.97 25.81 30.75
C PRO D 115 39.92 26.98 29.79
N PHE D 116 40.79 27.95 30.08
CA PHE D 116 41.07 29.06 29.20
C PHE D 116 42.10 28.59 28.16
N GLU D 117 43.15 27.93 28.64
CA GLU D 117 44.07 27.25 27.74
C GLU D 117 44.18 25.78 28.14
N ARG D 118 44.03 24.85 27.20
CA ARG D 118 44.30 23.45 27.49
C ARG D 118 45.81 23.20 27.54
N ILE D 119 46.23 22.19 28.28
CA ILE D 119 47.65 21.99 28.56
C ILE D 119 48.21 20.80 27.80
N ASN D 120 49.35 20.97 27.12
CA ASN D 120 49.96 19.84 26.45
C ASN D 120 50.57 18.87 27.46
N LEU D 121 50.42 17.56 27.22
CA LEU D 121 50.90 16.54 28.14
C LEU D 121 52.41 16.34 28.04
N PRO D 122 53.06 16.02 29.19
CA PRO D 122 54.49 15.67 29.29
C PRO D 122 54.76 14.29 28.74
N ARG D 123 56.02 14.00 28.44
CA ARG D 123 56.39 12.78 27.72
C ARG D 123 55.95 11.49 28.43
N GLU D 124 56.16 11.40 29.75
CA GLU D 124 55.87 10.14 30.43
C GLU D 124 54.44 10.01 30.98
N LEU D 125 53.50 10.77 30.42
CA LEU D 125 52.11 10.70 30.87
C LEU D 125 51.12 10.80 29.74
N SER D 126 50.21 9.84 29.66
CA SER D 126 49.11 10.01 28.73
C SER D 126 47.80 9.55 29.36
N THR D 127 46.75 9.53 28.55
CA THR D 127 45.44 9.13 29.01
C THR D 127 45.28 7.62 29.01
N ILE D 128 44.22 7.15 29.63
CA ILE D 128 44.02 5.72 29.69
C ILE D 128 43.54 5.22 28.31
N SER D 129 42.69 5.99 27.64
CA SER D 129 42.26 5.63 26.28
C SER D 129 43.45 5.52 25.32
N ASP D 130 44.32 6.53 25.34
CA ASP D 130 45.53 6.52 24.51
C ASP D 130 46.37 5.29 24.80
N TYR D 131 46.69 5.06 26.07
CA TYR D 131 47.52 3.92 26.44
C TYR D 131 46.94 2.59 25.92
N LEU D 132 45.64 2.43 26.08
CA LEU D 132 44.97 1.19 25.68
C LEU D 132 44.89 1.10 24.15
N THR D 133 44.53 2.20 23.49
CA THR D 133 44.48 2.25 22.02
C THR D 133 45.82 1.83 21.43
N LYS D 134 46.91 2.28 22.04
CA LYS D 134 48.23 1.89 21.58
C LYS D 134 48.48 0.42 21.86
N ALA D 135 47.99 -0.08 22.99
CA ALA D 135 48.23 -1.48 23.37
C ALA D 135 47.39 -2.47 22.53
N GLY D 136 46.47 -1.96 21.72
CA GLY D 136 45.68 -2.83 20.86
C GLY D 136 44.17 -2.76 21.11
N TYR D 137 43.77 -2.08 22.18
CA TYR D 137 42.35 -2.01 22.51
C TYR D 137 41.62 -1.20 21.45
N TYR D 138 40.35 -1.53 21.24
CA TYR D 138 39.45 -0.64 20.53
C TYR D 138 38.79 0.23 21.59
N THR D 139 39.02 1.54 21.51
CA THR D 139 38.48 2.44 22.51
C THR D 139 37.37 3.31 21.94
N SER D 140 36.22 3.31 22.59
CA SER D 140 35.11 4.13 22.15
C SER D 140 34.63 5.03 23.26
N ASN D 141 34.19 6.23 22.91
CA ASN D 141 33.74 7.23 23.88
C ASN D 141 32.49 7.94 23.41
N ASP D 142 31.44 7.81 24.20
CA ASP D 142 30.14 8.38 23.89
C ASP D 142 29.60 9.11 25.12
N ALA D 143 29.89 10.41 25.22
CA ALA D 143 30.62 11.14 24.19
C ALA D 143 31.32 12.30 24.86
N LYS D 144 30.85 12.64 26.07
CA LYS D 144 31.43 13.70 26.89
C LYS D 144 32.94 13.53 27.05
N GLU D 145 33.69 14.55 26.66
CA GLU D 145 35.13 14.56 26.87
C GLU D 145 35.53 15.45 28.05
N ASP D 146 35.52 16.77 27.83
CA ASP D 146 35.72 17.76 28.89
C ASP D 146 37.12 17.68 29.50
N TYR D 147 38.11 17.44 28.66
CA TYR D 147 39.48 17.32 29.12
C TYR D 147 40.16 18.70 29.24
N ASN D 148 41.06 18.84 30.20
CA ASN D 148 41.76 20.10 30.37
C ASN D 148 43.16 20.01 29.75
N PHE D 149 43.49 18.83 29.22
CA PHE D 149 44.70 18.65 28.43
C PHE D 149 44.39 18.69 26.94
N VAL D 150 45.41 18.99 26.14
CA VAL D 150 45.32 18.79 24.71
C VAL D 150 45.31 17.29 24.43
N SER D 151 44.31 16.82 23.69
CA SER D 151 44.16 15.39 23.41
C SER D 151 45.34 14.83 22.62
N PRO D 152 45.84 13.65 23.03
CA PRO D 152 46.80 12.88 22.22
C PRO D 152 46.18 12.58 20.85
N GLU D 153 47.02 12.43 19.82
CA GLU D 153 46.48 12.04 18.51
C GLU D 153 45.97 10.61 18.67
N ASN D 154 44.86 10.30 17.98
CA ASN D 154 44.22 8.99 18.15
C ASN D 154 44.00 8.65 19.62
N ASN D 155 43.53 9.63 20.38
CA ASN D 155 43.23 9.44 21.79
C ASN D 155 42.19 8.32 21.98
N TRP D 156 41.16 8.32 21.14
CA TRP D 156 40.16 7.24 21.05
C TRP D 156 40.08 6.62 19.64
N SER D 157 39.78 5.31 19.55
CA SER D 157 39.46 4.72 18.26
C SER D 157 38.27 5.45 17.64
N SER D 158 37.30 5.79 18.49
CA SER D 158 36.20 6.65 18.08
C SER D 158 35.65 7.42 19.27
N SER D 159 35.34 8.70 19.06
CA SER D 159 34.77 9.50 20.14
C SER D 159 33.72 10.45 19.60
N LYS D 160 32.48 9.99 19.62
CA LYS D 160 31.35 10.69 19.02
C LYS D 160 30.09 10.14 19.66
N LYS D 161 29.00 10.91 19.63
CA LYS D 161 27.71 10.39 20.07
C LYS D 161 27.44 9.11 19.28
N GLY D 162 27.05 8.05 19.98
CA GLY D 162 26.79 6.79 19.33
C GLY D 162 27.99 5.88 19.11
N ALA D 163 29.19 6.32 19.48
CA ALA D 163 30.36 5.44 19.39
C ALA D 163 30.13 4.22 20.29
N SER D 164 30.79 3.11 19.97
CA SER D 164 30.41 1.83 20.55
C SER D 164 31.45 0.74 20.37
N TRP D 165 31.46 -0.21 21.30
CA TRP D 165 32.32 -1.37 21.19
C TRP D 165 31.94 -2.28 19.99
N HIS D 166 30.75 -2.08 19.43
CA HIS D 166 30.31 -2.90 18.30
C HIS D 166 31.23 -2.78 17.11
N ASN D 167 31.69 -1.55 16.86
CA ASN D 167 32.54 -1.23 15.73
C ASN D 167 33.97 -1.75 15.88
N ARG D 168 34.22 -2.54 16.92
CA ARG D 168 35.52 -3.17 17.14
C ARG D 168 35.75 -4.30 16.16
N LYS D 169 37.01 -4.66 15.94
CA LYS D 169 37.34 -5.85 15.16
C LYS D 169 37.04 -7.07 16.01
N ALA D 170 36.64 -8.16 15.35
CA ALA D 170 36.34 -9.40 16.06
C ALA D 170 37.55 -9.87 16.87
N GLY D 171 37.30 -10.27 18.12
CA GLY D 171 38.35 -10.78 18.99
C GLY D 171 39.30 -9.72 19.56
N GLN D 172 38.98 -8.45 19.33
CA GLN D 172 39.77 -7.34 19.86
C GLN D 172 39.20 -6.90 21.21
N PRO D 173 40.05 -6.83 22.26
CA PRO D 173 39.62 -6.27 23.56
C PRO D 173 39.18 -4.82 23.43
N PHE D 174 38.20 -4.39 24.22
CA PHE D 174 37.69 -3.02 24.07
C PHE D 174 37.56 -2.25 25.39
N PHE D 175 37.57 -0.93 25.25
CA PHE D 175 37.29 -0.03 26.36
C PHE D 175 36.26 0.96 25.89
N HIS D 176 35.08 0.86 26.47
CA HIS D 176 33.98 1.73 26.13
C HIS D 176 33.63 2.62 27.32
N MET D 177 33.70 3.92 27.13
CA MET D 177 33.26 4.86 28.14
C MET D 177 32.01 5.56 27.63
N GLN D 178 31.06 5.79 28.52
CA GLN D 178 29.81 6.41 28.15
C GLN D 178 29.24 7.20 29.32
N THR D 179 28.69 8.35 28.99
CA THR D 179 28.25 9.30 29.98
C THR D 179 26.76 9.60 29.79
N TRP D 180 26.02 9.65 30.90
CA TRP D 180 24.62 10.04 30.89
C TRP D 180 24.42 11.36 31.63
N LYS D 181 23.76 12.33 30.99
CA LYS D 181 23.57 13.66 31.56
C LYS D 181 22.25 13.78 32.36
N THR D 182 21.59 12.66 32.58
CA THR D 182 20.28 12.66 33.22
C THR D 182 20.33 13.19 34.64
N THR D 183 21.49 13.08 35.28
CA THR D 183 21.65 13.56 36.64
C THR D 183 22.49 14.83 36.69
N HIS D 184 22.75 15.42 35.53
CA HIS D 184 23.53 16.66 35.48
C HIS D 184 22.84 17.74 36.29
N GLU D 185 23.63 18.68 36.79
CA GLU D 185 23.14 19.87 37.50
C GLU D 185 22.01 20.62 36.80
N GLY D 186 22.13 20.78 35.49
CA GLY D 186 21.13 21.51 34.73
C GLY D 186 19.72 20.99 34.92
N LYS D 187 19.59 19.69 35.21
CA LYS D 187 18.28 19.09 35.37
C LYS D 187 17.56 19.59 36.61
N LEU D 188 18.26 20.33 37.47
CA LEU D 188 17.62 20.88 38.67
C LEU D 188 17.44 22.39 38.56
N HIS D 189 17.50 22.89 37.33
CA HIS D 189 17.31 24.31 37.08
C HIS D 189 15.87 24.60 36.66
N PHE D 190 14.95 23.82 37.21
CA PHE D 190 13.53 23.98 36.97
C PHE D 190 12.98 25.18 37.74
N PRO D 191 11.86 25.75 37.27
CA PRO D 191 11.18 26.85 37.97
C PRO D 191 10.57 26.43 39.31
N GLU D 192 10.57 27.32 40.29
CA GLU D 192 10.01 27.01 41.60
C GLU D 192 8.52 26.58 41.52
N SER D 193 7.85 27.01 40.45
CA SER D 193 6.44 26.68 40.23
C SER D 193 6.19 25.18 40.04
N ASP D 194 7.25 24.44 39.72
CA ASP D 194 7.15 23.00 39.49
C ASP D 194 6.72 22.23 40.73
N ILE D 195 6.85 22.88 41.90
CA ILE D 195 6.42 22.25 43.14
C ILE D 195 4.95 21.84 43.04
N GLU D 196 4.13 22.72 42.46
CA GLU D 196 2.70 22.47 42.36
C GLU D 196 2.31 21.83 41.04
N ASN D 197 3.10 22.10 39.98
CA ASN D 197 2.76 21.65 38.63
C ASN D 197 3.34 20.29 38.22
N LEU D 198 4.38 19.82 38.90
CA LEU D 198 4.99 18.54 38.53
C LEU D 198 5.31 17.73 39.76
N SER D 199 4.38 16.84 40.11
CA SER D 199 4.60 15.95 41.23
C SER D 199 5.79 15.05 40.93
N THR D 200 6.53 14.71 41.98
CA THR D 200 7.62 13.76 41.84
C THR D 200 7.12 12.36 42.15
N ILE D 201 7.75 11.37 41.54
CA ILE D 201 7.42 9.99 41.84
C ILE D 201 7.80 9.73 43.30
N HIS D 202 9.03 10.07 43.67
CA HIS D 202 9.46 9.92 45.06
C HIS D 202 8.75 10.92 45.99
N ASN D 203 8.69 10.57 47.27
CA ASN D 203 7.95 11.33 48.27
C ASN D 203 8.84 12.32 49.05
N PRO D 204 8.70 13.63 48.76
CA PRO D 204 9.51 14.69 49.37
C PRO D 204 9.33 14.78 50.88
N ASN D 205 8.14 14.44 51.35
CA ASN D 205 7.82 14.51 52.77
C ASN D 205 8.66 13.56 53.62
N SER D 206 9.22 12.52 53.01
CA SER D 206 10.03 11.56 53.77
C SER D 206 11.52 11.77 53.52
N VAL D 207 11.87 12.86 52.86
CA VAL D 207 13.27 13.20 52.63
C VAL D 207 13.97 13.58 53.94
N GLU D 208 15.16 13.05 54.19
CA GLU D 208 15.96 13.51 55.31
C GLU D 208 17.08 14.40 54.77
N LEU D 209 16.94 15.71 54.95
CA LEU D 209 17.82 16.69 54.32
C LEU D 209 19.18 16.77 54.97
N ASP D 210 20.16 17.15 54.15
CA ASP D 210 21.49 17.57 54.61
C ASP D 210 21.33 18.66 55.66
N PRO D 211 21.92 18.48 56.85
CA PRO D 211 21.87 19.46 57.95
C PRO D 211 22.17 20.92 57.57
N ILE D 212 22.92 21.18 56.49
CA ILE D 212 23.25 22.56 56.13
C ILE D 212 22.15 23.18 55.28
N HIS D 213 21.16 22.35 54.92
CA HIS D 213 20.04 22.82 54.13
C HIS D 213 18.89 23.31 55.01
N PRO D 214 18.15 24.34 54.55
CA PRO D 214 16.94 24.73 55.27
C PRO D 214 15.84 23.72 55.00
N ASN D 215 15.01 23.42 56.01
CA ASN D 215 13.94 22.45 55.82
C ASN D 215 12.71 23.09 55.17
N THR D 216 12.80 23.31 53.86
CA THR D 216 11.69 23.92 53.13
C THR D 216 11.05 22.96 52.15
N GLU D 217 9.83 23.29 51.73
CA GLU D 217 9.13 22.47 50.77
C GLU D 217 9.91 22.44 49.45
N LEU D 218 10.65 23.50 49.14
CA LEU D 218 11.40 23.57 47.88
C LEU D 218 12.61 22.62 47.87
N PHE D 219 13.40 22.63 48.94
CA PHE D 219 14.55 21.74 49.05
C PHE D 219 14.13 20.26 49.02
N ARG D 220 13.11 19.92 49.81
CA ARG D 220 12.60 18.55 49.82
C ARG D 220 12.09 18.18 48.44
N TYR D 221 11.45 19.11 47.75
CA TYR D 221 10.97 18.85 46.40
C TYR D 221 12.14 18.58 45.48
N THR D 222 13.14 19.45 45.55
CA THR D 222 14.33 19.35 44.73
C THR D 222 15.05 18.01 45.00
N TYR D 223 15.17 17.66 46.27
CA TYR D 223 15.78 16.39 46.66
C TYR D 223 15.02 15.25 45.99
N ALA D 224 13.70 15.32 46.04
CA ALA D 224 12.85 14.30 45.42
C ALA D 224 13.07 14.24 43.90
N ARG D 225 13.08 15.40 43.25
CA ARG D 225 13.34 15.48 41.82
C ARG D 225 14.61 14.71 41.45
N TYR D 226 15.65 14.83 42.27
CA TYR D 226 16.93 14.22 41.96
C TYR D 226 16.85 12.70 42.10
N LEU D 227 16.00 12.26 43.03
CA LEU D 227 15.79 10.83 43.24
C LEU D 227 15.10 10.26 42.02
N ASP D 228 14.17 11.04 41.47
CA ASP D 228 13.46 10.63 40.26
C ASP D 228 14.43 10.41 39.13
N LEU D 229 15.37 11.35 38.97
CA LEU D 229 16.36 11.23 37.91
C LEU D 229 17.28 10.02 38.09
N HIS D 230 17.45 9.55 39.32
CA HIS D 230 18.27 8.37 39.51
C HIS D 230 17.56 7.12 39.02
N LYS D 231 16.26 7.05 39.26
CA LYS D 231 15.47 5.94 38.73
C LYS D 231 15.55 5.97 37.22
N LYS D 232 15.46 7.16 36.64
CA LYS D 232 15.46 7.27 35.19
C LYS D 232 16.82 6.89 34.56
N VAL D 233 17.93 7.33 35.16
CA VAL D 233 19.25 7.06 34.59
C VAL D 233 19.59 5.56 34.68
N ASP D 234 19.02 4.88 35.65
CA ASP D 234 19.24 3.45 35.77
C ASP D 234 18.61 2.70 34.58
N LYS D 235 17.42 3.12 34.19
CA LYS D 235 16.80 2.53 33.01
C LYS D 235 17.72 2.74 31.80
N GLU D 236 18.13 3.98 31.57
CA GLU D 236 18.98 4.30 30.42
C GLU D 236 20.28 3.46 30.41
N MET D 237 20.89 3.28 31.58
CA MET D 237 22.13 2.51 31.64
C MET D 237 21.87 1.01 31.45
N GLY D 238 20.69 0.56 31.88
CA GLY D 238 20.28 -0.82 31.67
C GLY D 238 20.31 -1.24 30.21
N VAL D 239 19.98 -0.31 29.33
CA VAL D 239 20.02 -0.52 27.89
C VAL D 239 21.38 -1.03 27.47
N VAL D 240 22.43 -0.39 27.98
CA VAL D 240 23.80 -0.75 27.62
C VAL D 240 24.25 -2.05 28.29
N ILE D 241 23.93 -2.20 29.57
CA ILE D 241 24.22 -3.45 30.28
C ILE D 241 23.54 -4.64 29.59
N ASN D 242 22.30 -4.46 29.18
CA ASN D 242 21.58 -5.55 28.54
C ASN D 242 22.10 -5.90 27.16
N GLN D 243 22.71 -4.93 26.47
CA GLN D 243 23.35 -5.24 25.19
C GLN D 243 24.56 -6.13 25.43
N LEU D 244 25.36 -5.80 26.44
CA LEU D 244 26.52 -6.62 26.82
C LEU D 244 26.11 -8.04 27.22
N LYS D 245 25.03 -8.12 28.01
CA LYS D 245 24.47 -9.40 28.40
C LYS D 245 24.10 -10.20 27.14
N GLU D 246 23.26 -9.59 26.30
CA GLU D 246 22.74 -10.23 25.09
C GLU D 246 23.87 -10.69 24.16
N GLU D 247 24.93 -9.91 24.07
CA GLU D 247 26.07 -10.29 23.24
C GLU D 247 27.00 -11.28 23.94
N GLY D 248 26.70 -11.63 25.18
CA GLY D 248 27.54 -12.55 25.93
C GLY D 248 28.93 -12.05 26.25
N LEU D 249 29.06 -10.75 26.54
CA LEU D 249 30.38 -10.17 26.82
C LEU D 249 30.63 -9.97 28.31
N LEU D 250 29.59 -10.22 29.11
CA LEU D 250 29.61 -9.92 30.54
C LEU D 250 30.80 -10.52 31.27
N GLU D 251 31.12 -11.77 30.95
CA GLU D 251 32.11 -12.50 31.73
C GLU D 251 33.53 -12.33 31.20
N ASP D 252 33.68 -11.45 30.21
CA ASP D 252 34.99 -11.03 29.73
C ASP D 252 35.27 -9.57 30.06
N THR D 253 34.33 -8.95 30.78
CA THR D 253 34.33 -7.50 30.90
C THR D 253 34.17 -6.99 32.34
N PHE D 254 35.12 -6.15 32.76
CA PHE D 254 34.98 -5.35 33.97
C PHE D 254 34.06 -4.19 33.71
N ILE D 255 32.93 -4.14 34.42
CA ILE D 255 31.97 -3.07 34.25
C ILE D 255 31.97 -2.15 35.47
N PHE D 256 32.43 -0.91 35.26
CA PHE D 256 32.45 0.11 36.30
C PHE D 256 31.23 1.00 36.14
N TYR D 257 30.48 1.18 37.22
CA TYR D 257 29.53 2.29 37.28
C TYR D 257 29.95 3.30 38.35
N PHE D 258 30.02 4.58 38.02
CA PHE D 258 30.32 5.60 39.02
C PHE D 258 29.81 7.00 38.62
N GLY D 259 29.70 7.90 39.60
CA GLY D 259 29.40 9.30 39.29
C GLY D 259 30.70 10.02 39.02
N ASP D 260 30.67 11.13 38.25
CA ASP D 260 31.93 11.75 37.85
C ASP D 260 32.43 12.81 38.85
N HIS D 261 31.65 13.03 39.91
CA HIS D 261 32.05 13.73 41.14
C HIS D 261 30.78 13.89 41.99
N GLY D 262 30.92 14.40 43.20
CA GLY D 262 29.79 14.57 44.10
C GLY D 262 28.81 15.66 43.68
N GLY D 263 27.54 15.51 44.10
CA GLY D 263 26.52 16.53 43.90
C GLY D 263 25.11 15.94 43.89
N VAL D 264 24.12 16.71 43.45
CA VAL D 264 24.34 18.06 42.93
C VAL D 264 23.35 19.09 43.53
N LEU D 265 22.91 18.82 44.75
CA LEU D 265 22.11 19.78 45.49
C LEU D 265 23.04 20.85 46.08
N PRO D 266 22.48 21.97 46.57
CA PRO D 266 23.35 23.09 46.95
C PRO D 266 24.47 22.72 47.94
N GLY D 267 25.63 23.36 47.78
CA GLY D 267 26.74 23.15 48.68
C GLY D 267 27.60 21.95 48.36
N SER D 268 27.40 21.32 47.20
CA SER D 268 28.14 20.10 46.84
C SER D 268 29.11 20.33 45.68
N LYS D 269 28.63 20.12 44.45
CA LYS D 269 29.39 20.45 43.26
C LYS D 269 30.02 21.86 43.37
N GLY D 270 31.32 21.95 43.13
CA GLY D 270 32.04 23.20 43.25
C GLY D 270 32.80 23.41 44.56
N PHE D 271 32.73 22.44 45.47
CA PHE D 271 33.34 22.60 46.79
C PHE D 271 33.94 21.28 47.25
N VAL D 272 35.03 21.36 48.00
CA VAL D 272 35.76 20.15 48.36
C VAL D 272 35.33 19.66 49.75
N SER D 273 34.13 20.02 50.16
CA SER D 273 33.50 19.27 51.23
C SER D 273 33.21 17.88 50.63
N GLU D 274 33.06 16.87 51.47
CA GLU D 274 32.78 15.51 50.99
C GLU D 274 31.59 15.44 50.02
N ARG D 275 30.65 16.38 50.16
CA ARG D 275 29.49 16.50 49.27
C ARG D 275 29.87 16.67 47.80
N GLY D 276 31.03 17.28 47.58
CA GLY D 276 31.47 17.57 46.23
C GLY D 276 32.29 16.43 45.66
N LEU D 277 32.61 15.46 46.50
CA LEU D 277 33.63 14.48 46.15
C LEU D 277 33.16 13.03 46.17
N ASN D 278 32.17 12.73 47.00
CA ASN D 278 31.79 11.33 47.14
C ASN D 278 30.92 10.90 45.98
N VAL D 279 31.20 9.71 45.44
CA VAL D 279 30.42 9.14 44.34
C VAL D 279 30.14 7.67 44.57
N PRO D 280 29.03 7.16 44.00
CA PRO D 280 28.85 5.71 43.91
C PRO D 280 29.93 5.09 43.04
N LEU D 281 30.31 3.86 43.37
CA LEU D 281 31.23 3.09 42.55
C LEU D 281 30.97 1.58 42.70
N VAL D 282 30.58 0.96 41.60
CA VAL D 282 30.27 -0.45 41.59
C VAL D 282 31.09 -1.09 40.46
N VAL D 283 31.74 -2.22 40.74
CA VAL D 283 32.49 -2.91 39.70
C VAL D 283 32.06 -4.36 39.58
N ARG D 284 31.41 -4.73 38.47
CA ARG D 284 31.05 -6.13 38.23
C ARG D 284 32.26 -6.87 37.67
N VAL D 285 32.71 -7.90 38.40
CA VAL D 285 33.91 -8.65 38.04
C VAL D 285 33.57 -9.86 37.17
N PRO D 286 34.15 -9.90 35.96
CA PRO D 286 33.87 -10.97 34.99
C PRO D 286 34.44 -12.32 35.43
N LYS D 287 33.65 -13.38 35.32
CA LYS D 287 34.11 -14.75 35.64
C LYS D 287 35.47 -15.09 35.01
N ASN D 288 35.65 -14.79 33.73
CA ASN D 288 36.87 -15.21 33.02
C ASN D 288 38.15 -14.49 33.40
N PHE D 289 38.05 -13.44 34.21
CA PHE D 289 39.28 -12.77 34.61
C PHE D 289 39.39 -12.60 36.12
N ARG D 290 38.75 -13.51 36.85
CA ARG D 290 38.90 -13.55 38.31
C ARG D 290 40.36 -13.78 38.71
N HIS D 291 41.08 -14.61 37.96
CA HIS D 291 42.48 -14.92 38.25
C HIS D 291 43.42 -13.68 38.22
N LEU D 292 42.95 -12.55 37.70
CA LEU D 292 43.74 -11.32 37.72
C LEU D 292 43.64 -10.61 39.08
N LEU D 293 42.72 -11.07 39.93
CA LEU D 293 42.45 -10.40 41.19
C LEU D 293 42.70 -11.29 42.40
N HIS D 294 43.04 -10.68 43.53
CA HIS D 294 43.15 -11.41 44.79
C HIS D 294 41.83 -12.13 45.07
N LYS D 295 41.92 -13.30 45.69
CA LYS D 295 40.75 -14.09 46.09
C LYS D 295 39.67 -13.26 46.80
N ASP D 296 40.06 -12.30 47.64
CA ASP D 296 39.07 -11.49 48.37
C ASP D 296 38.25 -10.59 47.46
N LEU D 297 38.79 -10.27 46.29
CA LEU D 297 38.15 -9.27 45.44
C LEU D 297 37.50 -9.86 44.16
N GLN D 298 37.35 -11.18 44.11
CA GLN D 298 36.82 -11.81 42.90
C GLN D 298 35.30 -11.73 42.78
N ALA D 299 34.63 -11.40 43.90
CA ALA D 299 33.19 -11.10 43.91
C ALA D 299 32.32 -12.31 43.54
N LYS D 300 32.80 -13.51 43.83
CA LYS D 300 31.97 -14.70 43.83
C LYS D 300 30.79 -14.49 44.79
N LEU D 301 31.04 -13.75 45.85
CA LEU D 301 29.98 -13.37 46.79
C LEU D 301 29.99 -11.85 46.89
N SER D 302 28.81 -11.26 47.14
CA SER D 302 28.69 -9.81 47.20
C SER D 302 29.67 -9.25 48.23
N THR D 303 30.35 -8.18 47.83
CA THR D 303 31.48 -7.68 48.60
C THR D 303 31.48 -6.17 48.69
N ARG D 304 31.57 -5.68 49.92
CA ARG D 304 31.65 -4.26 50.17
C ARG D 304 33.09 -3.90 50.46
N VAL D 305 33.56 -2.81 49.86
CA VAL D 305 34.93 -2.32 50.05
C VAL D 305 34.87 -0.99 50.78
N ASP D 306 35.61 -0.85 51.87
CA ASP D 306 35.48 0.35 52.65
C ASP D 306 36.65 1.31 52.50
N GLY D 307 37.75 0.83 51.92
CA GLY D 307 38.93 1.66 51.73
C GLY D 307 38.61 2.85 50.84
N VAL D 308 39.32 3.95 51.04
CA VAL D 308 39.11 5.15 50.23
C VAL D 308 39.72 4.98 48.84
N ILE D 309 38.87 5.07 47.82
CA ILE D 309 39.30 5.02 46.43
C ILE D 309 39.23 6.44 45.84
N SER D 310 40.29 6.88 45.17
CA SER D 310 40.28 8.22 44.59
C SER D 310 40.34 8.15 43.07
N PHE D 311 39.84 9.18 42.40
CA PHE D 311 39.86 9.18 40.95
C PHE D 311 41.26 9.02 40.34
N ILE D 312 42.31 9.43 41.05
CA ILE D 312 43.66 9.24 40.52
C ILE D 312 44.05 7.77 40.41
N ASP D 313 43.33 6.89 41.11
CA ASP D 313 43.61 5.45 41.10
C ASP D 313 42.98 4.69 39.92
N PHE D 314 42.05 5.32 39.20
CA PHE D 314 41.28 4.59 38.17
C PHE D 314 42.14 4.19 36.98
N ALA D 315 42.88 5.14 36.41
CA ALA D 315 43.77 4.84 35.28
C ALA D 315 44.86 3.78 35.59
N PRO D 316 45.57 3.91 36.74
CA PRO D 316 46.51 2.85 37.12
C PRO D 316 45.89 1.45 37.22
N THR D 317 44.66 1.39 37.74
CA THR D 317 43.93 0.13 37.84
C THR D 317 43.72 -0.56 36.48
N LEU D 318 43.20 0.21 35.51
CA LEU D 318 43.01 -0.30 34.15
C LEU D 318 44.33 -0.71 33.51
N LEU D 319 45.39 0.04 33.79
CA LEU D 319 46.70 -0.33 33.26
C LEU D 319 47.15 -1.68 33.77
N GLU D 320 46.95 -1.94 35.07
CA GLU D 320 47.41 -3.19 35.64
C GLU D 320 46.59 -4.37 35.15
N LEU D 321 45.28 -4.19 35.05
CA LEU D 321 44.38 -5.24 34.60
C LEU D 321 44.60 -5.57 33.13
N ALA D 322 45.13 -4.60 32.37
CA ALA D 322 45.43 -4.84 30.97
C ALA D 322 46.82 -5.44 30.80
N GLY D 323 47.55 -5.58 31.91
CA GLY D 323 48.92 -6.09 31.87
C GLY D 323 49.94 -5.07 31.37
N LEU D 324 49.63 -3.78 31.52
CA LEU D 324 50.54 -2.69 31.14
C LEU D 324 51.16 -2.05 32.39
N PRO D 325 52.41 -1.55 32.28
CA PRO D 325 53.09 -0.92 33.43
C PRO D 325 52.53 0.46 33.74
N LYS D 326 52.75 0.92 34.97
CA LYS D 326 52.21 2.21 35.37
C LYS D 326 53.00 3.35 34.71
N SER D 327 52.33 4.47 34.46
CA SER D 327 53.03 5.68 34.05
C SER D 327 53.92 6.23 35.18
N LYS D 328 55.15 6.60 34.83
CA LYS D 328 56.10 7.13 35.80
C LYS D 328 55.66 8.48 36.39
N LEU D 329 54.64 9.10 35.82
CA LEU D 329 54.16 10.39 36.33
C LEU D 329 52.77 10.31 36.96
N GLN D 330 52.23 9.10 37.10
CA GLN D 330 50.93 8.97 37.73
C GLN D 330 51.02 9.09 39.24
N ASP D 331 49.94 9.59 39.83
CA ASP D 331 49.89 9.81 41.27
C ASP D 331 49.11 8.69 41.95
N GLY D 332 48.21 8.04 41.22
CA GLY D 332 47.34 7.04 41.80
C GLY D 332 47.92 5.63 41.90
N GLU D 333 47.15 4.74 42.51
CA GLU D 333 47.57 3.36 42.71
C GLU D 333 46.42 2.41 42.41
N SER D 334 46.72 1.32 41.72
CA SER D 334 45.67 0.36 41.33
C SER D 334 44.98 -0.25 42.54
N PHE D 335 43.67 -0.37 42.48
CA PHE D 335 42.94 -0.97 43.61
C PHE D 335 42.38 -2.34 43.23
N LEU D 336 42.78 -2.83 42.05
CA LEU D 336 42.51 -4.21 41.66
C LEU D 336 43.82 -4.83 41.23
N SER D 337 44.37 -5.68 42.09
CA SER D 337 45.67 -6.28 41.88
C SER D 337 45.62 -7.72 42.38
N LYS D 338 46.57 -8.55 41.94
CA LYS D 338 46.56 -9.96 42.32
C LYS D 338 46.97 -10.11 43.79
N ASN D 339 47.77 -9.17 44.29
CA ASN D 339 48.33 -9.28 45.63
C ASN D 339 47.68 -8.34 46.63
N LEU D 340 46.65 -7.63 46.21
CA LEU D 340 45.97 -6.69 47.09
C LEU D 340 44.76 -7.35 47.75
N SER D 341 44.88 -7.70 49.02
CA SER D 341 43.77 -8.32 49.73
C SER D 341 42.71 -7.27 50.08
N LEU D 342 41.53 -7.73 50.50
CA LEU D 342 40.49 -6.80 50.95
C LEU D 342 40.99 -5.98 52.15
N ASP D 343 41.66 -6.64 53.10
CA ASP D 343 42.18 -5.93 54.26
C ASP D 343 43.18 -4.86 53.87
N ASP D 344 44.09 -5.20 52.97
CA ASP D 344 44.98 -4.22 52.36
C ASP D 344 44.17 -3.02 51.82
N LEU D 345 43.23 -3.31 50.94
CA LEU D 345 42.45 -2.26 50.29
C LEU D 345 41.71 -1.39 51.32
N ASN D 346 41.21 -2.02 52.39
CA ASN D 346 40.45 -1.29 53.41
C ASN D 346 41.33 -0.38 54.27
N LYS D 347 42.64 -0.55 54.19
CA LYS D 347 43.53 0.34 54.94
C LYS D 347 43.69 1.70 54.27
N ARG D 348 43.43 1.78 52.97
CA ARG D 348 43.58 3.05 52.27
C ARG D 348 42.60 4.08 52.80
N ASN D 349 43.07 5.26 53.19
CA ASN D 349 42.19 6.20 53.89
C ASN D 349 42.56 7.66 53.63
N THR D 350 43.03 7.92 52.41
CA THR D 350 43.61 9.23 52.08
C THR D 350 43.00 9.79 50.81
N ASN D 351 42.61 11.05 50.86
CA ASN D 351 42.14 11.75 49.67
C ASN D 351 42.47 13.24 49.76
N PHE D 352 43.21 13.70 48.76
CA PHE D 352 43.49 15.12 48.59
C PHE D 352 42.55 15.69 47.54
N SER D 353 41.96 16.85 47.82
CA SER D 353 41.01 17.45 46.89
C SER D 353 41.34 18.90 46.62
N PHE D 354 40.85 19.38 45.50
CA PHE D 354 41.29 20.65 44.94
C PHE D 354 40.12 21.44 44.37
N ALA D 355 40.08 22.74 44.65
CA ALA D 355 39.12 23.66 44.05
C ALA D 355 39.79 24.99 43.70
N ASP D 356 39.49 25.51 42.51
CA ASP D 356 40.06 26.77 42.02
C ASP D 356 38.99 27.53 41.22
N ARG D 357 39.09 27.57 39.89
CA ARG D 357 38.04 28.30 39.14
C ARG D 357 36.91 27.39 38.65
N PHE D 358 35.69 27.89 38.76
CA PHE D 358 34.50 27.24 38.22
C PHE D 358 33.73 28.28 37.43
N ASP D 359 33.76 28.17 36.11
CA ASP D 359 33.23 29.19 35.21
C ASP D 359 33.86 30.56 35.55
N GLU D 360 33.04 31.54 35.91
CA GLU D 360 33.55 32.88 36.19
C GLU D 360 34.05 33.05 37.64
N LYS D 361 33.70 32.09 38.51
CA LYS D 361 33.98 32.21 39.94
C LYS D 361 35.29 31.53 40.37
N TYR D 362 36.09 32.27 41.14
CA TYR D 362 37.40 31.85 41.65
CA TYR D 362 37.33 31.74 41.64
C TYR D 362 37.38 31.67 43.17
N ASP D 363 38.07 30.67 43.68
CA ASP D 363 38.41 30.59 45.09
C ASP D 363 39.51 29.55 45.12
N MET D 364 40.28 29.50 46.19
CA MET D 364 41.32 28.49 46.28
C MET D 364 41.16 27.71 47.56
N VAL D 365 40.77 26.44 47.43
CA VAL D 365 40.49 25.59 48.59
C VAL D 365 41.14 24.23 48.40
N ARG D 366 41.71 23.70 49.47
CA ARG D 366 42.34 22.39 49.41
C ARG D 366 41.72 21.53 50.52
N GLY D 367 41.38 20.30 50.17
CA GLY D 367 40.90 19.34 51.16
C GLY D 367 41.88 18.21 51.38
N PHE D 368 41.93 17.74 52.62
CA PHE D 368 42.83 16.66 53.00
C PHE D 368 42.08 15.74 53.95
N ARG D 369 41.67 14.59 53.47
CA ARG D 369 41.01 13.66 54.38
C ARG D 369 42.04 12.60 54.74
N LYS D 370 42.09 12.18 56.00
CA LYS D 370 42.99 11.11 56.44
C LYS D 370 42.32 10.33 57.56
N GLY D 371 42.12 9.03 57.35
CA GLY D 371 41.39 8.21 58.31
C GLY D 371 40.03 8.83 58.59
N LYS D 372 39.69 9.02 59.85
CA LYS D 372 38.41 9.62 60.18
C LYS D 372 38.37 11.15 60.08
N TYR D 373 39.53 11.80 59.91
CA TYR D 373 39.54 13.27 59.93
C TYR D 373 39.52 13.94 58.56
N LYS D 374 38.86 15.10 58.49
CA LYS D 374 38.85 15.90 57.28
C LYS D 374 39.41 17.29 57.59
N TYR D 375 40.46 17.66 56.89
CA TYR D 375 41.08 18.98 57.03
C TYR D 375 40.77 19.82 55.79
N ILE D 376 40.32 21.05 56.01
CA ILE D 376 40.07 22.01 54.94
C ILE D 376 40.93 23.24 55.09
N ARG D 377 41.67 23.62 54.04
CA ARG D 377 42.46 24.85 54.09
C ARG D 377 41.82 25.87 53.16
N ASN D 378 41.33 26.98 53.72
CA ASN D 378 40.78 28.06 52.90
C ASN D 378 41.83 29.15 52.75
N TYR D 379 42.52 29.18 51.61
CA TYR D 379 43.62 30.12 51.42
C TYR D 379 43.12 31.55 51.29
N LEU D 380 41.90 31.72 50.78
CA LEU D 380 41.31 33.05 50.61
C LEU D 380 39.98 33.10 51.40
N PRO D 381 40.05 33.14 52.74
CA PRO D 381 38.88 32.92 53.59
C PRO D 381 37.84 34.03 53.49
N PHE D 382 38.23 35.18 52.95
CA PHE D 382 37.31 36.29 52.78
C PHE D 382 36.33 35.98 51.65
N ASN D 383 36.56 34.91 50.90
CA ASN D 383 35.59 34.46 49.91
C ASN D 383 34.60 33.47 50.50
N PRO D 384 33.35 33.89 50.71
CA PRO D 384 32.34 32.90 51.19
C PRO D 384 32.16 31.86 50.11
N ASP D 385 31.84 30.62 50.49
CA ASP D 385 31.54 29.61 49.49
C ASP D 385 30.35 30.04 48.64
N GLY D 386 29.49 30.86 49.24
CA GLY D 386 28.32 31.39 48.57
C GLY D 386 28.60 32.40 47.46
N LEU D 387 29.83 32.93 47.42
CA LEU D 387 30.27 33.89 46.41
C LEU D 387 29.68 33.57 45.03
N PHE D 388 29.03 34.57 44.42
CA PHE D 388 28.09 34.33 43.33
C PHE D 388 28.71 33.66 42.10
N SER D 389 27.96 32.68 41.62
CA SER D 389 28.27 31.94 40.41
C SER D 389 26.95 31.86 39.63
N SER D 390 26.98 32.18 38.35
CA SER D 390 25.74 32.27 37.57
C SER D 390 25.01 30.92 37.49
N TYR D 391 25.74 29.90 37.07
CA TYR D 391 25.15 28.58 36.84
C TYR D 391 24.62 27.95 38.13
N ARG D 392 25.36 28.12 39.24
CA ARG D 392 24.91 27.58 40.53
C ARG D 392 23.52 28.09 40.85
N TYR D 393 23.32 29.40 40.74
CA TYR D 393 22.11 30.02 41.28
C TYR D 393 20.88 29.90 40.35
N LYS D 394 21.05 29.20 39.23
CA LYS D 394 19.91 28.83 38.39
C LYS D 394 19.06 27.74 39.03
N GLN D 395 19.56 27.17 40.13
CA GLN D 395 18.81 26.20 40.89
C GLN D 395 18.02 26.97 41.94
N ALA D 396 16.70 26.87 41.90
CA ALA D 396 15.85 27.69 42.77
C ALA D 396 16.24 27.53 44.24
N ALA D 397 16.61 26.30 44.61
CA ALA D 397 16.99 26.01 45.98
C ALA D 397 18.19 26.84 46.42
N TYR D 398 19.15 27.04 45.52
CA TYR D 398 20.28 27.93 45.84
C TYR D 398 19.77 29.33 46.19
N ARG D 399 18.95 29.91 45.33
CA ARG D 399 18.43 31.26 45.57
C ARG D 399 17.64 31.34 46.86
N GLU D 400 16.85 30.31 47.17
CA GLU D 400 16.04 30.35 48.38
C GLU D 400 16.95 30.33 49.59
N TRP D 401 18.01 29.54 49.48
CA TRP D 401 19.01 29.41 50.53
C TRP D 401 19.65 30.77 50.83
N LYS D 402 19.98 31.50 49.76
CA LYS D 402 20.57 32.83 49.87
C LYS D 402 19.59 33.84 50.45
N HIS D 403 18.34 33.80 49.99
CA HIS D 403 17.32 34.69 50.51
C HIS D 403 17.13 34.48 52.03
N LEU D 404 17.01 33.21 52.44
CA LEU D 404 16.84 32.85 53.85
C LEU D 404 18.06 33.21 54.68
N PHE D 405 19.24 33.23 54.07
CA PHE D 405 20.41 33.75 54.78
C PHE D 405 20.24 35.24 55.04
N LYS D 406 19.96 36.00 53.99
CA LYS D 406 19.86 37.45 54.10
C LYS D 406 18.75 37.90 55.05
N ALA D 407 17.72 37.05 55.21
CA ALA D 407 16.60 37.38 56.10
C ALA D 407 16.86 36.90 57.54
N ASN D 408 18.04 36.33 57.78
CA ASN D 408 18.41 35.82 59.09
C ASN D 408 17.47 34.74 59.60
N LYS D 409 16.96 33.93 58.68
CA LYS D 409 16.10 32.81 59.01
C LYS D 409 16.88 31.49 58.96
N LEU D 410 18.21 31.55 59.08
CA LEU D 410 19.06 30.35 59.08
C LEU D 410 19.83 30.17 60.39
N ASN D 411 19.96 28.94 60.86
CA ASN D 411 20.85 28.68 61.99
C ASN D 411 22.32 28.74 61.53
N SER D 412 23.26 28.63 62.47
CA SER D 412 24.68 28.80 62.14
C SER D 412 25.20 27.73 61.16
N VAL D 413 24.79 26.48 61.33
CA VAL D 413 25.28 25.40 60.47
C VAL D 413 24.84 25.61 59.02
N GLN D 414 23.60 26.04 58.85
CA GLN D 414 23.01 26.32 57.54
C GLN D 414 23.54 27.60 56.89
N SER D 415 24.05 28.53 57.70
CA SER D 415 24.43 29.84 57.17
C SER D 415 25.93 29.98 56.86
N ALA D 416 26.75 29.09 57.42
CA ALA D 416 28.21 29.12 57.20
C ALA D 416 28.61 29.19 55.74
N PHE D 417 27.81 28.57 54.88
CA PHE D 417 28.04 28.59 53.45
C PHE D 417 28.18 30.01 52.87
N PHE D 418 27.50 30.97 53.50
CA PHE D 418 27.46 32.34 52.97
C PHE D 418 28.34 33.33 53.76
N LYS D 419 29.04 32.85 54.77
CA LYS D 419 29.85 33.74 55.61
C LYS D 419 31.36 33.59 55.37
N ARG D 420 32.11 34.49 56.00
CA ARG D 420 33.56 34.41 56.04
C ARG D 420 33.97 33.03 56.56
N LYS D 421 35.01 32.47 55.96
CA LYS D 421 35.41 31.11 56.29
C LYS D 421 36.57 31.14 57.28
N PRO D 422 36.67 30.11 58.14
CA PRO D 422 37.91 29.99 58.92
C PRO D 422 39.09 29.70 57.98
N LEU D 423 40.28 30.07 58.38
CA LEU D 423 41.48 29.76 57.59
C LEU D 423 41.67 28.25 57.48
N GLU D 424 41.24 27.54 58.51
CA GLU D 424 41.37 26.09 58.63
C GLU D 424 40.09 25.50 59.25
N ALA D 425 39.66 24.36 58.75
CA ALA D 425 38.53 23.63 59.33
C ALA D 425 38.96 22.18 59.51
N LEU D 426 38.49 21.56 60.60
CA LEU D 426 38.78 20.18 60.91
C LEU D 426 37.50 19.45 61.35
N TYR D 427 37.24 18.28 60.76
CA TYR D 427 36.04 17.53 61.08
C TYR D 427 36.37 16.06 61.37
N ASP D 428 35.56 15.47 62.25
CA ASP D 428 35.61 14.03 62.57
C ASP D 428 34.48 13.37 61.79
N LEU D 429 34.81 12.70 60.70
CA LEU D 429 33.78 12.23 59.77
C LEU D 429 32.97 11.08 60.35
N GLU D 430 33.55 10.36 61.31
CA GLU D 430 32.82 9.33 62.03
C GLU D 430 31.73 9.97 62.87
N GLN D 431 32.08 10.99 63.66
CA GLN D 431 31.08 11.66 64.52
C GLN D 431 30.22 12.71 63.80
N ASP D 432 30.72 13.23 62.68
CA ASP D 432 30.16 14.41 62.05
C ASP D 432 30.34 14.32 60.55
N PRO D 433 29.63 13.37 59.91
CA PRO D 433 29.89 13.08 58.50
C PRO D 433 29.58 14.25 57.58
N PHE D 434 28.69 15.14 58.01
CA PHE D 434 28.32 16.26 57.15
C PHE D 434 29.16 17.50 57.45
N GLU D 435 30.25 17.32 58.19
CA GLU D 435 31.21 18.39 58.45
C GLU D 435 30.55 19.68 58.96
N THR D 436 29.80 19.60 60.07
CA THR D 436 29.07 20.75 60.58
C THR D 436 29.72 21.44 61.78
N LYS D 437 30.59 20.73 62.51
CA LYS D 437 31.21 21.29 63.70
C LYS D 437 32.71 21.41 63.52
N ASN D 438 33.21 22.63 63.37
CA ASN D 438 34.63 22.81 63.19
C ASN D 438 35.37 22.60 64.51
N LEU D 439 36.34 21.68 64.50
CA LEU D 439 37.12 21.33 65.69
C LEU D 439 38.45 22.08 65.76
N ALA D 440 38.79 22.78 64.68
CA ALA D 440 40.13 23.37 64.54
C ALA D 440 40.46 24.42 65.61
N LEU D 441 39.45 24.98 66.26
CA LEU D 441 39.73 25.98 67.29
C LEU D 441 39.78 25.36 68.69
N LEU D 442 39.19 24.18 68.86
CA LEU D 442 39.18 23.50 70.15
C LEU D 442 40.58 23.04 70.56
N PRO D 443 41.01 23.39 71.78
CA PRO D 443 42.38 23.12 72.23
C PRO D 443 42.78 21.64 72.31
N GLN D 444 41.85 20.70 72.40
CA GLN D 444 42.27 19.29 72.42
C GLN D 444 42.53 18.75 71.01
N TYR D 445 42.21 19.54 70.00
CA TYR D 445 42.45 19.10 68.62
C TYR D 445 43.58 19.89 67.97
N THR D 446 44.25 20.73 68.75
CA THR D 446 45.40 21.50 68.28
C THR D 446 46.44 20.67 67.51
N GLU D 447 46.92 19.62 68.15
CA GLU D 447 47.96 18.76 67.56
C GLU D 447 47.50 18.08 66.26
N GLN D 448 46.24 17.65 66.20
CA GLN D 448 45.69 17.06 64.99
C GLN D 448 45.64 18.10 63.85
N VAL D 449 45.37 19.36 64.21
CA VAL D 449 45.32 20.42 63.22
C VAL D 449 46.72 20.67 62.67
N ILE D 450 47.67 20.79 63.59
CA ILE D 450 49.07 21.00 63.23
C ILE D 450 49.62 19.87 62.32
N LYS D 451 49.26 18.63 62.65
CA LYS D 451 49.72 17.48 61.88
C LYS D 451 49.10 17.48 60.48
N MET D 452 47.80 17.73 60.39
CA MET D 452 47.16 17.72 59.07
C MET D 452 47.60 18.91 58.24
N ARG D 453 47.81 20.04 58.92
CA ARG D 453 48.39 21.23 58.30
C ARG D 453 49.72 20.88 57.63
N ALA D 454 50.59 20.20 58.38
CA ALA D 454 51.90 19.79 57.87
C ALA D 454 51.78 18.78 56.71
N GLY D 455 50.88 17.81 56.83
CA GLY D 455 50.69 16.84 55.77
C GLY D 455 50.32 17.49 54.45
N LEU D 456 49.43 18.47 54.51
CA LEU D 456 48.98 19.16 53.30
C LEU D 456 50.06 20.03 52.70
N GLN D 457 50.79 20.75 53.55
CA GLN D 457 51.88 21.59 53.08
C GLN D 457 52.90 20.75 52.34
N LYS D 458 53.28 19.62 52.92
CA LYS D 458 54.23 18.71 52.29
C LYS D 458 53.71 18.22 50.92
N LYS D 459 52.43 17.84 50.88
CA LYS D 459 51.83 17.36 49.63
C LYS D 459 51.88 18.42 48.54
N LEU D 460 51.33 19.60 48.84
CA LEU D 460 51.26 20.67 47.86
C LEU D 460 52.64 21.17 47.44
N GLN D 461 53.60 21.15 48.36
CA GLN D 461 54.95 21.58 48.02
C GLN D 461 55.64 20.57 47.13
N SER D 462 55.39 19.30 47.38
CA SER D 462 56.11 18.23 46.71
C SER D 462 55.47 17.86 45.35
N MET D 463 54.17 18.11 45.20
CA MET D 463 53.50 17.77 43.95
C MET D 463 54.26 18.33 42.72
N PRO D 464 54.54 19.65 42.66
CA PRO D 464 54.08 20.82 43.42
C PRO D 464 52.77 21.31 42.84
N ASP D 465 52.01 22.03 43.66
CA ASP D 465 50.69 22.53 43.30
C ASP D 465 50.83 23.81 42.52
N LEU D 466 50.66 23.74 41.19
CA LEU D 466 50.99 24.91 40.36
C LEU D 466 49.97 26.02 40.52
N ALA D 467 48.84 25.72 41.15
CA ALA D 467 47.76 26.71 41.27
C ALA D 467 48.08 27.87 42.21
N PHE D 468 49.21 27.78 42.93
CA PHE D 468 49.59 28.94 43.73
C PHE D 468 50.08 30.08 42.82
N TYR D 469 50.32 29.77 41.54
CA TYR D 469 50.42 30.79 40.51
C TYR D 469 49.03 31.12 40.02
N PRO D 470 48.65 32.41 40.02
CA PRO D 470 47.36 32.75 39.39
C PRO D 470 47.29 32.25 37.94
N GLU D 471 46.12 31.76 37.56
CA GLU D 471 45.89 31.20 36.23
C GLU D 471 46.31 32.18 35.15
N SER D 472 45.98 33.46 35.38
CA SER D 472 46.26 34.56 34.46
C SER D 472 47.75 34.68 34.14
N TYR D 473 48.58 34.04 34.95
CA TYR D 473 50.02 33.98 34.68
C TYR D 473 50.47 32.56 34.28
N LEU D 474 49.93 31.56 34.96
CA LEU D 474 50.41 30.20 34.85
C LEU D 474 50.18 29.56 33.49
N VAL D 475 48.95 29.64 32.98
CA VAL D 475 48.57 28.68 31.96
C VAL D 475 49.19 29.04 30.63
N ASP D 476 49.45 30.31 30.40
CA ASP D 476 50.01 30.73 29.13
C ASP D 476 51.46 30.28 28.97
N ILE D 477 52.12 30.07 30.10
CA ILE D 477 53.52 29.61 30.11
C ILE D 477 53.62 28.10 30.27
N ALA D 478 52.76 27.52 31.11
CA ALA D 478 52.87 26.09 31.41
C ALA D 478 52.26 25.21 30.34
N LYS D 479 51.47 25.79 29.43
CA LYS D 479 50.76 24.99 28.43
C LYS D 479 51.69 24.22 27.49
N ASP D 480 52.92 24.69 27.26
CA ASP D 480 53.84 23.97 26.38
C ASP D 480 54.22 22.63 27.02
N ASP D 481 54.62 22.66 28.30
CA ASP D 481 54.90 21.46 29.07
C ASP D 481 54.91 21.82 30.57
N PRO D 482 53.85 21.43 31.29
CA PRO D 482 53.66 21.73 32.72
C PRO D 482 54.79 21.16 33.61
N ILE D 483 55.37 20.05 33.20
CA ILE D 483 56.44 19.40 33.93
C ILE D 483 57.70 20.28 33.90
N ILE D 484 57.93 20.94 32.77
CA ILE D 484 59.03 21.93 32.66
C ILE D 484 58.82 23.12 33.61
N PHE D 485 57.63 23.71 33.57
CA PHE D 485 57.28 24.80 34.49
C PHE D 485 57.43 24.34 35.93
N SER D 486 56.94 23.15 36.21
CA SER D 486 56.98 22.60 37.55
C SER D 486 58.40 22.45 38.05
N LEU D 487 59.27 21.92 37.20
CA LEU D 487 60.69 21.80 37.52
C LEU D 487 61.31 23.15 37.86
N LYS D 488 61.03 24.13 37.01
CA LYS D 488 61.64 25.44 37.09
C LYS D 488 61.18 26.20 38.36
N HIS D 489 59.93 25.98 38.76
CA HIS D 489 59.33 26.87 39.74
C HIS D 489 58.94 26.25 41.08
N LYS D 490 59.49 25.08 41.40
CA LYS D 490 59.07 24.34 42.57
C LYS D 490 59.30 25.10 43.88
N ASN D 491 60.45 25.75 43.96
CA ASN D 491 60.81 26.51 45.15
C ASN D 491 59.94 27.74 45.31
N ASP D 492 59.63 28.41 44.20
CA ASP D 492 58.73 29.56 44.23
C ASP D 492 57.41 29.15 44.88
N ILE D 493 56.88 28.00 44.45
CA ILE D 493 55.64 27.49 45.03
C ILE D 493 55.80 27.17 46.51
N ALA D 494 56.91 26.56 46.90
CA ALA D 494 57.18 26.37 48.34
C ALA D 494 57.15 27.73 49.07
N ARG D 495 57.75 28.74 48.44
CA ARG D 495 57.75 30.10 49.01
C ARG D 495 56.35 30.71 49.09
N PHE D 496 55.53 30.51 48.05
CA PHE D 496 54.18 31.10 48.04
C PHE D 496 53.35 30.52 49.19
N ILE D 497 53.49 29.22 49.37
CA ILE D 497 52.80 28.48 50.41
C ILE D 497 53.22 28.94 51.80
N ASN D 498 54.53 29.07 52.01
CA ASN D 498 55.01 29.53 53.30
CA ASN D 498 55.03 29.56 53.30
C ASN D 498 54.49 30.95 53.59
N ILE D 499 54.47 31.80 52.57
CA ILE D 499 53.96 33.15 52.73
C ILE D 499 52.48 33.18 53.18
N ILE D 500 51.57 32.53 52.43
CA ILE D 500 50.15 32.60 52.81
C ILE D 500 49.92 31.92 54.17
N ASP D 501 50.74 30.93 54.49
CA ASP D 501 50.56 30.23 55.75
C ASP D 501 51.08 31.02 56.93
N MET D 502 51.70 32.17 56.68
CA MET D 502 52.01 33.08 57.78
C MET D 502 50.74 33.55 58.50
N SER D 503 49.61 33.54 57.78
CA SER D 503 48.34 33.99 58.35
C SER D 503 47.74 32.97 59.36
N LEU D 504 48.38 31.82 59.49
CA LEU D 504 48.04 30.83 60.52
C LEU D 504 48.82 31.10 61.80
N GLN D 505 49.70 32.10 61.79
CA GLN D 505 50.52 32.41 62.97
C GLN D 505 50.02 33.66 63.67
N PRO D 506 50.35 33.83 64.96
CA PRO D 506 49.94 35.10 65.57
C PRO D 506 50.60 36.26 64.83
N PHE D 507 49.89 37.35 64.64
CA PHE D 507 50.36 38.42 63.78
C PHE D 507 51.70 39.02 64.24
N GLU D 508 51.90 39.17 65.54
CA GLU D 508 53.11 39.83 66.05
C GLU D 508 54.35 39.00 65.75
N GLN D 509 54.19 37.69 65.71
CA GLN D 509 55.32 36.81 65.42
C GLN D 509 55.75 36.83 63.95
N VAL D 510 54.82 37.12 63.04
CA VAL D 510 55.18 37.08 61.63
C VAL D 510 55.21 38.44 60.95
N LYS D 511 54.78 39.48 61.65
CA LYS D 511 54.54 40.76 60.99
C LYS D 511 55.82 41.32 60.39
N ASN D 512 56.96 41.04 61.02
CA ASN D 512 58.23 41.45 60.44
C ASN D 512 58.53 40.69 59.14
N LYS D 513 58.38 39.37 59.17
CA LYS D 513 58.60 38.59 57.96
C LYS D 513 57.61 38.99 56.85
N LEU D 514 56.35 39.20 57.24
CA LEU D 514 55.29 39.51 56.28
C LEU D 514 55.50 40.88 55.61
N LYS D 515 55.94 41.87 56.38
CA LYS D 515 56.19 43.20 55.83
C LYS D 515 57.28 43.17 54.75
N ALA D 516 58.32 42.36 54.99
CA ALA D 516 59.38 42.22 54.01
C ALA D 516 58.82 41.66 52.70
N VAL D 517 57.95 40.65 52.79
CA VAL D 517 57.35 40.08 51.59
C VAL D 517 56.52 41.13 50.85
N LEU D 518 55.81 41.97 51.59
CA LEU D 518 55.03 43.04 50.96
C LEU D 518 55.93 43.99 50.16
N LEU D 519 57.19 44.11 50.56
CA LEU D 519 58.14 44.92 49.81
C LEU D 519 59.00 44.11 48.82
N SER D 520 58.74 42.82 48.69
CA SER D 520 59.46 41.97 47.71
C SER D 520 59.40 42.53 46.29
N ASN D 521 60.42 42.22 45.50
CA ASN D 521 60.44 42.59 44.09
C ASN D 521 59.62 41.64 43.23
N GLU D 522 59.38 40.44 43.75
CA GLU D 522 58.60 39.45 43.02
C GLU D 522 57.12 39.73 43.20
N GLN D 523 56.46 40.07 42.10
CA GLN D 523 55.06 40.49 42.12
C GLN D 523 54.13 39.46 42.78
N TRP D 524 54.40 38.18 42.56
CA TRP D 524 53.53 37.11 43.08
C TRP D 524 53.80 36.79 44.55
N GLU D 525 54.94 37.24 45.05
CA GLU D 525 55.19 37.20 46.48
C GLU D 525 54.37 38.29 47.15
N ARG D 526 54.33 39.47 46.54
CA ARG D 526 53.51 40.56 47.06
C ARG D 526 52.04 40.20 47.06
N TYR D 527 51.57 39.60 45.97
CA TYR D 527 50.24 39.01 45.88
C TYR D 527 49.91 38.14 47.09
N TRP D 528 50.73 37.12 47.35
CA TRP D 528 50.43 36.20 48.45
C TRP D 528 50.62 36.86 49.82
N ALA D 529 51.49 37.86 49.90
CA ALA D 529 51.60 38.62 51.14
C ALA D 529 50.31 39.41 51.40
N MET D 530 49.72 39.95 50.34
CA MET D 530 48.44 40.67 50.46
C MET D 530 47.29 39.73 50.81
N ASN D 531 47.32 38.50 50.32
CA ASN D 531 46.24 37.56 50.65
C ASN D 531 46.33 37.20 52.15
N ALA D 532 47.54 37.07 52.66
CA ALA D 532 47.76 36.84 54.09
C ALA D 532 47.23 38.02 54.92
N VAL D 533 47.56 39.23 54.45
CA VAL D 533 47.09 40.45 55.10
C VAL D 533 45.55 40.48 55.11
N LEU D 534 44.94 40.10 53.98
CA LEU D 534 43.48 40.00 53.92
C LEU D 534 42.95 38.99 54.93
N ALA D 535 43.63 37.86 55.05
CA ALA D 535 43.29 36.83 56.03
C ALA D 535 43.41 37.35 57.47
N PHE D 536 44.42 38.17 57.74
CA PHE D 536 44.60 38.78 59.06
C PHE D 536 43.53 39.83 59.37
N GLY D 537 42.93 40.39 58.33
CA GLY D 537 41.94 41.46 58.50
C GLY D 537 42.46 42.64 59.29
N ASP D 538 41.63 43.17 60.19
CA ASP D 538 42.02 44.34 60.99
C ASP D 538 43.26 44.07 61.86
N LYS D 539 43.53 42.80 62.19
CA LYS D 539 44.77 42.46 62.93
C LYS D 539 46.03 42.91 62.19
N ALA D 540 45.92 43.25 60.90
CA ALA D 540 47.05 43.74 60.12
C ALA D 540 46.99 45.25 59.86
N ASN D 541 46.17 45.97 60.63
CA ASN D 541 45.94 47.41 60.42
C ASN D 541 47.21 48.27 60.38
N GLU D 542 48.19 47.88 61.18
CA GLU D 542 49.52 48.49 61.21
C GLU D 542 50.16 48.64 59.80
N PHE D 543 49.79 47.77 58.87
CA PHE D 543 50.38 47.80 57.53
C PHE D 543 49.68 48.77 56.59
N LEU D 544 48.72 49.54 57.11
CA LEU D 544 47.90 50.42 56.29
C LEU D 544 48.68 51.35 55.31
N PRO D 545 49.82 51.93 55.72
CA PRO D 545 50.54 52.78 54.74
C PRO D 545 51.15 51.99 53.57
N ILE D 546 51.66 50.80 53.87
CA ILE D 546 52.19 49.89 52.86
C ILE D 546 51.09 49.38 51.91
N ILE D 547 49.95 49.03 52.48
CA ILE D 547 48.79 48.60 51.71
C ILE D 547 48.31 49.70 50.78
N GLU D 548 48.26 50.94 51.28
CA GLU D 548 47.89 52.08 50.45
C GLU D 548 48.87 52.26 49.29
N LYS D 549 50.16 52.18 49.58
CA LYS D 549 51.17 52.31 48.53
C LYS D 549 50.99 51.22 47.46
N ILE D 550 50.54 50.04 47.87
CA ILE D 550 50.30 48.95 46.92
C ILE D 550 49.08 49.27 46.06
N ARG D 551 48.02 49.76 46.72
CA ARG D 551 46.83 50.21 46.01
C ARG D 551 47.16 51.21 44.91
N GLN D 552 47.99 52.19 45.24
CA GLN D 552 48.27 53.32 44.38
C GLN D 552 49.26 53.07 43.23
N SER D 553 50.22 52.17 43.43
CA SER D 553 51.42 52.16 42.57
C SER D 553 52.01 50.80 42.19
N ASP D 554 51.48 49.70 42.72
CA ASP D 554 51.96 48.37 42.32
C ASP D 554 51.82 48.16 40.81
N ILE D 555 52.86 47.61 40.18
CA ILE D 555 52.86 47.38 38.74
C ILE D 555 51.79 46.36 38.34
N ASN D 556 51.48 45.45 39.26
CA ASN D 556 50.57 44.32 39.04
C ASN D 556 49.14 44.68 39.40
N LEU D 557 48.22 44.57 38.46
CA LEU D 557 46.85 45.05 38.65
C LEU D 557 46.06 44.26 39.69
N ILE D 558 46.37 42.97 39.80
CA ILE D 558 45.69 42.14 40.79
C ILE D 558 46.12 42.56 42.20
N ASN D 559 47.40 42.89 42.37
CA ASN D 559 47.93 43.38 43.64
C ASN D 559 47.24 44.66 44.12
N ARG D 560 47.05 45.59 43.19
CA ARG D 560 46.35 46.82 43.52
C ARG D 560 44.97 46.46 44.00
N SER D 561 44.31 45.57 43.26
CA SER D 561 42.95 45.18 43.56
C SER D 561 42.82 44.54 44.94
N ARG D 562 43.80 43.75 45.33
CA ARG D 562 43.78 43.15 46.67
C ARG D 562 43.88 44.23 47.75
N ALA D 563 44.67 45.26 47.46
CA ALA D 563 44.85 46.36 48.39
C ALA D 563 43.55 47.14 48.53
N ILE D 564 42.95 47.51 47.40
CA ILE D 564 41.63 48.12 47.39
C ILE D 564 40.64 47.22 48.11
N GLN D 565 40.76 45.92 47.87
CA GLN D 565 39.90 44.96 48.54
C GLN D 565 40.04 45.04 50.06
N TYR D 566 41.28 45.01 50.55
CA TYR D 566 41.50 45.12 51.99
C TYR D 566 40.88 46.38 52.60
N LEU D 567 40.99 47.48 51.87
CA LEU D 567 40.62 48.78 52.42
C LEU D 567 39.12 48.98 52.36
N ALA D 568 38.47 48.30 51.42
CA ALA D 568 37.03 48.38 51.31
C ALA D 568 36.38 47.52 52.41
N LEU D 569 36.97 46.35 52.67
CA LEU D 569 36.39 45.44 53.64
C LEU D 569 36.64 45.90 55.08
N ASN D 570 37.79 46.50 55.34
CA ASN D 570 38.18 46.77 56.72
C ASN D 570 38.21 48.25 57.07
N ASN D 571 38.35 49.10 56.06
CA ASN D 571 38.48 50.53 56.29
C ASN D 571 37.47 51.40 55.53
N GLY D 572 36.40 50.77 55.07
CA GLY D 572 35.25 51.48 54.50
C GLY D 572 35.55 52.36 53.29
N VAL D 573 36.67 52.10 52.64
CA VAL D 573 36.99 52.74 51.38
C VAL D 573 36.05 52.28 50.28
N SER D 574 35.54 53.21 49.50
CA SER D 574 34.73 52.89 48.34
C SER D 574 35.57 52.42 47.16
N PRO D 575 35.43 51.13 46.77
CA PRO D 575 36.27 50.53 45.73
C PRO D 575 35.77 50.72 44.29
N GLN D 576 34.54 51.19 44.08
CA GLN D 576 33.91 51.04 42.78
C GLN D 576 34.69 51.65 41.63
N LEU D 577 35.14 52.90 41.78
CA LEU D 577 35.74 53.61 40.67
C LEU D 577 37.05 52.98 40.24
N GLU D 578 37.86 52.59 41.23
CA GLU D 578 39.18 52.04 40.97
C GLU D 578 39.12 50.67 40.32
N LEU D 579 38.27 49.79 40.85
CA LEU D 579 38.12 48.45 40.28
C LEU D 579 37.52 48.49 38.86
N GLU D 580 36.57 49.40 38.65
CA GLU D 580 35.97 49.58 37.33
C GLU D 580 37.02 50.01 36.31
N ASP D 581 37.92 50.90 36.71
CA ASP D 581 38.97 51.32 35.80
C ASP D 581 39.99 50.20 35.59
N LEU D 582 40.28 49.47 36.66
CA LEU D 582 41.25 48.38 36.60
C LEU D 582 40.81 47.29 35.62
N VAL D 583 39.52 46.93 35.64
CA VAL D 583 38.99 45.93 34.71
C VAL D 583 39.15 46.43 33.26
N LYS D 584 38.82 47.70 33.05
CA LYS D 584 38.96 48.31 31.72
C LYS D 584 40.44 48.32 31.26
N GLN D 585 41.35 48.53 32.20
CA GLN D 585 42.77 48.59 31.89
C GLN D 585 43.45 47.24 31.67
N ALA D 586 42.87 46.17 32.20
CA ALA D 586 43.52 44.86 32.21
C ALA D 586 43.88 44.42 30.79
N LYS D 587 45.08 43.88 30.62
CA LYS D 587 45.59 43.59 29.27
C LYS D 587 45.15 42.23 28.72
N ASP D 588 44.73 41.33 29.59
CA ASP D 588 44.32 40.00 29.15
C ASP D 588 43.06 39.57 29.90
N PRO D 589 42.29 38.63 29.33
CA PRO D 589 40.96 38.34 29.89
C PRO D 589 40.99 37.74 31.31
N LEU D 590 41.93 36.84 31.56
CA LEU D 590 42.03 36.19 32.86
C LEU D 590 42.36 37.18 33.99
N THR D 591 43.11 38.22 33.65
CA THR D 591 43.41 39.24 34.65
C THR D 591 42.15 40.02 34.96
N ALA D 592 41.42 40.39 33.91
CA ALA D 592 40.12 41.01 34.07
C ALA D 592 39.18 40.14 34.91
N LEU D 593 39.16 38.84 34.62
CA LEU D 593 38.27 37.93 35.33
C LEU D 593 38.60 37.90 36.82
N ALA D 594 39.88 37.82 37.14
CA ALA D 594 40.32 37.77 38.52
C ALA D 594 39.88 39.01 39.29
N ILE D 595 39.98 40.18 38.63
CA ILE D 595 39.56 41.44 39.23
C ILE D 595 38.04 41.51 39.40
N LEU D 596 37.31 41.00 38.42
CA LEU D 596 35.86 40.92 38.52
C LEU D 596 35.44 39.99 39.66
N ASN D 597 36.21 38.94 39.91
CA ASN D 597 35.89 38.06 41.02
C ASN D 597 36.03 38.82 42.36
N ILE D 598 37.07 39.64 42.47
CA ILE D 598 37.24 40.48 43.65
C ILE D 598 36.08 41.47 43.79
N ALA D 599 35.70 42.10 42.69
CA ALA D 599 34.53 42.97 42.64
C ALA D 599 33.27 42.25 43.14
N THR D 600 33.07 41.00 42.69
CA THR D 600 31.96 40.18 43.17
C THR D 600 31.97 40.01 44.70
N GLN D 601 33.13 39.67 45.25
CA GLN D 601 33.22 39.44 46.69
C GLN D 601 32.84 40.72 47.44
N LEU D 602 33.27 41.86 46.92
CA LEU D 602 32.96 43.14 47.52
C LEU D 602 31.47 43.46 47.35
N HIS D 603 30.92 43.08 46.20
CA HIS D 603 29.49 43.24 45.94
C HIS D 603 28.65 42.49 46.98
N ASP D 604 29.01 41.24 47.24
CA ASP D 604 28.24 40.38 48.15
C ASP D 604 28.41 40.75 49.63
N THR D 605 29.58 41.25 50.00
CA THR D 605 29.87 41.58 51.40
C THR D 605 29.50 43.01 51.80
N LEU D 606 29.67 43.95 50.87
CA LEU D 606 29.43 45.34 51.19
C LEU D 606 28.14 45.85 50.58
N GLY D 607 27.57 45.06 49.68
CA GLY D 607 26.31 45.41 49.05
C GLY D 607 26.44 46.63 48.19
N ILE D 608 27.40 46.60 47.27
CA ILE D 608 27.65 47.73 46.39
C ILE D 608 27.66 47.26 44.96
N ALA D 609 27.31 48.13 44.03
CA ALA D 609 27.27 47.74 42.64
C ALA D 609 28.49 48.24 41.85
N PHE D 610 28.72 47.64 40.69
CA PHE D 610 29.81 48.00 39.79
C PHE D 610 29.29 48.06 38.36
N ASN D 611 29.54 49.19 37.70
CA ASN D 611 29.23 49.32 36.28
C ASN D 611 30.46 48.98 35.45
N ILE D 612 30.51 47.76 34.94
CA ILE D 612 31.69 47.28 34.22
C ILE D 612 31.63 47.53 32.72
N GLU D 613 32.77 47.95 32.15
CA GLU D 613 32.94 47.97 30.70
C GLU D 613 34.26 47.27 30.31
N LEU D 614 34.30 46.72 29.10
CA LEU D 614 35.52 46.12 28.57
C LEU D 614 36.24 47.11 27.65
N SER D 631 36.68 29.72 18.45
CA SER D 631 35.28 30.02 18.20
C SER D 631 34.42 29.61 19.40
N PHE D 632 34.40 28.31 19.68
CA PHE D 632 33.69 27.79 20.86
C PHE D 632 34.38 28.25 22.14
N HIS D 633 35.66 28.57 22.04
CA HIS D 633 36.43 29.08 23.17
C HIS D 633 36.08 30.53 23.49
N LYS D 634 36.00 31.37 22.47
CA LYS D 634 35.70 32.79 22.67
C LYS D 634 34.30 32.98 23.21
N ARG D 635 33.42 32.05 22.86
CA ARG D 635 32.04 32.05 23.32
C ARG D 635 31.98 31.79 24.82
N THR D 636 32.63 30.71 25.24
CA THR D 636 32.77 30.35 26.64
C THR D 636 33.31 31.51 27.49
N VAL D 637 34.38 32.16 27.01
CA VAL D 637 35.02 33.25 27.74
C VAL D 637 34.15 34.50 27.80
N ASP D 638 33.46 34.78 26.69
CA ASP D 638 32.52 35.90 26.64
C ASP D 638 31.40 35.65 27.67
N GLY D 639 31.06 34.39 27.87
CA GLY D 639 30.03 34.00 28.81
C GLY D 639 30.36 34.41 30.23
N TRP D 640 31.58 34.12 30.66
CA TRP D 640 32.10 34.50 31.97
C TRP D 640 31.91 35.99 32.22
N PHE D 641 32.37 36.81 31.27
CA PHE D 641 32.33 38.26 31.39
C PHE D 641 30.90 38.81 31.45
N LYS D 642 30.04 38.33 30.57
CA LYS D 642 28.64 38.72 30.59
C LYS D 642 28.00 38.35 31.94
N ALA D 643 28.26 37.12 32.40
CA ALA D 643 27.75 36.65 33.69
C ALA D 643 28.12 37.59 34.84
N ARG D 644 29.36 38.08 34.82
CA ARG D 644 29.85 38.98 35.84
C ARG D 644 29.26 40.40 35.72
N MET D 645 29.24 40.96 34.50
CA MET D 645 28.73 42.33 34.30
C MET D 645 27.27 42.43 34.71
N ASP D 646 26.48 41.47 34.23
CA ASP D 646 25.05 41.43 34.52
C ASP D 646 24.79 41.36 36.01
N TYR D 647 25.65 40.66 36.73
CA TYR D 647 25.43 40.47 38.15
C TYR D 647 25.87 41.68 38.96
N LEU D 648 27.04 42.23 38.61
CA LEU D 648 27.64 43.31 39.39
C LEU D 648 26.87 44.63 39.29
N LYS D 649 26.11 44.81 38.21
CA LYS D 649 25.36 46.04 37.94
C LYS D 649 24.32 46.40 39.02
N ASN D 650 23.80 45.39 39.70
CA ASN D 650 22.72 45.58 40.67
C ASN D 650 23.04 45.04 42.06
N ILE D 651 22.58 45.74 43.10
CA ILE D 651 22.63 45.17 44.44
C ILE D 651 21.56 44.10 44.59
CA CA E . -29.84 -23.14 -36.32
C1 EDO F . -44.98 2.49 -53.91
O1 EDO F . -46.30 2.59 -53.33
C2 EDO F . -44.94 1.54 -55.11
O2 EDO F . -46.14 1.61 -55.92
CL CL G . -46.15 -18.88 -62.13
CA CA H . -11.68 -28.42 -2.47
CL CL I . 14.26 -47.17 12.26
CL CL J . 11.67 -44.31 20.19
CA CA K . 13.56 35.64 3.04
CA CA L . 29.57 16.35 35.60
#